data_2EDY
#
_entry.id   2EDY
#
_entity_poly.entity_id   1
_entity_poly.type   'polypeptide(L)'
_entity_poly.pdbx_seq_one_letter_code
;GSSGSSGPSGFPQNLHVTGLTTSTTELAWDPPVLAERNGRIISYTVVFRDINSQQELQNITTDTRFTLTGLKPDTTYDIK
VRAWTSKGSGPLSPSIQSRTMPV
;
_entity_poly.pdbx_strand_id   A
#
# COMPACT_ATOMS: atom_id res chain seq x y z
N GLY A 1 -21.92 -9.29 -2.54
CA GLY A 1 -22.73 -9.11 -3.73
C GLY A 1 -22.21 -8.00 -4.62
N SER A 2 -22.65 -7.99 -5.88
CA SER A 2 -22.23 -6.98 -6.83
C SER A 2 -22.70 -5.60 -6.40
N SER A 3 -24.00 -5.47 -6.17
CA SER A 3 -24.59 -4.19 -5.76
C SER A 3 -23.97 -3.72 -4.45
N GLY A 4 -24.08 -4.54 -3.41
CA GLY A 4 -23.52 -4.18 -2.11
C GLY A 4 -22.11 -3.65 -2.22
N SER A 5 -21.24 -4.41 -2.87
CA SER A 5 -19.84 -4.01 -3.05
C SER A 5 -19.18 -4.81 -4.16
N SER A 6 -18.58 -4.09 -5.11
CA SER A 6 -17.92 -4.74 -6.24
C SER A 6 -16.40 -4.61 -6.12
N GLY A 7 -15.92 -3.36 -6.07
CA GLY A 7 -14.49 -3.13 -5.95
C GLY A 7 -13.72 -3.71 -7.12
N PRO A 8 -12.47 -3.23 -7.30
CA PRO A 8 -11.59 -3.70 -8.37
C PRO A 8 -11.12 -5.13 -8.16
N SER A 9 -10.60 -5.75 -9.22
CA SER A 9 -10.11 -7.12 -9.14
C SER A 9 -8.62 -7.18 -9.46
N GLY A 10 -8.00 -6.01 -9.59
CA GLY A 10 -6.58 -5.96 -9.89
C GLY A 10 -5.83 -5.02 -8.96
N PHE A 11 -4.53 -5.26 -8.80
CA PHE A 11 -3.71 -4.43 -7.93
C PHE A 11 -2.67 -3.64 -8.75
N PRO A 12 -2.21 -2.52 -8.20
CA PRO A 12 -1.22 -1.66 -8.85
C PRO A 12 0.16 -2.30 -8.90
N GLN A 13 1.08 -1.68 -9.62
CA GLN A 13 2.43 -2.20 -9.75
C GLN A 13 3.46 -1.10 -9.47
N ASN A 14 4.74 -1.46 -9.58
CA ASN A 14 5.82 -0.50 -9.33
C ASN A 14 5.81 -0.04 -7.88
N LEU A 15 5.32 -0.89 -6.99
CA LEU A 15 5.25 -0.57 -5.57
C LEU A 15 6.62 -0.69 -4.92
N HIS A 16 7.15 0.43 -4.44
CA HIS A 16 8.46 0.46 -3.79
C HIS A 16 8.69 1.79 -3.07
N VAL A 17 9.83 1.90 -2.41
CA VAL A 17 10.17 3.12 -1.68
C VAL A 17 11.20 3.94 -2.44
N THR A 18 10.90 5.22 -2.64
CA THR A 18 11.80 6.13 -3.35
C THR A 18 12.79 6.78 -2.40
N GLY A 19 12.49 6.71 -1.10
CA GLY A 19 13.37 7.31 -0.11
C GLY A 19 12.90 7.03 1.30
N LEU A 20 13.18 5.82 1.79
CA LEU A 20 12.79 5.44 3.15
C LEU A 20 13.53 6.25 4.19
N THR A 21 13.17 6.07 5.45
CA THR A 21 13.81 6.79 6.54
C THR A 21 13.86 5.94 7.81
N THR A 22 14.80 6.25 8.69
CA THR A 22 14.95 5.51 9.94
C THR A 22 13.61 5.35 10.64
N SER A 23 12.83 6.43 10.69
CA SER A 23 11.53 6.39 11.33
C SER A 23 10.41 6.33 10.30
N THR A 24 10.50 7.17 9.28
CA THR A 24 9.49 7.21 8.23
C THR A 24 9.91 6.36 7.03
N THR A 25 9.01 6.19 6.08
CA THR A 25 9.29 5.39 4.89
C THR A 25 8.47 5.88 3.70
N GLU A 26 9.16 6.43 2.70
CA GLU A 26 8.48 6.94 1.50
C GLU A 26 8.02 5.78 0.62
N LEU A 27 7.12 6.09 -0.30
CA LEU A 27 6.58 5.08 -1.22
C LEU A 27 6.26 5.69 -2.57
N ALA A 28 6.14 4.84 -3.59
CA ALA A 28 5.83 5.29 -4.94
C ALA A 28 5.44 4.12 -5.84
N TRP A 29 4.16 4.04 -6.17
CA TRP A 29 3.64 2.97 -7.02
C TRP A 29 2.90 3.54 -8.21
N ASP A 30 2.35 2.65 -9.04
CA ASP A 30 1.60 3.07 -10.22
C ASP A 30 0.21 2.46 -10.23
N PRO A 31 -0.69 3.04 -11.04
CA PRO A 31 -2.07 2.57 -11.15
C PRO A 31 -2.17 1.22 -11.86
N PRO A 32 -3.32 0.56 -11.72
CA PRO A 32 -3.57 -0.75 -12.34
C PRO A 32 -3.71 -0.64 -13.86
N VAL A 33 -3.16 -1.64 -14.56
CA VAL A 33 -3.22 -1.66 -16.01
C VAL A 33 -4.66 -1.57 -16.50
N LEU A 34 -4.88 -0.83 -17.58
CA LEU A 34 -6.20 -0.66 -18.15
C LEU A 34 -6.91 -2.01 -18.30
N ALA A 35 -6.12 -3.08 -18.43
CA ALA A 35 -6.67 -4.42 -18.57
C ALA A 35 -7.35 -4.87 -17.29
N GLU A 36 -6.67 -4.72 -16.17
CA GLU A 36 -7.21 -5.11 -14.87
C GLU A 36 -7.84 -3.91 -14.16
N ARG A 37 -9.04 -3.53 -14.60
CA ARG A 37 -9.74 -2.40 -14.00
C ARG A 37 -11.25 -2.57 -14.15
N ASN A 38 -11.92 -2.85 -13.03
CA ASN A 38 -13.36 -3.03 -13.02
C ASN A 38 -14.09 -1.71 -12.81
N GLY A 39 -13.57 -0.65 -13.43
CA GLY A 39 -14.18 0.66 -13.29
C GLY A 39 -13.14 1.78 -13.26
N ARG A 40 -13.22 2.62 -12.24
CA ARG A 40 -12.30 3.74 -12.10
C ARG A 40 -11.73 3.78 -10.68
N ILE A 41 -10.58 4.45 -10.54
CA ILE A 41 -9.92 4.58 -9.24
C ILE A 41 -10.18 5.94 -8.62
N ILE A 42 -10.18 6.00 -7.30
CA ILE A 42 -10.40 7.24 -6.58
C ILE A 42 -9.35 7.46 -5.51
N SER A 43 -8.89 6.37 -4.89
CA SER A 43 -7.88 6.45 -3.85
C SER A 43 -7.25 5.08 -3.62
N TYR A 44 -6.23 5.05 -2.75
CA TYR A 44 -5.54 3.81 -2.43
C TYR A 44 -5.30 3.68 -0.93
N THR A 45 -5.08 2.46 -0.47
CA THR A 45 -4.84 2.21 0.95
C THR A 45 -3.48 1.54 1.15
N VAL A 46 -2.61 2.21 1.90
CA VAL A 46 -1.28 1.69 2.18
C VAL A 46 -1.23 1.02 3.55
N VAL A 47 -1.29 -0.31 3.55
CA VAL A 47 -1.24 -1.08 4.79
C VAL A 47 0.19 -1.45 5.16
N PHE A 48 0.69 -0.85 6.23
CA PHE A 48 2.05 -1.12 6.69
C PHE A 48 2.03 -1.78 8.06
N ARG A 49 2.83 -2.84 8.21
CA ARG A 49 2.92 -3.56 9.47
C ARG A 49 4.29 -4.21 9.63
N ASP A 50 4.76 -4.28 10.88
CA ASP A 50 6.05 -4.86 11.17
C ASP A 50 5.96 -6.38 11.21
N ILE A 51 6.52 -7.03 10.20
CA ILE A 51 6.50 -8.49 10.11
C ILE A 51 7.05 -9.13 11.40
N ASN A 52 7.72 -8.31 12.21
CA ASN A 52 8.29 -8.80 13.46
C ASN A 52 7.30 -8.60 14.62
N SER A 53 6.39 -7.64 14.45
CA SER A 53 5.40 -7.34 15.48
C SER A 53 3.99 -7.63 14.97
N GLN A 54 3.01 -7.49 15.85
CA GLN A 54 1.62 -7.73 15.49
C GLN A 54 0.85 -6.42 15.37
N GLN A 55 1.58 -5.32 15.24
CA GLN A 55 0.97 -4.00 15.11
C GLN A 55 0.64 -3.69 13.65
N GLU A 56 -0.64 -3.80 13.30
CA GLU A 56 -1.08 -3.52 11.94
C GLU A 56 -1.56 -2.08 11.79
N LEU A 57 -1.17 -1.43 10.70
CA LEU A 57 -1.55 -0.05 10.44
C LEU A 57 -1.63 0.23 8.95
N GLN A 58 -2.47 1.17 8.57
CA GLN A 58 -2.63 1.54 7.17
C GLN A 58 -2.83 3.04 7.01
N ASN A 59 -2.92 3.50 5.77
CA ASN A 59 -3.12 4.91 5.49
C ASN A 59 -3.98 5.11 4.24
N ILE A 60 -4.37 6.35 3.98
CA ILE A 60 -5.20 6.68 2.83
C ILE A 60 -4.70 7.94 2.13
N THR A 61 -4.61 7.88 0.80
CA THR A 61 -4.15 9.02 0.02
C THR A 61 -4.68 8.96 -1.41
N THR A 62 -5.05 10.12 -1.95
CA THR A 62 -5.59 10.20 -3.30
C THR A 62 -4.46 10.22 -4.33
N ASP A 63 -3.28 9.79 -3.92
CA ASP A 63 -2.13 9.76 -4.80
C ASP A 63 -1.57 8.34 -4.92
N THR A 64 -0.78 8.10 -5.97
CA THR A 64 -0.19 6.79 -6.20
C THR A 64 1.07 6.60 -5.35
N ARG A 65 1.21 7.44 -4.33
CA ARG A 65 2.38 7.36 -3.44
C ARG A 65 1.99 7.70 -2.01
N PHE A 66 2.89 7.41 -1.08
CA PHE A 66 2.64 7.68 0.33
C PHE A 66 3.94 7.58 1.14
N THR A 67 3.90 8.09 2.37
CA THR A 67 5.07 8.07 3.24
C THR A 67 4.68 7.66 4.66
N LEU A 68 5.10 6.47 5.07
CA LEU A 68 4.80 5.97 6.41
C LEU A 68 5.50 6.82 7.47
N THR A 69 5.17 6.55 8.74
CA THR A 69 5.76 7.29 9.85
C THR A 69 5.64 6.51 11.15
N GLY A 70 6.40 6.92 12.16
CA GLY A 70 6.36 6.25 13.44
C GLY A 70 6.80 4.80 13.34
N LEU A 71 7.87 4.56 12.62
CA LEU A 71 8.39 3.21 12.44
C LEU A 71 9.76 3.06 13.09
N LYS A 72 10.14 1.83 13.41
CA LYS A 72 11.42 1.55 14.03
C LYS A 72 12.52 1.40 12.98
N PRO A 73 13.71 1.95 13.27
CA PRO A 73 14.85 1.90 12.36
C PRO A 73 15.43 0.49 12.26
N ASP A 74 15.96 0.15 11.08
CA ASP A 74 16.54 -1.16 10.84
C ASP A 74 15.54 -2.27 11.17
N THR A 75 14.29 -2.07 10.76
CA THR A 75 13.24 -3.04 11.02
C THR A 75 12.36 -3.23 9.79
N THR A 76 12.22 -4.49 9.35
CA THR A 76 11.39 -4.80 8.19
C THR A 76 9.93 -4.43 8.42
N TYR A 77 9.36 -3.69 7.48
CA TYR A 77 7.96 -3.26 7.60
C TYR A 77 7.17 -3.69 6.37
N ASP A 78 6.28 -4.66 6.56
CA ASP A 78 5.45 -5.16 5.47
C ASP A 78 4.45 -4.10 5.01
N ILE A 79 4.80 -3.41 3.93
CA ILE A 79 3.93 -2.36 3.39
C ILE A 79 3.33 -2.78 2.05
N LYS A 80 2.04 -2.55 1.89
CA LYS A 80 1.34 -2.90 0.66
C LYS A 80 0.41 -1.78 0.22
N VAL A 81 -0.32 -2.00 -0.88
CA VAL A 81 -1.25 -1.01 -1.39
C VAL A 81 -2.42 -1.68 -2.12
N ARG A 82 -3.52 -0.95 -2.25
CA ARG A 82 -4.70 -1.47 -2.93
C ARG A 82 -5.56 -0.33 -3.46
N ALA A 83 -5.95 -0.45 -4.72
CA ALA A 83 -6.78 0.56 -5.36
C ALA A 83 -8.23 0.48 -4.88
N TRP A 84 -8.92 1.61 -4.93
CA TRP A 84 -10.32 1.66 -4.49
C TRP A 84 -11.21 2.24 -5.58
N THR A 85 -12.44 1.76 -5.65
CA THR A 85 -13.39 2.23 -6.65
C THR A 85 -14.65 2.79 -5.99
N SER A 86 -15.40 3.58 -6.74
CA SER A 86 -16.64 4.18 -6.23
C SER A 86 -17.51 3.11 -5.56
N LYS A 87 -17.27 1.86 -5.92
CA LYS A 87 -18.04 0.75 -5.35
C LYS A 87 -17.51 0.38 -3.96
N GLY A 88 -16.25 -0.03 -3.91
CA GLY A 88 -15.65 -0.42 -2.65
C GLY A 88 -14.15 -0.64 -2.76
N SER A 89 -13.67 -1.73 -2.17
CA SER A 89 -12.25 -2.06 -2.20
C SER A 89 -12.01 -3.34 -2.99
N GLY A 90 -10.75 -3.58 -3.35
CA GLY A 90 -10.41 -4.77 -4.09
C GLY A 90 -9.33 -5.60 -3.42
N PRO A 91 -8.45 -6.20 -4.23
CA PRO A 91 -7.35 -7.03 -3.72
C PRO A 91 -6.28 -6.21 -3.02
N LEU A 92 -5.26 -6.89 -2.50
CA LEU A 92 -4.18 -6.22 -1.80
C LEU A 92 -2.82 -6.54 -2.44
N SER A 93 -2.11 -5.50 -2.86
CA SER A 93 -0.82 -5.66 -3.50
C SER A 93 0.14 -6.43 -2.59
N PRO A 94 1.13 -7.09 -3.20
CA PRO A 94 2.14 -7.87 -2.48
C PRO A 94 3.08 -7.00 -1.67
N SER A 95 3.05 -7.15 -0.35
CA SER A 95 3.91 -6.37 0.53
C SER A 95 5.35 -6.39 0.06
N ILE A 96 6.09 -5.34 0.38
CA ILE A 96 7.49 -5.24 -0.03
C ILE A 96 8.42 -5.44 1.17
N GLN A 97 7.91 -5.18 2.36
CA GLN A 97 8.70 -5.35 3.58
C GLN A 97 9.91 -4.43 3.56
N SER A 98 9.69 -3.16 3.23
CA SER A 98 10.77 -2.18 3.17
C SER A 98 11.29 -1.87 4.58
N ARG A 99 12.47 -2.37 4.89
CA ARG A 99 13.08 -2.14 6.20
C ARG A 99 13.68 -0.75 6.28
N THR A 100 13.13 0.08 7.17
CA THR A 100 13.61 1.45 7.34
C THR A 100 15.13 1.49 7.39
N MET A 101 15.70 2.64 7.03
CA MET A 101 17.14 2.81 7.04
C MET A 101 17.71 2.70 8.46
N PRO A 102 18.86 2.04 8.59
CA PRO A 102 19.52 1.86 9.88
C PRO A 102 20.08 3.16 10.44
N VAL A 103 19.37 3.75 11.38
CA VAL A 103 19.80 5.00 12.00
C VAL A 103 21.20 4.87 12.59
N GLY A 1 -22.72 -13.70 -1.49
CA GLY A 1 -21.60 -14.60 -1.66
C GLY A 1 -20.55 -14.05 -2.61
N SER A 2 -20.99 -13.68 -3.81
CA SER A 2 -20.07 -13.14 -4.82
C SER A 2 -20.16 -11.61 -4.87
N SER A 3 -21.38 -11.09 -4.82
CA SER A 3 -21.58 -9.65 -4.86
C SER A 3 -21.50 -9.05 -3.46
N GLY A 4 -21.39 -7.72 -3.40
CA GLY A 4 -21.28 -7.05 -2.12
C GLY A 4 -20.34 -5.86 -2.16
N SER A 5 -19.11 -6.10 -2.60
CA SER A 5 -18.12 -5.04 -2.69
C SER A 5 -18.14 -4.39 -4.07
N SER A 6 -18.05 -5.21 -5.11
CA SER A 6 -18.05 -4.71 -6.48
C SER A 6 -16.87 -3.78 -6.72
N GLY A 7 -15.69 -4.20 -6.27
CA GLY A 7 -14.50 -3.38 -6.44
C GLY A 7 -13.63 -3.86 -7.59
N PRO A 8 -12.41 -3.32 -7.67
CA PRO A 8 -11.46 -3.68 -8.74
C PRO A 8 -10.93 -5.11 -8.58
N SER A 9 -10.74 -5.79 -9.69
CA SER A 9 -10.24 -7.16 -9.68
C SER A 9 -8.76 -7.20 -10.05
N GLY A 10 -8.03 -6.17 -9.63
CA GLY A 10 -6.61 -6.11 -9.92
C GLY A 10 -5.86 -5.20 -8.96
N PHE A 11 -4.53 -5.29 -8.97
CA PHE A 11 -3.70 -4.48 -8.09
C PHE A 11 -2.68 -3.68 -8.89
N PRO A 12 -2.22 -2.56 -8.31
CA PRO A 12 -1.24 -1.68 -8.96
C PRO A 12 0.14 -2.33 -9.05
N GLN A 13 1.09 -1.60 -9.60
CA GLN A 13 2.46 -2.10 -9.74
C GLN A 13 3.47 -1.01 -9.42
N ASN A 14 4.75 -1.34 -9.57
CA ASN A 14 5.82 -0.38 -9.29
C ASN A 14 5.83 0.02 -7.83
N LEU A 15 5.30 -0.86 -6.97
CA LEU A 15 5.24 -0.58 -5.54
C LEU A 15 6.61 -0.75 -4.89
N HIS A 16 7.15 0.35 -4.37
CA HIS A 16 8.46 0.33 -3.73
C HIS A 16 8.71 1.63 -2.97
N VAL A 17 9.90 1.77 -2.42
CA VAL A 17 10.27 2.97 -1.66
C VAL A 17 11.29 3.80 -2.42
N THR A 18 10.96 5.07 -2.64
CA THR A 18 11.85 5.98 -3.36
C THR A 18 12.83 6.66 -2.41
N GLY A 19 12.51 6.62 -1.12
CA GLY A 19 13.38 7.23 -0.12
C GLY A 19 12.94 6.93 1.30
N LEU A 20 13.24 5.73 1.77
CA LEU A 20 12.87 5.32 3.12
C LEU A 20 13.63 6.14 4.16
N THR A 21 13.23 6.00 5.42
CA THR A 21 13.88 6.72 6.51
C THR A 21 13.95 5.85 7.77
N THR A 22 14.88 6.19 8.66
CA THR A 22 15.06 5.46 9.90
C THR A 22 13.74 5.32 10.65
N SER A 23 12.96 6.39 10.69
CA SER A 23 11.68 6.39 11.38
C SER A 23 10.53 6.31 10.38
N THR A 24 10.65 7.07 9.29
CA THR A 24 9.62 7.08 8.25
C THR A 24 10.02 6.23 7.06
N THR A 25 9.11 6.08 6.10
CA THR A 25 9.37 5.29 4.91
C THR A 25 8.55 5.78 3.72
N GLU A 26 9.24 6.33 2.72
CA GLU A 26 8.57 6.85 1.54
C GLU A 26 8.14 5.71 0.62
N LEU A 27 7.13 5.97 -0.21
CA LEU A 27 6.61 4.97 -1.13
C LEU A 27 6.33 5.59 -2.50
N ALA A 28 6.18 4.74 -3.51
CA ALA A 28 5.91 5.20 -4.87
C ALA A 28 5.48 4.04 -5.76
N TRP A 29 4.21 4.03 -6.15
CA TRP A 29 3.69 2.99 -7.01
C TRP A 29 2.93 3.58 -8.20
N ASP A 30 2.33 2.72 -9.01
CA ASP A 30 1.57 3.16 -10.17
C ASP A 30 0.17 2.55 -10.17
N PRO A 31 -0.74 3.15 -10.96
CA PRO A 31 -2.12 2.69 -11.06
C PRO A 31 -2.23 1.35 -11.78
N PRO A 32 -3.38 0.68 -11.62
CA PRO A 32 -3.64 -0.62 -12.24
C PRO A 32 -3.80 -0.51 -13.75
N VAL A 33 -3.29 -1.51 -14.47
CA VAL A 33 -3.38 -1.53 -15.92
C VAL A 33 -4.82 -1.39 -16.38
N LEU A 34 -5.01 -0.70 -17.51
CA LEU A 34 -6.35 -0.49 -18.06
C LEU A 34 -7.09 -1.82 -18.19
N ALA A 35 -6.35 -2.89 -18.48
CA ALA A 35 -6.94 -4.21 -18.63
C ALA A 35 -7.66 -4.63 -17.36
N GLU A 36 -6.89 -4.89 -16.31
CA GLU A 36 -7.47 -5.31 -15.03
C GLU A 36 -8.45 -4.26 -14.50
N ARG A 37 -8.09 -2.99 -14.65
CA ARG A 37 -8.93 -1.90 -14.19
C ARG A 37 -10.41 -2.24 -14.38
N ASN A 38 -11.06 -2.66 -13.30
CA ASN A 38 -12.48 -3.01 -13.35
C ASN A 38 -13.35 -1.79 -13.12
N GLY A 39 -12.74 -0.61 -13.19
CA GLY A 39 -13.48 0.62 -12.99
C GLY A 39 -12.57 1.82 -12.75
N ARG A 40 -13.16 2.91 -12.27
CA ARG A 40 -12.39 4.12 -12.00
C ARG A 40 -11.78 4.08 -10.61
N ILE A 41 -10.65 4.77 -10.44
CA ILE A 41 -9.96 4.80 -9.15
C ILE A 41 -10.30 6.08 -8.39
N ILE A 42 -10.37 5.97 -7.06
CA ILE A 42 -10.68 7.11 -6.21
C ILE A 42 -9.57 7.36 -5.19
N SER A 43 -8.97 6.28 -4.71
CA SER A 43 -7.89 6.38 -3.73
C SER A 43 -7.30 5.01 -3.43
N TYR A 44 -6.14 5.00 -2.78
CA TYR A 44 -5.46 3.76 -2.45
C TYR A 44 -5.24 3.65 -0.94
N THR A 45 -5.09 2.41 -0.46
CA THR A 45 -4.88 2.17 0.96
C THR A 45 -3.52 1.53 1.21
N VAL A 46 -2.61 2.30 1.79
CA VAL A 46 -1.27 1.81 2.10
C VAL A 46 -1.23 1.10 3.44
N VAL A 47 -1.20 -0.23 3.41
CA VAL A 47 -1.16 -1.02 4.63
C VAL A 47 0.27 -1.38 5.01
N PHE A 48 0.75 -0.81 6.11
CA PHE A 48 2.11 -1.06 6.57
C PHE A 48 2.10 -1.68 7.97
N ARG A 49 2.86 -2.76 8.13
CA ARG A 49 2.93 -3.45 9.42
C ARG A 49 4.30 -4.11 9.60
N ASP A 50 4.79 -4.09 10.83
CA ASP A 50 6.09 -4.69 11.14
C ASP A 50 5.97 -6.21 11.23
N ILE A 51 6.48 -6.90 10.21
CA ILE A 51 6.42 -8.36 10.18
C ILE A 51 6.98 -8.95 11.47
N ASN A 52 7.71 -8.14 12.22
CA ASN A 52 8.30 -8.59 13.48
C ASN A 52 7.34 -8.37 14.65
N SER A 53 6.46 -7.38 14.50
CA SER A 53 5.49 -7.06 15.54
C SER A 53 4.08 -7.43 15.10
N GLN A 54 3.12 -7.24 15.99
CA GLN A 54 1.73 -7.56 15.69
C GLN A 54 0.89 -6.28 15.61
N GLN A 55 1.54 -5.16 15.34
CA GLN A 55 0.86 -3.88 15.24
C GLN A 55 0.61 -3.52 13.78
N GLU A 56 -0.62 -3.74 13.31
CA GLU A 56 -0.99 -3.44 11.95
C GLU A 56 -1.44 -1.99 11.81
N LEU A 57 -1.13 -1.39 10.65
CA LEU A 57 -1.49 0.00 10.40
C LEU A 57 -1.78 0.22 8.92
N GLN A 58 -2.63 1.19 8.63
CA GLN A 58 -2.98 1.51 7.24
C GLN A 58 -3.15 3.01 7.05
N ASN A 59 -3.03 3.46 5.80
CA ASN A 59 -3.18 4.88 5.49
C ASN A 59 -4.01 5.08 4.23
N ILE A 60 -4.34 6.33 3.93
CA ILE A 60 -5.13 6.65 2.75
C ILE A 60 -4.65 7.95 2.11
N THR A 61 -4.48 7.93 0.79
CA THR A 61 -4.04 9.10 0.05
C THR A 61 -4.61 9.12 -1.36
N THR A 62 -4.92 10.32 -1.86
CA THR A 62 -5.47 10.47 -3.20
C THR A 62 -4.37 10.45 -4.26
N ASP A 63 -3.21 9.93 -3.88
CA ASP A 63 -2.07 9.86 -4.79
C ASP A 63 -1.53 8.43 -4.87
N THR A 64 -0.77 8.15 -5.93
CA THR A 64 -0.20 6.82 -6.12
C THR A 64 1.06 6.64 -5.27
N ARG A 65 1.23 7.51 -4.28
CA ARG A 65 2.39 7.44 -3.40
C ARG A 65 1.99 7.71 -1.95
N PHE A 66 2.93 7.50 -1.03
CA PHE A 66 2.67 7.72 0.39
C PHE A 66 3.96 7.63 1.20
N THR A 67 3.90 8.07 2.45
CA THR A 67 5.06 8.03 3.33
C THR A 67 4.67 7.61 4.74
N LEU A 68 5.18 6.46 5.17
CA LEU A 68 4.89 5.94 6.50
C LEU A 68 5.56 6.79 7.58
N THR A 69 5.22 6.52 8.83
CA THR A 69 5.79 7.26 9.96
C THR A 69 5.71 6.45 11.24
N GLY A 70 6.41 6.91 12.27
CA GLY A 70 6.40 6.21 13.55
C GLY A 70 6.85 4.77 13.42
N LEU A 71 7.92 4.55 12.67
CA LEU A 71 8.45 3.20 12.47
C LEU A 71 9.82 3.05 13.13
N LYS A 72 10.21 1.81 13.39
CA LYS A 72 11.49 1.52 14.01
C LYS A 72 12.59 1.34 12.95
N PRO A 73 13.77 1.89 13.22
CA PRO A 73 14.92 1.80 12.30
C PRO A 73 15.49 0.39 12.23
N ASP A 74 15.97 0.02 11.06
CA ASP A 74 16.55 -1.31 10.86
C ASP A 74 15.53 -2.40 11.18
N THR A 75 14.31 -2.22 10.71
CA THR A 75 13.24 -3.18 10.95
C THR A 75 12.35 -3.34 9.72
N THR A 76 12.15 -4.58 9.30
CA THR A 76 11.32 -4.87 8.14
C THR A 76 9.87 -4.47 8.38
N TYR A 77 9.30 -3.74 7.43
CA TYR A 77 7.92 -3.27 7.54
C TYR A 77 7.11 -3.70 6.32
N ASP A 78 6.21 -4.66 6.53
CA ASP A 78 5.36 -5.15 5.44
C ASP A 78 4.41 -4.06 4.96
N ILE A 79 4.77 -3.39 3.88
CA ILE A 79 3.94 -2.33 3.32
C ILE A 79 3.34 -2.75 1.97
N LYS A 80 2.03 -2.57 1.84
CA LYS A 80 1.34 -2.92 0.61
C LYS A 80 0.40 -1.80 0.17
N VAL A 81 -0.35 -2.05 -0.89
CA VAL A 81 -1.29 -1.07 -1.41
C VAL A 81 -2.46 -1.74 -2.14
N ARG A 82 -3.51 -0.97 -2.38
CA ARG A 82 -4.69 -1.50 -3.06
C ARG A 82 -5.53 -0.36 -3.64
N ALA A 83 -6.11 -0.60 -4.82
CA ALA A 83 -6.93 0.40 -5.47
C ALA A 83 -8.39 0.31 -5.02
N TRP A 84 -9.04 1.45 -4.89
CA TRP A 84 -10.44 1.50 -4.46
C TRP A 84 -11.32 2.10 -5.54
N THR A 85 -12.55 1.61 -5.64
CA THR A 85 -13.50 2.11 -6.63
C THR A 85 -14.74 2.70 -5.96
N SER A 86 -15.47 3.52 -6.71
CA SER A 86 -16.68 4.15 -6.19
C SER A 86 -17.57 3.12 -5.49
N LYS A 87 -17.38 1.86 -5.84
CA LYS A 87 -18.16 0.78 -5.25
C LYS A 87 -17.56 0.34 -3.92
N GLY A 88 -16.33 -0.14 -3.95
CA GLY A 88 -15.66 -0.58 -2.75
C GLY A 88 -14.17 -0.75 -2.93
N SER A 89 -13.63 -1.88 -2.47
CA SER A 89 -12.20 -2.15 -2.58
C SER A 89 -11.95 -3.42 -3.37
N GLY A 90 -10.68 -3.70 -3.66
CA GLY A 90 -10.32 -4.89 -4.40
C GLY A 90 -9.25 -5.71 -3.72
N PRO A 91 -8.37 -6.31 -4.52
CA PRO A 91 -7.28 -7.14 -4.00
C PRO A 91 -6.21 -6.32 -3.28
N LEU A 92 -5.25 -7.01 -2.66
CA LEU A 92 -4.17 -6.34 -1.94
C LEU A 92 -2.83 -6.62 -2.59
N SER A 93 -2.12 -5.56 -2.95
CA SER A 93 -0.81 -5.69 -3.59
C SER A 93 0.15 -6.47 -2.69
N PRO A 94 1.16 -7.09 -3.31
CA PRO A 94 2.16 -7.89 -2.58
C PRO A 94 3.09 -7.01 -1.75
N SER A 95 3.04 -7.20 -0.43
CA SER A 95 3.88 -6.42 0.47
C SER A 95 5.34 -6.43 0.02
N ILE A 96 6.05 -5.35 0.30
CA ILE A 96 7.45 -5.23 -0.09
C ILE A 96 8.37 -5.46 1.11
N GLN A 97 7.84 -5.22 2.31
CA GLN A 97 8.60 -5.40 3.53
C GLN A 97 9.84 -4.50 3.54
N SER A 98 9.63 -3.24 3.20
CA SER A 98 10.74 -2.27 3.17
C SER A 98 11.25 -1.98 4.57
N ARG A 99 12.45 -2.47 4.87
CA ARG A 99 13.06 -2.27 6.18
C ARG A 99 13.69 -0.89 6.27
N THR A 100 13.13 -0.04 7.14
CA THR A 100 13.65 1.31 7.32
C THR A 100 15.17 1.31 7.37
N MET A 101 15.77 2.44 6.97
CA MET A 101 17.22 2.58 6.98
C MET A 101 17.77 2.46 8.39
N PRO A 102 18.92 1.78 8.54
CA PRO A 102 19.57 1.59 9.83
C PRO A 102 20.17 2.88 10.38
N VAL A 103 19.39 3.60 11.17
CA VAL A 103 19.84 4.85 11.76
C VAL A 103 21.30 4.76 12.20
N GLY A 1 -16.17 -19.31 -0.30
CA GLY A 1 -17.16 -18.63 0.52
C GLY A 1 -17.40 -17.20 0.09
N SER A 2 -18.39 -16.99 -0.77
CA SER A 2 -18.71 -15.67 -1.26
C SER A 2 -19.66 -14.94 -0.30
N SER A 3 -19.21 -13.80 0.21
CA SER A 3 -20.02 -13.02 1.15
C SER A 3 -20.40 -11.68 0.53
N GLY A 4 -19.41 -10.97 -0.01
CA GLY A 4 -19.66 -9.68 -0.62
C GLY A 4 -18.38 -8.97 -1.01
N SER A 5 -18.37 -8.40 -2.22
CA SER A 5 -17.19 -7.69 -2.71
C SER A 5 -17.56 -6.80 -3.90
N SER A 6 -17.52 -5.49 -3.68
CA SER A 6 -17.85 -4.53 -4.74
C SER A 6 -16.68 -3.58 -4.99
N GLY A 7 -15.72 -4.03 -5.79
CA GLY A 7 -14.57 -3.20 -6.09
C GLY A 7 -13.76 -3.75 -7.26
N PRO A 8 -12.52 -3.25 -7.42
CA PRO A 8 -11.63 -3.66 -8.50
C PRO A 8 -11.13 -5.09 -8.32
N SER A 9 -10.68 -5.71 -9.41
CA SER A 9 -10.18 -7.07 -9.37
C SER A 9 -8.70 -7.11 -9.73
N GLY A 10 -8.02 -5.99 -9.56
CA GLY A 10 -6.60 -5.92 -9.88
C GLY A 10 -5.85 -4.99 -8.96
N PHE A 11 -4.53 -5.18 -8.87
CA PHE A 11 -3.69 -4.36 -8.01
C PHE A 11 -2.68 -3.58 -8.82
N PRO A 12 -2.20 -2.45 -8.26
CA PRO A 12 -1.22 -1.59 -8.93
C PRO A 12 0.15 -2.24 -9.02
N GLN A 13 1.07 -1.57 -9.70
CA GLN A 13 2.43 -2.09 -9.87
C GLN A 13 3.46 -1.03 -9.51
N ASN A 14 4.74 -1.39 -9.61
CA ASN A 14 5.83 -0.48 -9.29
C ASN A 14 5.78 -0.06 -7.82
N LEU A 15 5.28 -0.96 -6.98
CA LEU A 15 5.18 -0.69 -5.54
C LEU A 15 6.54 -0.84 -4.87
N HIS A 16 7.08 0.28 -4.40
CA HIS A 16 8.37 0.28 -3.72
C HIS A 16 8.60 1.61 -3.00
N VAL A 17 9.80 1.75 -2.43
CA VAL A 17 10.15 2.97 -1.71
C VAL A 17 11.16 3.80 -2.50
N THR A 18 10.86 5.09 -2.66
CA THR A 18 11.74 5.99 -3.39
C THR A 18 12.72 6.68 -2.45
N GLY A 19 12.44 6.62 -1.15
CA GLY A 19 13.32 7.23 -0.18
C GLY A 19 12.87 6.97 1.24
N LEU A 20 13.18 5.77 1.74
CA LEU A 20 12.81 5.39 3.10
C LEU A 20 13.55 6.24 4.13
N THR A 21 13.18 6.09 5.40
CA THR A 21 13.80 6.84 6.48
C THR A 21 13.89 6.01 7.75
N THR A 22 14.83 6.36 8.62
CA THR A 22 15.01 5.64 9.87
C THR A 22 13.68 5.45 10.60
N SER A 23 12.89 6.52 10.64
CA SER A 23 11.59 6.48 11.30
C SER A 23 10.45 6.41 10.28
N THR A 24 10.57 7.22 9.23
CA THR A 24 9.56 7.26 8.18
C THR A 24 10.00 6.44 6.97
N THR A 25 9.05 6.14 6.09
CA THR A 25 9.33 5.37 4.89
C THR A 25 8.50 5.85 3.71
N GLU A 26 9.18 6.40 2.70
CA GLU A 26 8.51 6.91 1.52
C GLU A 26 8.03 5.76 0.63
N LEU A 27 7.11 6.07 -0.28
CA LEU A 27 6.57 5.07 -1.19
C LEU A 27 6.29 5.67 -2.56
N ALA A 28 6.19 4.80 -3.57
CA ALA A 28 5.93 5.25 -4.93
C ALA A 28 5.49 4.09 -5.82
N TRP A 29 4.22 4.09 -6.20
CA TRP A 29 3.68 3.04 -7.04
C TRP A 29 2.89 3.62 -8.21
N ASP A 30 2.40 2.75 -9.09
CA ASP A 30 1.64 3.18 -10.26
C ASP A 30 0.24 2.56 -10.24
N PRO A 31 -0.67 3.15 -11.03
CA PRO A 31 -2.05 2.67 -11.13
C PRO A 31 -2.15 1.33 -11.85
N PRO A 32 -3.25 0.61 -11.60
CA PRO A 32 -3.49 -0.70 -12.22
C PRO A 32 -3.78 -0.59 -13.71
N VAL A 33 -3.02 -1.34 -14.50
CA VAL A 33 -3.19 -1.33 -15.95
C VAL A 33 -4.66 -1.50 -16.33
N LEU A 34 -5.13 -0.67 -17.26
CA LEU A 34 -6.51 -0.74 -17.72
C LEU A 34 -6.96 -2.19 -17.91
N ALA A 35 -6.00 -3.07 -18.12
CA ALA A 35 -6.29 -4.49 -18.32
C ALA A 35 -6.72 -5.15 -17.01
N GLU A 36 -5.96 -4.89 -15.95
CA GLU A 36 -6.25 -5.45 -14.64
C GLU A 36 -7.47 -4.77 -14.02
N ARG A 37 -7.34 -3.47 -13.75
CA ARG A 37 -8.43 -2.70 -13.16
C ARG A 37 -9.76 -3.02 -13.83
N ASN A 38 -10.85 -2.55 -13.24
CA ASN A 38 -12.18 -2.79 -13.78
C ASN A 38 -12.81 -1.49 -14.28
N GLY A 39 -12.85 -0.49 -13.41
CA GLY A 39 -13.43 0.78 -13.79
C GLY A 39 -12.45 1.94 -13.60
N ARG A 40 -12.71 2.77 -12.60
CA ARG A 40 -11.85 3.92 -12.31
C ARG A 40 -11.34 3.87 -10.88
N ILE A 41 -10.22 4.54 -10.64
CA ILE A 41 -9.62 4.57 -9.30
C ILE A 41 -9.88 5.92 -8.63
N ILE A 42 -10.28 5.86 -7.36
CA ILE A 42 -10.55 7.07 -6.60
C ILE A 42 -9.47 7.33 -5.56
N SER A 43 -9.00 6.26 -4.93
CA SER A 43 -7.96 6.35 -3.91
C SER A 43 -7.35 4.99 -3.62
N TYR A 44 -6.36 4.97 -2.73
CA TYR A 44 -5.69 3.73 -2.37
C TYR A 44 -5.50 3.63 -0.86
N THR A 45 -5.08 2.46 -0.40
CA THR A 45 -4.87 2.24 1.03
C THR A 45 -3.52 1.56 1.28
N VAL A 46 -2.58 2.33 1.81
CA VAL A 46 -1.25 1.80 2.11
C VAL A 46 -1.21 1.13 3.48
N VAL A 47 -1.28 -0.19 3.49
CA VAL A 47 -1.25 -0.95 4.73
C VAL A 47 0.16 -1.36 5.10
N PHE A 48 0.67 -0.82 6.20
CA PHE A 48 2.02 -1.13 6.65
C PHE A 48 1.99 -1.79 8.03
N ARG A 49 2.84 -2.80 8.22
CA ARG A 49 2.91 -3.51 9.48
C ARG A 49 4.28 -4.15 9.67
N ASP A 50 4.73 -4.22 10.92
CA ASP A 50 6.03 -4.81 11.23
C ASP A 50 5.95 -6.33 11.22
N ILE A 51 6.67 -6.96 10.29
CA ILE A 51 6.68 -8.41 10.18
C ILE A 51 7.29 -9.05 11.42
N ASN A 52 7.80 -8.22 12.32
CA ASN A 52 8.41 -8.70 13.55
C ASN A 52 7.48 -8.49 14.75
N SER A 53 6.39 -7.77 14.52
CA SER A 53 5.42 -7.50 15.58
C SER A 53 4.00 -7.71 15.07
N GLN A 54 3.03 -7.52 15.96
CA GLN A 54 1.63 -7.69 15.62
C GLN A 54 0.91 -6.34 15.56
N GLN A 55 1.64 -5.31 15.13
CA GLN A 55 1.07 -3.98 15.02
C GLN A 55 0.67 -3.66 13.58
N GLU A 56 -0.62 -3.86 13.29
CA GLU A 56 -1.14 -3.62 11.94
C GLU A 56 -1.58 -2.16 11.80
N LEU A 57 -1.22 -1.54 10.67
CA LEU A 57 -1.57 -0.15 10.41
C LEU A 57 -1.72 0.10 8.92
N GLN A 58 -2.38 1.20 8.57
CA GLN A 58 -2.58 1.55 7.17
C GLN A 58 -2.90 3.04 7.03
N ASN A 59 -2.80 3.55 5.80
CA ASN A 59 -3.08 4.95 5.54
C ASN A 59 -3.88 5.11 4.25
N ILE A 60 -4.35 6.33 4.00
CA ILE A 60 -5.14 6.62 2.80
C ILE A 60 -4.66 7.89 2.13
N THR A 61 -4.54 7.84 0.80
CA THR A 61 -4.09 8.99 0.03
C THR A 61 -4.63 8.94 -1.40
N THR A 62 -5.06 10.10 -1.90
CA THR A 62 -5.60 10.18 -3.25
C THR A 62 -4.50 10.07 -4.29
N ASP A 63 -3.25 10.14 -3.84
CA ASP A 63 -2.10 10.04 -4.73
C ASP A 63 -1.59 8.60 -4.82
N THR A 64 -0.83 8.31 -5.86
CA THR A 64 -0.29 6.97 -6.05
C THR A 64 0.99 6.76 -5.24
N ARG A 65 1.17 7.60 -4.22
CA ARG A 65 2.34 7.52 -3.36
C ARG A 65 1.98 7.82 -1.91
N PHE A 66 2.88 7.49 -1.00
CA PHE A 66 2.65 7.71 0.42
C PHE A 66 3.95 7.58 1.21
N THR A 67 3.97 8.14 2.42
CA THR A 67 5.15 8.09 3.28
C THR A 67 4.78 7.71 4.70
N LEU A 68 5.18 6.51 5.11
CA LEU A 68 4.89 6.04 6.46
C LEU A 68 5.60 6.90 7.51
N THR A 69 5.29 6.64 8.78
CA THR A 69 5.90 7.40 9.87
C THR A 69 5.76 6.64 11.19
N GLY A 70 6.50 7.09 12.20
CA GLY A 70 6.45 6.45 13.51
C GLY A 70 6.93 5.01 13.45
N LEU A 71 7.89 4.73 12.58
CA LEU A 71 8.44 3.39 12.43
C LEU A 71 9.80 3.28 13.13
N LYS A 72 10.25 2.05 13.33
CA LYS A 72 11.54 1.81 13.97
C LYS A 72 12.64 1.60 12.94
N PRO A 73 13.83 2.16 13.20
CA PRO A 73 14.98 2.04 12.31
C PRO A 73 15.55 0.63 12.28
N ASP A 74 15.98 0.19 11.10
CA ASP A 74 16.55 -1.14 10.94
C ASP A 74 15.53 -2.21 11.29
N THR A 75 14.31 -2.07 10.76
CA THR A 75 13.25 -3.03 11.02
C THR A 75 12.36 -3.20 9.80
N THR A 76 12.19 -4.45 9.37
CA THR A 76 11.37 -4.76 8.20
C THR A 76 9.93 -4.35 8.43
N TYR A 77 9.36 -3.63 7.47
CA TYR A 77 7.98 -3.18 7.56
C TYR A 77 7.17 -3.61 6.34
N ASP A 78 6.31 -4.61 6.54
CA ASP A 78 5.48 -5.12 5.46
C ASP A 78 4.46 -4.07 5.01
N ILE A 79 4.80 -3.37 3.93
CA ILE A 79 3.93 -2.33 3.39
C ILE A 79 3.32 -2.77 2.05
N LYS A 80 2.02 -2.56 1.92
CA LYS A 80 1.31 -2.93 0.69
C LYS A 80 0.37 -1.80 0.24
N VAL A 81 -0.35 -2.05 -0.85
CA VAL A 81 -1.30 -1.06 -1.37
C VAL A 81 -2.45 -1.74 -2.09
N ARG A 82 -3.54 -1.00 -2.27
CA ARG A 82 -4.72 -1.53 -2.95
C ARG A 82 -5.58 -0.39 -3.51
N ALA A 83 -5.96 -0.52 -4.76
CA ALA A 83 -6.80 0.49 -5.41
C ALA A 83 -8.24 0.41 -4.92
N TRP A 84 -8.93 1.55 -4.97
CA TRP A 84 -10.32 1.61 -4.53
C TRP A 84 -11.21 2.21 -5.62
N THR A 85 -12.46 1.75 -5.67
CA THR A 85 -13.40 2.24 -6.66
C THR A 85 -14.67 2.77 -6.00
N SER A 86 -15.45 3.53 -6.75
CA SER A 86 -16.70 4.10 -6.23
C SER A 86 -17.55 3.03 -5.56
N LYS A 87 -17.36 1.78 -5.98
CA LYS A 87 -18.10 0.65 -5.42
C LYS A 87 -17.57 0.29 -4.05
N GLY A 88 -16.29 -0.08 -3.99
CA GLY A 88 -15.69 -0.47 -2.73
C GLY A 88 -14.18 -0.65 -2.84
N SER A 89 -13.68 -1.78 -2.35
CA SER A 89 -12.26 -2.08 -2.40
C SER A 89 -11.99 -3.35 -3.18
N GLY A 90 -10.72 -3.60 -3.47
CA GLY A 90 -10.35 -4.80 -4.22
C GLY A 90 -9.28 -5.61 -3.50
N PRO A 91 -8.40 -6.24 -4.29
CA PRO A 91 -7.31 -7.07 -3.75
C PRO A 91 -6.24 -6.24 -3.04
N LEU A 92 -5.26 -6.92 -2.47
CA LEU A 92 -4.18 -6.25 -1.75
C LEU A 92 -2.83 -6.56 -2.39
N SER A 93 -2.14 -5.54 -2.86
CA SER A 93 -0.84 -5.70 -3.49
C SER A 93 0.12 -6.47 -2.57
N PRO A 94 1.10 -7.13 -3.17
CA PRO A 94 2.10 -7.92 -2.42
C PRO A 94 3.05 -7.02 -1.62
N SER A 95 3.01 -7.16 -0.30
CA SER A 95 3.86 -6.36 0.58
C SER A 95 5.30 -6.35 0.07
N ILE A 96 6.00 -5.26 0.35
CA ILE A 96 7.39 -5.12 -0.07
C ILE A 96 8.35 -5.32 1.10
N GLN A 97 7.87 -5.05 2.30
CA GLN A 97 8.67 -5.20 3.51
C GLN A 97 9.87 -4.25 3.48
N SER A 98 9.58 -2.98 3.21
CA SER A 98 10.63 -1.95 3.15
C SER A 98 11.21 -1.71 4.55
N ARG A 99 12.39 -2.27 4.79
CA ARG A 99 13.06 -2.11 6.07
C ARG A 99 13.69 -0.72 6.20
N THR A 100 13.17 0.08 7.11
CA THR A 100 13.68 1.44 7.32
C THR A 100 15.21 1.44 7.37
N MET A 101 15.80 2.54 6.92
CA MET A 101 17.25 2.67 6.92
C MET A 101 17.80 2.63 8.35
N PRO A 102 18.92 1.92 8.52
CA PRO A 102 19.58 1.78 9.83
C PRO A 102 20.20 3.09 10.31
N VAL A 103 19.48 3.79 11.18
CA VAL A 103 19.97 5.06 11.71
C VAL A 103 21.46 4.98 12.05
N GLY A 1 -17.60 -1.13 5.43
CA GLY A 1 -17.02 -2.41 5.82
C GLY A 1 -16.60 -3.24 4.63
N SER A 2 -16.99 -4.51 4.63
CA SER A 2 -16.65 -5.42 3.55
C SER A 2 -17.55 -5.18 2.33
N SER A 3 -16.97 -5.35 1.14
CA SER A 3 -17.73 -5.16 -0.09
C SER A 3 -18.27 -6.48 -0.62
N GLY A 4 -19.15 -6.40 -1.62
CA GLY A 4 -19.72 -7.60 -2.20
C GLY A 4 -19.24 -7.85 -3.61
N SER A 5 -20.18 -7.89 -4.56
CA SER A 5 -19.85 -8.13 -5.95
C SER A 5 -19.41 -6.84 -6.64
N SER A 6 -18.45 -6.16 -6.03
CA SER A 6 -17.95 -4.91 -6.59
C SER A 6 -16.47 -4.71 -6.24
N GLY A 7 -15.90 -3.60 -6.68
CA GLY A 7 -14.51 -3.31 -6.41
C GLY A 7 -13.59 -3.85 -7.48
N PRO A 8 -12.34 -3.36 -7.50
CA PRO A 8 -11.34 -3.77 -8.49
C PRO A 8 -10.87 -5.21 -8.25
N SER A 9 -10.52 -5.90 -9.34
CA SER A 9 -10.07 -7.27 -9.25
C SER A 9 -8.55 -7.36 -9.44
N GLY A 10 -7.95 -6.23 -9.79
CA GLY A 10 -6.51 -6.18 -9.98
C GLY A 10 -5.82 -5.20 -9.06
N PHE A 11 -4.52 -5.40 -8.85
CA PHE A 11 -3.75 -4.53 -7.98
C PHE A 11 -2.71 -3.73 -8.77
N PRO A 12 -2.27 -2.60 -8.21
CA PRO A 12 -1.29 -1.73 -8.85
C PRO A 12 0.10 -2.36 -8.89
N GLN A 13 1.02 -1.72 -9.61
CA GLN A 13 2.38 -2.22 -9.72
C GLN A 13 3.40 -1.12 -9.44
N ASN A 14 4.67 -1.44 -9.61
CA ASN A 14 5.74 -0.48 -9.36
C ASN A 14 5.77 -0.05 -7.89
N LEU A 15 5.28 -0.92 -7.03
CA LEU A 15 5.24 -0.64 -5.59
C LEU A 15 6.63 -0.79 -4.98
N HIS A 16 7.16 0.32 -4.46
CA HIS A 16 8.48 0.32 -3.85
C HIS A 16 8.72 1.62 -3.09
N VAL A 17 9.91 1.74 -2.50
CA VAL A 17 10.27 2.94 -1.75
C VAL A 17 11.27 3.79 -2.51
N THR A 18 11.01 5.09 -2.57
CA THR A 18 11.90 6.02 -3.26
C THR A 18 12.86 6.71 -2.30
N GLY A 19 12.61 6.53 -1.00
CA GLY A 19 13.46 7.13 0.00
C GLY A 19 12.96 6.89 1.41
N LEU A 20 13.24 5.70 1.94
CA LEU A 20 12.80 5.35 3.29
C LEU A 20 13.51 6.19 4.34
N THR A 21 13.11 6.05 5.59
CA THR A 21 13.71 6.80 6.68
C THR A 21 13.74 5.98 7.96
N THR A 22 14.70 6.28 8.84
CA THR A 22 14.83 5.57 10.10
C THR A 22 13.47 5.34 10.75
N SER A 23 12.67 6.40 10.82
CA SER A 23 11.35 6.31 11.43
C SER A 23 10.27 6.30 10.36
N THR A 24 10.40 7.17 9.36
CA THR A 24 9.44 7.26 8.27
C THR A 24 9.90 6.45 7.07
N THR A 25 8.97 6.18 6.15
CA THR A 25 9.28 5.41 4.96
C THR A 25 8.48 5.91 3.76
N GLU A 26 9.18 6.38 2.73
CA GLU A 26 8.54 6.89 1.53
C GLU A 26 8.09 5.75 0.63
N LEU A 27 7.19 6.06 -0.29
CA LEU A 27 6.66 5.06 -1.22
C LEU A 27 6.36 5.68 -2.58
N ALA A 28 6.19 4.82 -3.58
CA ALA A 28 5.88 5.29 -4.93
C ALA A 28 5.49 4.13 -5.83
N TRP A 29 4.20 4.06 -6.16
CA TRP A 29 3.69 2.99 -7.01
C TRP A 29 2.92 3.57 -8.20
N ASP A 30 2.33 2.69 -9.01
CA ASP A 30 1.57 3.11 -10.18
C ASP A 30 0.17 2.51 -10.15
N PRO A 31 -0.74 3.08 -10.95
CA PRO A 31 -2.13 2.63 -11.04
C PRO A 31 -2.24 1.27 -11.73
N PRO A 32 -3.39 0.60 -11.54
CA PRO A 32 -3.65 -0.71 -12.14
C PRO A 32 -3.84 -0.63 -13.65
N VAL A 33 -3.10 -1.47 -14.37
CA VAL A 33 -3.18 -1.49 -15.83
C VAL A 33 -4.63 -1.44 -16.30
N LEU A 34 -4.90 -0.59 -17.28
CA LEU A 34 -6.25 -0.44 -17.82
C LEU A 34 -6.91 -1.81 -18.01
N ALA A 35 -6.12 -2.79 -18.41
CA ALA A 35 -6.62 -4.14 -18.63
C ALA A 35 -7.20 -4.72 -17.34
N GLU A 36 -6.54 -4.45 -16.22
CA GLU A 36 -7.00 -4.95 -14.93
C GLU A 36 -7.70 -3.85 -14.14
N ARG A 37 -8.62 -3.15 -14.80
CA ARG A 37 -9.36 -2.07 -14.17
C ARG A 37 -10.86 -2.29 -14.30
N ASN A 38 -11.49 -2.75 -13.23
CA ASN A 38 -12.93 -3.00 -13.23
C ASN A 38 -13.71 -1.70 -12.99
N GLY A 39 -13.36 -0.66 -13.75
CA GLY A 39 -14.04 0.61 -13.61
C GLY A 39 -13.07 1.77 -13.54
N ARG A 40 -13.03 2.44 -12.39
CA ARG A 40 -12.14 3.58 -12.20
C ARG A 40 -11.52 3.56 -10.80
N ILE A 41 -10.58 4.47 -10.56
CA ILE A 41 -9.91 4.56 -9.28
C ILE A 41 -10.26 5.86 -8.56
N ILE A 42 -10.29 5.81 -7.23
CA ILE A 42 -10.61 6.98 -6.43
C ILE A 42 -9.51 7.26 -5.41
N SER A 43 -8.91 6.20 -4.88
CA SER A 43 -7.85 6.34 -3.89
C SER A 43 -7.20 4.99 -3.60
N TYR A 44 -6.20 4.98 -2.73
CA TYR A 44 -5.49 3.77 -2.37
C TYR A 44 -5.28 3.69 -0.86
N THR A 45 -5.10 2.47 -0.36
CA THR A 45 -4.89 2.25 1.07
C THR A 45 -3.54 1.62 1.33
N VAL A 46 -2.60 2.41 1.84
CA VAL A 46 -1.26 1.92 2.13
C VAL A 46 -1.22 1.20 3.48
N VAL A 47 -1.30 -0.12 3.45
CA VAL A 47 -1.27 -0.92 4.68
C VAL A 47 0.15 -1.32 5.03
N PHE A 48 0.65 -0.82 6.16
CA PHE A 48 2.00 -1.14 6.60
C PHE A 48 1.96 -1.80 7.98
N ARG A 49 2.84 -2.78 8.17
CA ARG A 49 2.91 -3.49 9.45
C ARG A 49 4.27 -4.17 9.61
N ASP A 50 4.82 -4.10 10.83
CA ASP A 50 6.11 -4.69 11.12
C ASP A 50 6.00 -6.21 11.19
N ILE A 51 6.66 -6.89 10.25
CA ILE A 51 6.64 -8.34 10.21
C ILE A 51 7.25 -8.95 11.47
N ASN A 52 7.84 -8.09 12.30
CA ASN A 52 8.46 -8.53 13.54
C ASN A 52 7.56 -8.22 14.73
N SER A 53 6.45 -7.53 14.48
CA SER A 53 5.52 -7.17 15.54
C SER A 53 4.09 -7.53 15.13
N GLN A 54 3.16 -7.32 16.06
CA GLN A 54 1.75 -7.63 15.81
C GLN A 54 0.92 -6.34 15.78
N GLN A 55 1.52 -5.28 15.27
CA GLN A 55 0.83 -3.99 15.18
C GLN A 55 0.52 -3.63 13.73
N GLU A 56 -0.68 -3.95 13.29
CA GLU A 56 -1.10 -3.66 11.91
C GLU A 56 -1.55 -2.21 11.78
N LEU A 57 -1.19 -1.59 10.67
CA LEU A 57 -1.57 -0.19 10.42
C LEU A 57 -1.70 0.07 8.92
N GLN A 58 -2.34 1.19 8.58
CA GLN A 58 -2.53 1.55 7.18
C GLN A 58 -2.81 3.05 7.04
N ASN A 59 -2.89 3.52 5.81
CA ASN A 59 -3.16 4.93 5.54
C ASN A 59 -3.96 5.10 4.26
N ILE A 60 -4.42 6.32 4.01
CA ILE A 60 -5.21 6.62 2.82
C ILE A 60 -4.72 7.89 2.15
N THR A 61 -4.60 7.85 0.82
CA THR A 61 -4.15 9.01 0.07
C THR A 61 -4.67 8.97 -1.36
N THR A 62 -5.01 10.14 -1.90
CA THR A 62 -5.54 10.24 -3.26
C THR A 62 -4.40 10.27 -4.28
N ASP A 63 -3.23 9.80 -3.87
CA ASP A 63 -2.07 9.77 -4.75
C ASP A 63 -1.51 8.36 -4.86
N THR A 64 -0.72 8.12 -5.90
CA THR A 64 -0.11 6.81 -6.12
C THR A 64 1.14 6.63 -5.28
N ARG A 65 1.28 7.46 -4.25
CA ARG A 65 2.44 7.39 -3.36
C ARG A 65 2.04 7.69 -1.92
N PHE A 66 2.96 7.46 -0.99
CA PHE A 66 2.72 7.70 0.42
C PHE A 66 3.99 7.53 1.23
N THR A 67 4.02 8.15 2.41
CA THR A 67 5.18 8.08 3.29
C THR A 67 4.77 7.68 4.71
N LEU A 68 5.12 6.47 5.11
CA LEU A 68 4.79 5.97 6.44
C LEU A 68 5.45 6.82 7.51
N THR A 69 5.15 6.53 8.76
CA THR A 69 5.72 7.26 9.90
C THR A 69 5.61 6.46 11.18
N GLY A 70 6.32 6.92 12.22
CA GLY A 70 6.30 6.23 13.50
C GLY A 70 6.76 4.80 13.39
N LEU A 71 7.89 4.58 12.70
CA LEU A 71 8.43 3.25 12.53
C LEU A 71 9.79 3.12 13.23
N LYS A 72 10.23 1.88 13.44
CA LYS A 72 11.51 1.63 14.09
C LYS A 72 12.62 1.47 13.05
N PRO A 73 13.79 2.03 13.36
CA PRO A 73 14.95 1.96 12.47
C PRO A 73 15.54 0.56 12.39
N ASP A 74 16.00 0.18 11.20
CA ASP A 74 16.58 -1.14 10.98
C ASP A 74 15.56 -2.24 11.30
N THR A 75 14.36 -2.09 10.77
CA THR A 75 13.30 -3.06 11.00
C THR A 75 12.41 -3.20 9.77
N THR A 76 12.18 -4.44 9.34
CA THR A 76 11.34 -4.70 8.18
C THR A 76 9.89 -4.31 8.45
N TYR A 77 9.28 -3.63 7.49
CA TYR A 77 7.89 -3.19 7.61
C TYR A 77 7.07 -3.61 6.39
N ASP A 78 6.24 -4.63 6.57
CA ASP A 78 5.39 -5.12 5.48
C ASP A 78 4.43 -4.04 5.01
N ILE A 79 4.77 -3.39 3.90
CA ILE A 79 3.93 -2.34 3.35
C ILE A 79 3.33 -2.76 2.01
N LYS A 80 2.02 -2.58 1.88
CA LYS A 80 1.33 -2.94 0.64
C LYS A 80 0.40 -1.81 0.19
N VAL A 81 -0.36 -2.07 -0.86
CA VAL A 81 -1.28 -1.07 -1.39
C VAL A 81 -2.45 -1.73 -2.14
N ARG A 82 -3.57 -1.02 -2.21
CA ARG A 82 -4.75 -1.54 -2.88
C ARG A 82 -5.58 -0.41 -3.47
N ALA A 83 -5.97 -0.55 -4.74
CA ALA A 83 -6.76 0.46 -5.42
C ALA A 83 -8.21 0.42 -4.94
N TRP A 84 -8.85 1.58 -4.93
CA TRP A 84 -10.24 1.68 -4.50
C TRP A 84 -11.12 2.26 -5.60
N THR A 85 -12.33 1.73 -5.73
CA THR A 85 -13.26 2.20 -6.75
C THR A 85 -14.48 2.87 -6.13
N SER A 86 -15.19 3.66 -6.92
CA SER A 86 -16.37 4.36 -6.44
C SER A 86 -17.29 3.41 -5.66
N LYS A 87 -17.19 2.13 -5.97
CA LYS A 87 -18.00 1.12 -5.30
C LYS A 87 -17.43 0.78 -3.93
N GLY A 88 -16.21 0.27 -3.91
CA GLY A 88 -15.56 -0.09 -2.66
C GLY A 88 -14.08 -0.32 -2.81
N SER A 89 -13.62 -1.51 -2.44
CA SER A 89 -12.21 -1.85 -2.53
C SER A 89 -12.02 -3.19 -3.24
N GLY A 90 -10.76 -3.61 -3.39
CA GLY A 90 -10.46 -4.85 -4.05
C GLY A 90 -9.39 -5.66 -3.33
N PRO A 91 -8.50 -6.29 -4.12
CA PRO A 91 -7.41 -7.09 -3.57
C PRO A 91 -6.34 -6.24 -2.88
N LEU A 92 -5.28 -6.89 -2.42
CA LEU A 92 -4.20 -6.19 -1.74
C LEU A 92 -2.85 -6.54 -2.38
N SER A 93 -2.15 -5.52 -2.86
CA SER A 93 -0.85 -5.71 -3.49
C SER A 93 0.10 -6.46 -2.56
N PRO A 94 1.08 -7.15 -3.15
CA PRO A 94 2.08 -7.92 -2.39
C PRO A 94 3.04 -7.02 -1.62
N SER A 95 2.99 -7.11 -0.29
CA SER A 95 3.85 -6.29 0.55
C SER A 95 5.29 -6.30 0.05
N ILE A 96 6.04 -5.28 0.40
CA ILE A 96 7.44 -5.17 -0.01
C ILE A 96 8.39 -5.41 1.16
N GLN A 97 7.91 -5.12 2.36
CA GLN A 97 8.72 -5.31 3.56
C GLN A 97 9.95 -4.41 3.54
N SER A 98 9.73 -3.11 3.34
CA SER A 98 10.82 -2.15 3.28
C SER A 98 11.33 -1.85 4.69
N ARG A 99 12.52 -2.37 5.00
CA ARG A 99 13.12 -2.16 6.31
C ARG A 99 13.73 -0.76 6.40
N THR A 100 13.14 0.08 7.25
CA THR A 100 13.63 1.44 7.43
C THR A 100 15.15 1.48 7.44
N MET A 101 15.70 2.66 7.16
CA MET A 101 17.15 2.84 7.14
C MET A 101 17.73 2.74 8.55
N PRO A 102 18.89 2.07 8.66
CA PRO A 102 19.56 1.88 9.95
C PRO A 102 20.15 3.17 10.50
N VAL A 103 19.46 3.77 11.46
CA VAL A 103 19.91 5.01 12.07
C VAL A 103 21.37 4.93 12.48
N GLY A 1 -24.24 -15.71 -0.55
CA GLY A 1 -23.70 -16.14 0.73
C GLY A 1 -22.65 -15.20 1.27
N SER A 2 -23.05 -13.98 1.57
CA SER A 2 -22.13 -12.97 2.09
C SER A 2 -20.87 -12.88 1.23
N SER A 3 -21.07 -12.88 -0.09
CA SER A 3 -19.95 -12.80 -1.02
C SER A 3 -20.36 -12.09 -2.30
N GLY A 4 -19.45 -11.30 -2.86
CA GLY A 4 -19.73 -10.57 -4.08
C GLY A 4 -18.61 -9.63 -4.47
N SER A 5 -18.15 -9.71 -5.70
CA SER A 5 -17.07 -8.86 -6.19
C SER A 5 -17.63 -7.54 -6.71
N SER A 6 -17.36 -6.46 -5.98
CA SER A 6 -17.84 -5.14 -6.36
C SER A 6 -16.68 -4.25 -6.81
N GLY A 7 -15.70 -4.08 -5.93
CA GLY A 7 -14.55 -3.26 -6.24
C GLY A 7 -13.69 -3.85 -7.34
N PRO A 8 -12.45 -3.37 -7.46
CA PRO A 8 -11.51 -3.85 -8.48
C PRO A 8 -11.04 -5.27 -8.21
N SER A 9 -10.43 -5.88 -9.22
CA SER A 9 -9.93 -7.24 -9.10
C SER A 9 -8.42 -7.30 -9.35
N GLY A 10 -7.83 -6.14 -9.61
CA GLY A 10 -6.41 -6.07 -9.86
C GLY A 10 -5.70 -5.10 -8.95
N PHE A 11 -4.38 -5.28 -8.79
CA PHE A 11 -3.60 -4.41 -7.94
C PHE A 11 -2.59 -3.61 -8.76
N PRO A 12 -2.14 -2.46 -8.21
CA PRO A 12 -1.17 -1.59 -8.88
C PRO A 12 0.22 -2.21 -8.94
N GLN A 13 1.08 -1.63 -9.78
CA GLN A 13 2.44 -2.13 -9.93
C GLN A 13 3.46 -1.04 -9.61
N ASN A 14 4.73 -1.40 -9.70
CA ASN A 14 5.81 -0.45 -9.41
C ASN A 14 5.77 -0.02 -7.95
N LEU A 15 5.26 -0.90 -7.09
CA LEU A 15 5.17 -0.61 -5.67
C LEU A 15 6.53 -0.77 -4.99
N HIS A 16 7.03 0.33 -4.42
CA HIS A 16 8.33 0.31 -3.74
C HIS A 16 8.57 1.62 -3.01
N VAL A 17 9.75 1.75 -2.42
CA VAL A 17 10.12 2.95 -1.68
C VAL A 17 11.13 3.79 -2.46
N THR A 18 10.84 5.07 -2.62
CA THR A 18 11.72 5.97 -3.34
C THR A 18 12.73 6.62 -2.40
N GLY A 19 12.45 6.55 -1.10
CA GLY A 19 13.35 7.14 -0.11
C GLY A 19 12.89 6.89 1.30
N LEU A 20 13.13 5.67 1.80
CA LEU A 20 12.74 5.31 3.16
C LEU A 20 13.48 6.16 4.18
N THR A 21 13.07 6.05 5.44
CA THR A 21 13.69 6.80 6.52
C THR A 21 13.77 5.98 7.79
N THR A 22 14.67 6.36 8.69
CA THR A 22 14.85 5.66 9.96
C THR A 22 13.52 5.46 10.67
N SER A 23 12.74 6.53 10.77
CA SER A 23 11.45 6.48 11.44
C SER A 23 10.32 6.42 10.41
N THR A 24 10.47 7.17 9.33
CA THR A 24 9.46 7.20 8.28
C THR A 24 9.92 6.41 7.06
N THR A 25 8.98 6.14 6.15
CA THR A 25 9.28 5.38 4.94
C THR A 25 8.47 5.89 3.75
N GLU A 26 9.16 6.41 2.75
CA GLU A 26 8.50 6.93 1.55
C GLU A 26 8.02 5.79 0.65
N LEU A 27 7.14 6.12 -0.28
CA LEU A 27 6.61 5.13 -1.21
C LEU A 27 6.32 5.74 -2.58
N ALA A 28 6.20 4.89 -3.60
CA ALA A 28 5.92 5.37 -4.94
C ALA A 28 5.51 4.20 -5.85
N TRP A 29 4.22 4.12 -6.15
CA TRP A 29 3.70 3.06 -7.01
C TRP A 29 2.94 3.65 -8.20
N ASP A 30 2.40 2.77 -9.04
CA ASP A 30 1.65 3.19 -10.21
C ASP A 30 0.26 2.59 -10.22
N PRO A 31 -0.65 3.17 -11.02
CA PRO A 31 -2.02 2.70 -11.14
C PRO A 31 -2.12 1.35 -11.86
N PRO A 32 -3.15 0.58 -11.51
CA PRO A 32 -3.39 -0.75 -12.11
C PRO A 32 -3.81 -0.65 -13.57
N VAL A 33 -3.29 -1.56 -14.39
CA VAL A 33 -3.62 -1.58 -15.81
C VAL A 33 -5.13 -1.50 -16.03
N LEU A 34 -5.53 -0.66 -16.97
CA LEU A 34 -6.95 -0.49 -17.27
C LEU A 34 -7.61 -1.84 -17.55
N ALA A 35 -6.79 -2.85 -17.80
CA ALA A 35 -7.29 -4.19 -18.07
C ALA A 35 -7.68 -4.90 -16.77
N GLU A 36 -6.85 -4.75 -15.75
CA GLU A 36 -7.10 -5.38 -14.45
C GLU A 36 -8.18 -4.63 -13.68
N ARG A 37 -8.07 -3.30 -13.66
CA ARG A 37 -9.04 -2.47 -12.96
C ARG A 37 -10.38 -2.46 -13.68
N ASN A 38 -11.38 -3.10 -13.10
CA ASN A 38 -12.71 -3.17 -13.69
C ASN A 38 -13.26 -1.77 -13.95
N GLY A 39 -13.10 -0.88 -12.97
CA GLY A 39 -13.59 0.48 -13.13
C GLY A 39 -12.49 1.50 -12.91
N ARG A 40 -12.90 2.73 -12.55
CA ARG A 40 -11.95 3.80 -12.32
C ARG A 40 -11.45 3.78 -10.87
N ILE A 41 -10.35 4.47 -10.62
CA ILE A 41 -9.78 4.53 -9.27
C ILE A 41 -10.07 5.88 -8.61
N ILE A 42 -10.27 5.85 -7.29
CA ILE A 42 -10.56 7.06 -6.54
C ILE A 42 -9.49 7.32 -5.48
N SER A 43 -8.96 6.24 -4.91
CA SER A 43 -7.92 6.34 -3.89
C SER A 43 -7.31 4.98 -3.60
N TYR A 44 -6.34 4.95 -2.69
CA TYR A 44 -5.66 3.72 -2.32
C TYR A 44 -5.51 3.62 -0.81
N THR A 45 -5.07 2.45 -0.34
CA THR A 45 -4.88 2.22 1.09
C THR A 45 -3.53 1.57 1.36
N VAL A 46 -2.57 2.38 1.80
CA VAL A 46 -1.23 1.88 2.10
C VAL A 46 -1.19 1.19 3.46
N VAL A 47 -1.28 -0.13 3.46
CA VAL A 47 -1.25 -0.90 4.69
C VAL A 47 0.18 -1.33 5.04
N PHE A 48 0.67 -0.83 6.18
CA PHE A 48 2.02 -1.16 6.63
C PHE A 48 1.99 -1.81 8.01
N ARG A 49 2.84 -2.81 8.20
CA ARG A 49 2.91 -3.52 9.47
C ARG A 49 4.29 -4.15 9.67
N ASP A 50 4.67 -4.31 10.93
CA ASP A 50 5.97 -4.90 11.25
C ASP A 50 5.88 -6.42 11.29
N ILE A 51 6.52 -7.06 10.30
CA ILE A 51 6.50 -8.52 10.22
C ILE A 51 7.09 -9.15 11.47
N ASN A 52 7.95 -8.39 12.16
CA ASN A 52 8.58 -8.87 13.38
C ASN A 52 7.72 -8.56 14.60
N SER A 53 6.61 -7.86 14.37
CA SER A 53 5.71 -7.48 15.45
C SER A 53 4.25 -7.68 15.04
N GLN A 54 3.34 -7.39 15.95
CA GLN A 54 1.91 -7.55 15.68
C GLN A 54 1.23 -6.19 15.61
N GLN A 55 1.96 -5.18 15.15
CA GLN A 55 1.42 -3.84 15.02
C GLN A 55 0.93 -3.58 13.60
N GLU A 56 -0.37 -3.68 13.40
CA GLU A 56 -0.97 -3.45 12.09
C GLU A 56 -1.40 -2.00 11.92
N LEU A 57 -1.14 -1.44 10.74
CA LEU A 57 -1.50 -0.06 10.46
C LEU A 57 -1.68 0.16 8.96
N GLN A 58 -2.34 1.26 8.61
CA GLN A 58 -2.59 1.59 7.21
C GLN A 58 -2.90 3.07 7.04
N ASN A 59 -2.81 3.54 5.80
CA ASN A 59 -3.10 4.95 5.51
C ASN A 59 -3.89 5.08 4.21
N ILE A 60 -4.36 6.30 3.94
CA ILE A 60 -5.14 6.55 2.73
C ILE A 60 -4.71 7.87 2.08
N THR A 61 -4.56 7.84 0.76
CA THR A 61 -4.16 9.03 0.00
C THR A 61 -4.71 8.99 -1.42
N THR A 62 -5.05 10.15 -1.94
CA THR A 62 -5.59 10.26 -3.29
C THR A 62 -4.47 10.27 -4.33
N ASP A 63 -3.29 9.83 -3.91
CA ASP A 63 -2.13 9.79 -4.80
C ASP A 63 -1.55 8.38 -4.88
N THR A 64 -0.77 8.12 -5.93
CA THR A 64 -0.17 6.81 -6.12
C THR A 64 1.11 6.67 -5.29
N ARG A 65 1.24 7.51 -4.27
CA ARG A 65 2.41 7.48 -3.39
C ARG A 65 2.02 7.76 -1.95
N PHE A 66 2.95 7.53 -1.04
CA PHE A 66 2.70 7.76 0.39
C PHE A 66 3.99 7.59 1.19
N THR A 67 4.00 8.16 2.40
CA THR A 67 5.16 8.08 3.27
C THR A 67 4.76 7.67 4.68
N LEU A 68 5.10 6.44 5.06
CA LEU A 68 4.77 5.93 6.39
C LEU A 68 5.45 6.76 7.47
N THR A 69 5.13 6.46 8.72
CA THR A 69 5.69 7.18 9.86
C THR A 69 5.55 6.40 11.14
N GLY A 70 6.17 6.88 12.21
CA GLY A 70 6.09 6.21 13.49
C GLY A 70 6.62 4.79 13.43
N LEU A 71 7.66 4.58 12.62
CA LEU A 71 8.25 3.25 12.47
C LEU A 71 9.61 3.19 13.18
N LYS A 72 10.10 1.97 13.39
CA LYS A 72 11.38 1.77 14.04
C LYS A 72 12.50 1.56 13.03
N PRO A 73 13.68 2.11 13.30
CA PRO A 73 14.84 2.00 12.42
C PRO A 73 15.41 0.57 12.40
N ASP A 74 15.85 0.14 11.23
CA ASP A 74 16.42 -1.20 11.08
C ASP A 74 15.39 -2.27 11.43
N THR A 75 14.20 -2.14 10.87
CA THR A 75 13.13 -3.09 11.12
C THR A 75 12.25 -3.27 9.89
N THR A 76 12.11 -4.53 9.45
CA THR A 76 11.29 -4.83 8.28
C THR A 76 9.84 -4.44 8.51
N TYR A 77 9.26 -3.74 7.54
CA TYR A 77 7.87 -3.29 7.64
C TYR A 77 7.08 -3.73 6.41
N ASP A 78 6.21 -4.72 6.59
CA ASP A 78 5.39 -5.23 5.50
C ASP A 78 4.42 -4.16 5.01
N ILE A 79 4.81 -3.46 3.95
CA ILE A 79 3.96 -2.41 3.39
C ILE A 79 3.34 -2.85 2.06
N LYS A 80 2.06 -2.59 1.90
CA LYS A 80 1.34 -2.95 0.68
C LYS A 80 0.42 -1.83 0.23
N VAL A 81 -0.34 -2.09 -0.83
CA VAL A 81 -1.27 -1.09 -1.35
C VAL A 81 -2.42 -1.76 -2.09
N ARG A 82 -3.52 -1.03 -2.25
CA ARG A 82 -4.71 -1.56 -2.93
C ARG A 82 -5.55 -0.42 -3.50
N ALA A 83 -5.92 -0.54 -4.77
CA ALA A 83 -6.73 0.47 -5.43
C ALA A 83 -8.19 0.39 -4.98
N TRP A 84 -8.86 1.53 -4.96
CA TRP A 84 -10.26 1.59 -4.55
C TRP A 84 -11.13 2.20 -5.64
N THR A 85 -12.36 1.72 -5.74
CA THR A 85 -13.29 2.20 -6.75
C THR A 85 -14.58 2.72 -6.12
N SER A 86 -15.36 3.45 -6.89
CA SER A 86 -16.62 4.00 -6.39
C SER A 86 -17.45 2.92 -5.70
N LYS A 87 -17.25 1.68 -6.11
CA LYS A 87 -17.98 0.55 -5.54
C LYS A 87 -17.45 0.23 -4.14
N GLY A 88 -16.17 -0.10 -4.06
CA GLY A 88 -15.56 -0.43 -2.78
C GLY A 88 -14.06 -0.64 -2.89
N SER A 89 -13.60 -1.78 -2.38
CA SER A 89 -12.17 -2.11 -2.41
C SER A 89 -11.94 -3.41 -3.19
N GLY A 90 -10.66 -3.71 -3.44
CA GLY A 90 -10.32 -4.92 -4.16
C GLY A 90 -9.24 -5.72 -3.47
N PRO A 91 -8.35 -6.34 -4.27
CA PRO A 91 -7.24 -7.15 -3.76
C PRO A 91 -6.18 -6.30 -3.05
N LEU A 92 -5.21 -6.97 -2.45
CA LEU A 92 -4.14 -6.28 -1.74
C LEU A 92 -2.78 -6.60 -2.37
N SER A 93 -2.11 -5.56 -2.86
CA SER A 93 -0.80 -5.72 -3.49
C SER A 93 0.14 -6.50 -2.58
N PRO A 94 1.14 -7.16 -3.20
CA PRO A 94 2.13 -7.95 -2.47
C PRO A 94 3.08 -7.09 -1.65
N SER A 95 3.03 -7.25 -0.33
CA SER A 95 3.88 -6.48 0.57
C SER A 95 5.33 -6.53 0.11
N ILE A 96 6.08 -5.46 0.39
CA ILE A 96 7.48 -5.39 0.00
C ILE A 96 8.40 -5.60 1.21
N GLN A 97 7.88 -5.29 2.39
CA GLN A 97 8.64 -5.45 3.62
C GLN A 97 9.88 -4.55 3.61
N SER A 98 9.68 -3.27 3.31
CA SER A 98 10.78 -2.31 3.27
C SER A 98 11.28 -1.99 4.67
N ARG A 99 12.45 -2.51 5.00
CA ARG A 99 13.04 -2.27 6.32
C ARG A 99 13.66 -0.88 6.40
N THR A 100 13.08 -0.03 7.24
CA THR A 100 13.57 1.34 7.40
C THR A 100 15.09 1.37 7.47
N MET A 101 15.67 2.51 7.12
CA MET A 101 17.12 2.67 7.14
C MET A 101 17.65 2.64 8.58
N PRO A 102 18.80 1.98 8.77
CA PRO A 102 19.44 1.87 10.09
C PRO A 102 20.00 3.20 10.58
N VAL A 103 19.26 3.86 11.46
CA VAL A 103 19.69 5.14 12.01
C VAL A 103 21.16 5.11 12.40
N GLY A 1 -18.00 -14.85 3.64
CA GLY A 1 -18.79 -14.92 2.43
C GLY A 1 -18.05 -14.40 1.22
N SER A 2 -18.03 -15.19 0.15
CA SER A 2 -17.34 -14.81 -1.07
C SER A 2 -18.21 -13.88 -1.92
N SER A 3 -18.86 -12.93 -1.26
CA SER A 3 -19.72 -11.97 -1.93
C SER A 3 -19.07 -10.59 -1.99
N GLY A 4 -18.30 -10.35 -3.04
CA GLY A 4 -17.63 -9.07 -3.19
C GLY A 4 -17.09 -8.86 -4.60
N SER A 5 -17.98 -8.84 -5.58
CA SER A 5 -17.60 -8.66 -6.97
C SER A 5 -17.91 -7.24 -7.43
N SER A 6 -17.71 -6.27 -6.55
CA SER A 6 -17.98 -4.88 -6.88
C SER A 6 -16.69 -4.13 -7.18
N GLY A 7 -15.84 -3.98 -6.17
CA GLY A 7 -14.58 -3.29 -6.35
C GLY A 7 -13.75 -3.88 -7.48
N PRO A 8 -12.50 -3.41 -7.60
CA PRO A 8 -11.57 -3.88 -8.65
C PRO A 8 -11.13 -5.32 -8.41
N SER A 9 -10.42 -5.88 -9.38
CA SER A 9 -9.94 -7.26 -9.29
C SER A 9 -8.42 -7.30 -9.44
N GLY A 10 -7.84 -6.20 -9.92
CA GLY A 10 -6.40 -6.14 -10.11
C GLY A 10 -5.74 -5.16 -9.16
N PHE A 11 -4.44 -5.35 -8.93
CA PHE A 11 -3.69 -4.48 -8.04
C PHE A 11 -2.64 -3.68 -8.82
N PRO A 12 -2.20 -2.55 -8.24
CA PRO A 12 -1.20 -1.68 -8.86
C PRO A 12 0.19 -2.31 -8.88
N GLN A 13 1.09 -1.72 -9.66
CA GLN A 13 2.44 -2.23 -9.77
C GLN A 13 3.46 -1.15 -9.44
N ASN A 14 4.74 -1.50 -9.54
CA ASN A 14 5.82 -0.55 -9.25
C ASN A 14 5.78 -0.11 -7.79
N LEU A 15 5.26 -0.98 -6.94
CA LEU A 15 5.16 -0.69 -5.51
C LEU A 15 6.53 -0.85 -4.84
N HIS A 16 7.08 0.26 -4.36
CA HIS A 16 8.37 0.23 -3.70
C HIS A 16 8.63 1.56 -2.97
N VAL A 17 9.83 1.70 -2.40
CA VAL A 17 10.19 2.91 -1.69
C VAL A 17 11.17 3.75 -2.50
N THR A 18 10.85 5.04 -2.63
CA THR A 18 11.70 5.96 -3.38
C THR A 18 12.66 6.70 -2.46
N GLY A 19 12.40 6.62 -1.16
CA GLY A 19 13.25 7.29 -0.18
C GLY A 19 12.82 7.03 1.25
N LEU A 20 13.13 5.84 1.75
CA LEU A 20 12.77 5.46 3.11
C LEU A 20 13.52 6.33 4.12
N THR A 21 13.12 6.22 5.38
CA THR A 21 13.76 6.98 6.45
C THR A 21 13.82 6.18 7.74
N THR A 22 14.78 6.51 8.60
CA THR A 22 14.94 5.81 9.87
C THR A 22 13.60 5.58 10.55
N SER A 23 12.78 6.62 10.62
CA SER A 23 11.46 6.52 11.25
C SER A 23 10.36 6.45 10.19
N THR A 24 10.46 7.33 9.19
CA THR A 24 9.48 7.38 8.12
C THR A 24 9.93 6.54 6.93
N THR A 25 8.98 6.21 6.06
CA THR A 25 9.27 5.41 4.87
C THR A 25 8.47 5.90 3.67
N GLU A 26 9.16 6.45 2.68
CA GLU A 26 8.49 6.94 1.48
C GLU A 26 8.05 5.80 0.58
N LEU A 27 7.08 6.06 -0.28
CA LEU A 27 6.57 5.04 -1.20
C LEU A 27 6.29 5.64 -2.57
N ALA A 28 6.15 4.77 -3.57
CA ALA A 28 5.86 5.21 -4.93
C ALA A 28 5.45 4.04 -5.81
N TRP A 29 4.17 3.99 -6.15
CA TRP A 29 3.64 2.92 -6.99
C TRP A 29 2.88 3.48 -8.18
N ASP A 30 2.36 2.59 -9.02
CA ASP A 30 1.61 3.01 -10.20
C ASP A 30 0.21 2.40 -10.20
N PRO A 31 -0.70 3.01 -10.96
CA PRO A 31 -2.08 2.55 -11.07
C PRO A 31 -2.21 1.23 -11.81
N PRO A 32 -3.36 0.56 -11.65
CA PRO A 32 -3.62 -0.73 -12.30
C PRO A 32 -3.80 -0.59 -13.80
N VAL A 33 -3.11 -1.43 -14.56
CA VAL A 33 -3.20 -1.41 -16.01
C VAL A 33 -4.64 -1.32 -16.48
N LEU A 34 -4.90 -0.47 -17.47
CA LEU A 34 -6.23 -0.30 -18.01
C LEU A 34 -6.91 -1.65 -18.24
N ALA A 35 -6.11 -2.66 -18.57
CA ALA A 35 -6.63 -3.99 -18.82
C ALA A 35 -7.32 -4.55 -17.58
N GLU A 36 -6.77 -4.26 -16.41
CA GLU A 36 -7.33 -4.74 -15.16
C GLU A 36 -7.93 -3.58 -14.36
N ARG A 37 -8.77 -2.78 -15.02
CA ARG A 37 -9.40 -1.64 -14.37
C ARG A 37 -10.92 -1.73 -14.48
N ASN A 38 -11.52 -2.56 -13.63
CA ASN A 38 -12.97 -2.75 -13.64
C ASN A 38 -13.68 -1.43 -13.94
N GLY A 39 -13.20 -0.36 -13.31
CA GLY A 39 -13.81 0.95 -13.52
C GLY A 39 -12.82 2.07 -13.38
N ARG A 40 -13.08 2.98 -12.43
CA ARG A 40 -12.20 4.11 -12.20
C ARG A 40 -11.72 4.14 -10.75
N ILE A 41 -10.47 4.56 -10.56
CA ILE A 41 -9.89 4.63 -9.23
C ILE A 41 -10.19 5.98 -8.57
N ILE A 42 -10.24 5.98 -7.24
CA ILE A 42 -10.51 7.20 -6.50
C ILE A 42 -9.46 7.43 -5.43
N SER A 43 -8.91 6.34 -4.89
CA SER A 43 -7.89 6.43 -3.85
C SER A 43 -7.24 5.07 -3.61
N TYR A 44 -6.25 5.04 -2.71
CA TYR A 44 -5.55 3.81 -2.40
C TYR A 44 -5.32 3.69 -0.89
N THR A 45 -5.14 2.46 -0.42
CA THR A 45 -4.91 2.21 1.00
C THR A 45 -3.54 1.59 1.23
N VAL A 46 -2.65 2.34 1.87
CA VAL A 46 -1.30 1.87 2.15
C VAL A 46 -1.24 1.18 3.51
N VAL A 47 -1.31 -0.15 3.49
CA VAL A 47 -1.26 -0.93 4.72
C VAL A 47 0.17 -1.32 5.07
N PHE A 48 0.66 -0.83 6.20
CA PHE A 48 2.01 -1.13 6.64
C PHE A 48 2.00 -1.80 8.01
N ARG A 49 2.88 -2.79 8.18
CA ARG A 49 2.97 -3.51 9.44
C ARG A 49 4.35 -4.16 9.61
N ASP A 50 4.84 -4.19 10.84
CA ASP A 50 6.14 -4.77 11.13
C ASP A 50 6.07 -6.29 11.13
N ILE A 51 6.70 -6.91 10.15
CA ILE A 51 6.71 -8.37 10.04
C ILE A 51 7.28 -9.01 11.30
N ASN A 52 7.89 -8.20 12.16
CA ASN A 52 8.47 -8.68 13.39
C ASN A 52 7.51 -8.49 14.57
N SER A 53 6.50 -7.65 14.36
CA SER A 53 5.51 -7.37 15.40
C SER A 53 4.11 -7.71 14.91
N GLN A 54 3.13 -7.53 15.78
CA GLN A 54 1.74 -7.82 15.45
C GLN A 54 0.91 -6.53 15.41
N GLN A 55 1.57 -5.42 15.11
CA GLN A 55 0.90 -4.13 15.05
C GLN A 55 0.56 -3.76 13.61
N GLU A 56 -0.65 -4.08 13.19
CA GLU A 56 -1.10 -3.77 11.83
C GLU A 56 -1.57 -2.33 11.72
N LEU A 57 -1.22 -1.68 10.61
CA LEU A 57 -1.61 -0.29 10.38
C LEU A 57 -1.71 0.01 8.89
N GLN A 58 -2.37 1.11 8.55
CA GLN A 58 -2.53 1.51 7.16
C GLN A 58 -2.85 2.99 7.06
N ASN A 59 -2.86 3.51 5.83
CA ASN A 59 -3.16 4.91 5.59
C ASN A 59 -3.95 5.09 4.30
N ILE A 60 -4.44 6.31 4.08
CA ILE A 60 -5.21 6.61 2.88
C ILE A 60 -4.73 7.90 2.23
N THR A 61 -4.54 7.85 0.91
CA THR A 61 -4.09 9.02 0.16
C THR A 61 -4.66 9.03 -1.25
N THR A 62 -5.03 10.21 -1.72
CA THR A 62 -5.60 10.35 -3.06
C THR A 62 -4.50 10.34 -4.12
N ASP A 63 -3.29 9.97 -3.72
CA ASP A 63 -2.16 9.91 -4.63
C ASP A 63 -1.63 8.48 -4.74
N THR A 64 -0.88 8.22 -5.80
CA THR A 64 -0.30 6.90 -6.03
C THR A 64 0.97 6.70 -5.22
N ARG A 65 1.15 7.55 -4.21
CA ARG A 65 2.33 7.47 -3.35
C ARG A 65 1.97 7.76 -1.90
N PHE A 66 2.90 7.45 -0.99
CA PHE A 66 2.67 7.68 0.43
C PHE A 66 3.97 7.55 1.21
N THR A 67 4.01 8.14 2.41
CA THR A 67 5.19 8.10 3.26
C THR A 67 4.83 7.75 4.69
N LEU A 68 5.14 6.52 5.10
CA LEU A 68 4.84 6.06 6.45
C LEU A 68 5.56 6.93 7.48
N THR A 69 5.23 6.71 8.75
CA THR A 69 5.84 7.46 9.83
C THR A 69 5.69 6.73 11.17
N GLY A 70 6.41 7.20 12.19
CA GLY A 70 6.35 6.59 13.49
C GLY A 70 6.79 5.13 13.47
N LEU A 71 7.89 4.87 12.78
CA LEU A 71 8.42 3.51 12.68
C LEU A 71 9.77 3.41 13.38
N LYS A 72 10.34 2.21 13.38
CA LYS A 72 11.63 1.97 14.02
C LYS A 72 12.73 1.77 12.98
N PRO A 73 13.92 2.30 13.25
CA PRO A 73 15.07 2.20 12.35
C PRO A 73 15.61 0.77 12.28
N ASP A 74 16.02 0.36 11.09
CA ASP A 74 16.57 -0.98 10.88
C ASP A 74 15.53 -2.04 11.23
N THR A 75 14.33 -1.89 10.69
CA THR A 75 13.25 -2.83 10.94
C THR A 75 12.36 -3.00 9.71
N THR A 76 12.20 -4.23 9.26
CA THR A 76 11.38 -4.52 8.09
C THR A 76 9.92 -4.21 8.37
N TYR A 77 9.30 -3.45 7.47
CA TYR A 77 7.89 -3.08 7.62
C TYR A 77 7.09 -3.49 6.39
N ASP A 78 6.28 -4.53 6.55
CA ASP A 78 5.45 -5.02 5.45
C ASP A 78 4.46 -3.95 4.99
N ILE A 79 4.79 -3.28 3.89
CA ILE A 79 3.94 -2.24 3.35
C ILE A 79 3.33 -2.66 2.01
N LYS A 80 2.02 -2.51 1.89
CA LYS A 80 1.32 -2.87 0.66
C LYS A 80 0.39 -1.75 0.21
N VAL A 81 -0.39 -2.00 -0.84
CA VAL A 81 -1.32 -1.02 -1.36
C VAL A 81 -2.46 -1.69 -2.11
N ARG A 82 -3.55 -0.95 -2.30
CA ARG A 82 -4.72 -1.47 -3.01
C ARG A 82 -5.57 -0.34 -3.56
N ALA A 83 -5.94 -0.45 -4.84
CA ALA A 83 -6.75 0.57 -5.49
C ALA A 83 -8.20 0.50 -5.01
N TRP A 84 -8.88 1.64 -5.03
CA TRP A 84 -10.27 1.71 -4.59
C TRP A 84 -11.15 2.32 -5.68
N THR A 85 -12.33 1.74 -5.88
CA THR A 85 -13.27 2.22 -6.89
C THR A 85 -14.51 2.81 -6.23
N SER A 86 -15.24 3.62 -6.99
CA SER A 86 -16.46 4.26 -6.49
C SER A 86 -17.32 3.25 -5.75
N LYS A 87 -17.19 1.98 -6.10
CA LYS A 87 -17.96 0.92 -5.47
C LYS A 87 -17.38 0.59 -4.09
N GLY A 88 -16.14 0.11 -4.07
CA GLY A 88 -15.49 -0.22 -2.81
C GLY A 88 -14.00 -0.45 -2.97
N SER A 89 -13.54 -1.62 -2.52
CA SER A 89 -12.13 -1.96 -2.61
C SER A 89 -11.93 -3.29 -3.33
N GLY A 90 -10.67 -3.65 -3.55
CA GLY A 90 -10.36 -4.90 -4.23
C GLY A 90 -9.29 -5.70 -3.52
N PRO A 91 -8.39 -6.31 -4.29
CA PRO A 91 -7.30 -7.12 -3.75
C PRO A 91 -6.25 -6.28 -3.04
N LEU A 92 -5.23 -6.93 -2.50
CA LEU A 92 -4.16 -6.24 -1.80
C LEU A 92 -2.80 -6.54 -2.43
N SER A 93 -2.13 -5.49 -2.89
CA SER A 93 -0.83 -5.63 -3.53
C SER A 93 0.14 -6.36 -2.61
N PRO A 94 1.15 -7.01 -3.22
CA PRO A 94 2.17 -7.77 -2.48
C PRO A 94 3.10 -6.86 -1.68
N SER A 95 3.03 -6.96 -0.36
CA SER A 95 3.86 -6.14 0.52
C SER A 95 5.29 -6.08 -0.01
N ILE A 96 6.01 -5.01 0.36
CA ILE A 96 7.38 -4.83 -0.08
C ILE A 96 8.36 -5.05 1.08
N GLN A 97 7.88 -4.83 2.29
CA GLN A 97 8.70 -5.01 3.49
C GLN A 97 9.88 -4.05 3.48
N SER A 98 9.59 -2.76 3.25
CA SER A 98 10.63 -1.74 3.22
C SER A 98 11.20 -1.50 4.62
N ARG A 99 12.40 -2.03 4.85
CA ARG A 99 13.06 -1.87 6.14
C ARG A 99 13.71 -0.50 6.26
N THR A 100 13.16 0.34 7.15
CA THR A 100 13.68 1.68 7.35
C THR A 100 15.20 1.68 7.37
N MET A 101 15.79 2.81 6.96
CA MET A 101 17.24 2.94 6.94
C MET A 101 17.82 2.83 8.34
N PRO A 102 18.95 2.09 8.47
CA PRO A 102 19.62 1.90 9.74
C PRO A 102 20.28 3.17 10.26
N VAL A 103 19.63 3.83 11.22
CA VAL A 103 20.16 5.07 11.79
C VAL A 103 21.69 5.03 11.86
N GLY A 1 -14.90 -12.85 5.86
CA GLY A 1 -14.52 -11.45 5.95
C GLY A 1 -14.62 -10.74 4.61
N SER A 2 -14.51 -9.42 4.63
CA SER A 2 -14.59 -8.62 3.42
C SER A 2 -13.67 -9.18 2.34
N SER A 3 -14.26 -9.90 1.38
CA SER A 3 -13.50 -10.49 0.28
C SER A 3 -13.46 -9.56 -0.92
N GLY A 4 -14.63 -9.09 -1.34
CA GLY A 4 -14.71 -8.20 -2.48
C GLY A 4 -16.11 -7.63 -2.68
N SER A 5 -16.26 -6.34 -2.41
CA SER A 5 -17.55 -5.68 -2.54
C SER A 5 -17.65 -4.99 -3.90
N SER A 6 -17.99 -5.75 -4.92
CA SER A 6 -18.12 -5.21 -6.27
C SER A 6 -17.00 -4.23 -6.59
N GLY A 7 -15.82 -4.50 -6.03
CA GLY A 7 -14.68 -3.63 -6.24
C GLY A 7 -13.82 -4.09 -7.40
N PRO A 8 -12.61 -3.51 -7.51
CA PRO A 8 -11.67 -3.85 -8.59
C PRO A 8 -11.09 -5.24 -8.42
N SER A 9 -10.77 -5.89 -9.53
CA SER A 9 -10.20 -7.23 -9.51
C SER A 9 -8.73 -7.20 -9.91
N GLY A 10 -8.07 -6.10 -9.60
CA GLY A 10 -6.65 -5.96 -9.92
C GLY A 10 -5.90 -5.09 -8.94
N PHE A 11 -4.58 -5.15 -8.99
CA PHE A 11 -3.75 -4.36 -8.09
C PHE A 11 -2.68 -3.59 -8.87
N PRO A 12 -2.22 -2.48 -8.28
CA PRO A 12 -1.19 -1.62 -8.90
C PRO A 12 0.17 -2.29 -8.93
N GLN A 13 1.10 -1.71 -9.68
CA GLN A 13 2.45 -2.25 -9.81
C GLN A 13 3.49 -1.19 -9.47
N ASN A 14 4.76 -1.58 -9.52
CA ASN A 14 5.86 -0.66 -9.21
C ASN A 14 5.78 -0.18 -7.77
N LEU A 15 5.30 -1.04 -6.88
CA LEU A 15 5.18 -0.70 -5.47
C LEU A 15 6.52 -0.84 -4.75
N HIS A 16 7.14 0.29 -4.45
CA HIS A 16 8.42 0.30 -3.76
C HIS A 16 8.65 1.63 -3.04
N VAL A 17 9.83 1.78 -2.45
CA VAL A 17 10.17 3.00 -1.72
C VAL A 17 11.11 3.87 -2.53
N THR A 18 10.91 5.18 -2.45
CA THR A 18 11.75 6.13 -3.18
C THR A 18 12.69 6.87 -2.24
N GLY A 19 12.52 6.63 -0.94
CA GLY A 19 13.36 7.29 0.04
C GLY A 19 12.89 7.03 1.47
N LEU A 20 13.18 5.85 1.98
CA LEU A 20 12.78 5.48 3.34
C LEU A 20 13.51 6.35 4.36
N THR A 21 13.11 6.20 5.63
CA THR A 21 13.72 6.96 6.71
C THR A 21 13.80 6.14 7.99
N THR A 22 14.80 6.45 8.82
CA THR A 22 14.98 5.73 10.07
C THR A 22 13.66 5.57 10.82
N SER A 23 12.85 6.62 10.81
CA SER A 23 11.56 6.60 11.49
C SER A 23 10.42 6.49 10.47
N THR A 24 10.49 7.32 9.43
CA THR A 24 9.46 7.32 8.40
C THR A 24 9.91 6.52 7.19
N THR A 25 8.97 6.26 6.27
CA THR A 25 9.28 5.50 5.06
C THR A 25 8.44 6.00 3.88
N GLU A 26 9.12 6.43 2.83
CA GLU A 26 8.44 6.93 1.64
C GLU A 26 8.01 5.78 0.74
N LEU A 27 7.11 6.07 -0.20
CA LEU A 27 6.60 5.06 -1.12
C LEU A 27 6.32 5.67 -2.48
N ALA A 28 6.20 4.82 -3.50
CA ALA A 28 5.94 5.27 -4.86
C ALA A 28 5.50 4.10 -5.75
N TRP A 29 4.23 4.09 -6.12
CA TRP A 29 3.69 3.03 -6.97
C TRP A 29 2.91 3.62 -8.13
N ASP A 30 2.41 2.74 -9.01
CA ASP A 30 1.63 3.17 -10.16
C ASP A 30 0.25 2.54 -10.15
N PRO A 31 -0.68 3.12 -10.92
CA PRO A 31 -2.06 2.63 -11.03
C PRO A 31 -2.14 1.30 -11.76
N PRO A 32 -3.29 0.61 -11.60
CA PRO A 32 -3.51 -0.68 -12.24
C PRO A 32 -3.69 -0.57 -13.75
N VAL A 33 -3.41 -1.65 -14.47
CA VAL A 33 -3.53 -1.66 -15.92
C VAL A 33 -4.98 -1.50 -16.36
N LEU A 34 -5.21 -0.68 -17.37
CA LEU A 34 -6.55 -0.44 -17.88
C LEU A 34 -7.23 -1.75 -18.26
N ALA A 35 -6.44 -2.80 -18.42
CA ALA A 35 -6.96 -4.11 -18.77
C ALA A 35 -7.71 -4.74 -17.59
N GLU A 36 -7.07 -4.74 -16.42
CA GLU A 36 -7.67 -5.30 -15.22
C GLU A 36 -8.71 -4.36 -14.63
N ARG A 37 -8.45 -3.05 -14.76
CA ARG A 37 -9.35 -2.04 -14.23
C ARG A 37 -10.80 -2.36 -14.57
N ASN A 38 -11.59 -2.70 -13.56
CA ASN A 38 -12.99 -3.04 -13.75
C ASN A 38 -13.85 -1.78 -13.87
N GLY A 39 -13.31 -0.67 -13.37
CA GLY A 39 -14.04 0.59 -13.43
C GLY A 39 -13.12 1.79 -13.37
N ARG A 40 -13.16 2.51 -12.26
CA ARG A 40 -12.32 3.69 -12.08
C ARG A 40 -11.73 3.74 -10.67
N ILE A 41 -10.61 4.44 -10.53
CA ILE A 41 -9.95 4.56 -9.24
C ILE A 41 -10.30 5.88 -8.56
N ILE A 42 -10.28 5.88 -7.22
CA ILE A 42 -10.59 7.08 -6.46
C ILE A 42 -9.54 7.34 -5.40
N SER A 43 -8.97 6.26 -4.85
CA SER A 43 -7.95 6.38 -3.81
C SER A 43 -7.26 5.04 -3.57
N TYR A 44 -6.29 5.03 -2.67
CA TYR A 44 -5.56 3.81 -2.35
C TYR A 44 -5.33 3.69 -0.85
N THR A 45 -5.08 2.46 -0.40
CA THR A 45 -4.85 2.20 1.02
C THR A 45 -3.49 1.54 1.24
N VAL A 46 -2.56 2.28 1.85
CA VAL A 46 -1.23 1.77 2.12
C VAL A 46 -1.17 1.10 3.49
N VAL A 47 -1.34 -0.22 3.50
CA VAL A 47 -1.31 -0.98 4.75
C VAL A 47 0.12 -1.39 5.10
N PHE A 48 0.66 -0.77 6.15
CA PHE A 48 2.03 -1.07 6.59
C PHE A 48 2.01 -1.73 7.96
N ARG A 49 2.85 -2.76 8.12
CA ARG A 49 2.94 -3.48 9.38
C ARG A 49 4.30 -4.15 9.53
N ASP A 50 4.85 -4.09 10.74
CA ASP A 50 6.16 -4.69 11.03
C ASP A 50 6.05 -6.20 11.09
N ILE A 51 6.69 -6.87 10.13
CA ILE A 51 6.68 -8.33 10.08
C ILE A 51 7.27 -8.92 11.35
N ASN A 52 7.88 -8.08 12.17
CA ASN A 52 8.50 -8.53 13.41
C ASN A 52 7.55 -8.29 14.60
N SER A 53 6.50 -7.51 14.36
CA SER A 53 5.53 -7.20 15.41
C SER A 53 4.12 -7.59 14.96
N GLN A 54 3.16 -7.43 15.87
CA GLN A 54 1.77 -7.75 15.57
C GLN A 54 0.92 -6.49 15.45
N GLN A 55 1.59 -5.36 15.29
CA GLN A 55 0.90 -4.07 15.17
C GLN A 55 0.64 -3.73 13.70
N GLU A 56 -0.61 -3.90 13.27
CA GLU A 56 -0.98 -3.60 11.89
C GLU A 56 -1.48 -2.16 11.76
N LEU A 57 -1.16 -1.54 10.63
CA LEU A 57 -1.58 -0.17 10.37
C LEU A 57 -1.72 0.10 8.88
N GLN A 58 -2.34 1.21 8.53
CA GLN A 58 -2.54 1.57 7.13
C GLN A 58 -2.83 3.07 6.99
N ASN A 59 -2.86 3.54 5.75
CA ASN A 59 -3.13 4.95 5.48
C ASN A 59 -3.90 5.12 4.18
N ILE A 60 -4.34 6.34 3.91
CA ILE A 60 -5.08 6.63 2.69
C ILE A 60 -4.57 7.91 2.01
N THR A 61 -4.39 7.84 0.70
CA THR A 61 -3.91 8.98 -0.07
C THR A 61 -4.40 8.93 -1.51
N THR A 62 -5.12 9.97 -1.92
CA THR A 62 -5.65 10.05 -3.27
C THR A 62 -4.54 9.92 -4.31
N ASP A 63 -3.29 10.06 -3.86
CA ASP A 63 -2.14 9.97 -4.75
C ASP A 63 -1.61 8.55 -4.79
N THR A 64 -0.83 8.24 -5.82
CA THR A 64 -0.25 6.91 -5.98
C THR A 64 1.02 6.76 -5.17
N ARG A 65 1.20 7.63 -4.18
CA ARG A 65 2.38 7.61 -3.33
C ARG A 65 2.02 7.93 -1.88
N PHE A 66 2.88 7.51 -0.96
CA PHE A 66 2.65 7.74 0.47
C PHE A 66 3.95 7.66 1.25
N THR A 67 3.91 8.09 2.51
CA THR A 67 5.08 8.05 3.36
C THR A 67 4.72 7.67 4.79
N LEU A 68 5.06 6.44 5.17
CA LEU A 68 4.77 5.95 6.51
C LEU A 68 5.47 6.80 7.57
N THR A 69 5.17 6.51 8.84
CA THR A 69 5.78 7.25 9.94
C THR A 69 5.67 6.46 11.25
N GLY A 70 6.43 6.89 12.25
CA GLY A 70 6.41 6.22 13.54
C GLY A 70 6.90 4.78 13.45
N LEU A 71 7.94 4.56 12.65
CA LEU A 71 8.49 3.22 12.47
C LEU A 71 9.85 3.11 13.15
N LYS A 72 10.30 1.88 13.35
CA LYS A 72 11.60 1.63 13.97
C LYS A 72 12.69 1.49 12.93
N PRO A 73 13.87 2.06 13.21
CA PRO A 73 15.03 2.01 12.31
C PRO A 73 15.62 0.62 12.21
N ASP A 74 16.05 0.25 11.00
CA ASP A 74 16.65 -1.06 10.77
C ASP A 74 15.65 -2.17 11.08
N THR A 75 14.41 -2.00 10.62
CA THR A 75 13.37 -2.98 10.85
C THR A 75 12.49 -3.15 9.63
N THR A 76 12.23 -4.40 9.25
CA THR A 76 11.40 -4.69 8.08
C THR A 76 9.94 -4.31 8.34
N TYR A 77 9.33 -3.65 7.37
CA TYR A 77 7.94 -3.23 7.50
C TYR A 77 7.13 -3.66 6.27
N ASP A 78 6.25 -4.63 6.46
CA ASP A 78 5.41 -5.13 5.38
C ASP A 78 4.42 -4.06 4.91
N ILE A 79 4.79 -3.34 3.86
CA ILE A 79 3.94 -2.30 3.31
C ILE A 79 3.32 -2.72 1.97
N LYS A 80 2.02 -2.47 1.82
CA LYS A 80 1.32 -2.82 0.59
C LYS A 80 0.39 -1.70 0.17
N VAL A 81 -0.39 -1.95 -0.89
CA VAL A 81 -1.33 -0.95 -1.39
C VAL A 81 -2.50 -1.62 -2.12
N ARG A 82 -3.56 -0.86 -2.33
CA ARG A 82 -4.75 -1.39 -3.00
C ARG A 82 -5.58 -0.25 -3.59
N ALA A 83 -6.17 -0.49 -4.75
CA ALA A 83 -7.00 0.50 -5.42
C ALA A 83 -8.45 0.41 -4.96
N TRP A 84 -9.11 1.55 -4.87
CA TRP A 84 -10.50 1.61 -4.44
C TRP A 84 -11.39 2.19 -5.55
N THR A 85 -12.61 1.68 -5.64
CA THR A 85 -13.55 2.16 -6.65
C THR A 85 -14.86 2.62 -6.01
N SER A 86 -15.59 3.47 -6.72
CA SER A 86 -16.86 3.99 -6.22
C SER A 86 -17.70 2.88 -5.60
N LYS A 87 -17.46 1.65 -6.03
CA LYS A 87 -18.19 0.49 -5.53
C LYS A 87 -17.65 0.06 -4.17
N GLY A 88 -16.38 -0.34 -4.14
CA GLY A 88 -15.76 -0.77 -2.90
C GLY A 88 -14.27 -0.93 -3.02
N SER A 89 -13.73 -2.03 -2.49
CA SER A 89 -12.30 -2.29 -2.55
C SER A 89 -12.01 -3.57 -3.31
N GLY A 90 -10.74 -3.80 -3.62
CA GLY A 90 -10.34 -4.99 -4.34
C GLY A 90 -9.25 -5.77 -3.65
N PRO A 91 -8.35 -6.37 -4.44
CA PRO A 91 -7.23 -7.16 -3.91
C PRO A 91 -6.19 -6.30 -3.21
N LEU A 92 -5.20 -6.95 -2.61
CA LEU A 92 -4.13 -6.23 -1.91
C LEU A 92 -2.78 -6.50 -2.55
N SER A 93 -2.11 -5.43 -2.98
CA SER A 93 -0.80 -5.56 -3.61
C SER A 93 0.17 -6.33 -2.72
N PRO A 94 1.17 -6.96 -3.36
CA PRO A 94 2.18 -7.75 -2.65
C PRO A 94 3.11 -6.88 -1.81
N SER A 95 3.07 -7.07 -0.49
CA SER A 95 3.91 -6.31 0.42
C SER A 95 5.36 -6.32 -0.04
N ILE A 96 6.08 -5.24 0.26
CA ILE A 96 7.49 -5.14 -0.11
C ILE A 96 8.40 -5.37 1.08
N GLN A 97 7.88 -5.11 2.28
CA GLN A 97 8.64 -5.31 3.50
C GLN A 97 9.86 -4.39 3.52
N SER A 98 9.66 -3.12 3.18
CA SER A 98 10.74 -2.15 3.16
C SER A 98 11.26 -1.87 4.57
N ARG A 99 12.52 -2.22 4.80
CA ARG A 99 13.14 -2.02 6.10
C ARG A 99 13.75 -0.62 6.21
N THR A 100 13.19 0.20 7.10
CA THR A 100 13.68 1.56 7.29
C THR A 100 15.20 1.60 7.33
N MET A 101 15.77 2.73 6.92
CA MET A 101 17.22 2.89 6.92
C MET A 101 17.79 2.81 8.33
N PRO A 102 18.94 2.14 8.47
CA PRO A 102 19.60 1.97 9.76
C PRO A 102 20.19 3.27 10.28
N VAL A 103 19.49 3.91 11.21
CA VAL A 103 19.94 5.16 11.80
C VAL A 103 21.39 5.07 12.23
N GLY A 1 -25.20 -13.39 2.89
CA GLY A 1 -25.34 -11.95 2.81
C GLY A 1 -25.70 -11.49 1.40
N SER A 2 -25.78 -10.17 1.22
CA SER A 2 -26.12 -9.60 -0.08
C SER A 2 -25.02 -8.67 -0.57
N SER A 3 -24.01 -9.23 -1.21
CA SER A 3 -22.89 -8.44 -1.72
C SER A 3 -22.11 -9.23 -2.78
N GLY A 4 -21.19 -8.55 -3.45
CA GLY A 4 -20.38 -9.20 -4.46
C GLY A 4 -18.98 -8.62 -4.56
N SER A 5 -18.33 -8.49 -3.41
CA SER A 5 -16.98 -7.94 -3.35
C SER A 5 -16.78 -6.87 -4.42
N SER A 6 -17.78 -5.99 -4.56
CA SER A 6 -17.72 -4.91 -5.54
C SER A 6 -16.40 -4.16 -5.44
N GLY A 7 -15.69 -4.06 -6.55
CA GLY A 7 -14.42 -3.36 -6.56
C GLY A 7 -13.48 -3.88 -7.64
N PRO A 8 -12.24 -3.37 -7.65
CA PRO A 8 -11.23 -3.77 -8.63
C PRO A 8 -10.74 -5.19 -8.40
N SER A 9 -10.40 -5.88 -9.49
CA SER A 9 -9.92 -7.26 -9.40
C SER A 9 -8.40 -7.31 -9.60
N GLY A 10 -7.81 -6.16 -9.88
CA GLY A 10 -6.37 -6.11 -10.08
C GLY A 10 -5.70 -5.10 -9.17
N PHE A 11 -4.43 -5.35 -8.85
CA PHE A 11 -3.67 -4.47 -7.98
C PHE A 11 -2.62 -3.68 -8.77
N PRO A 12 -2.20 -2.55 -8.20
CA PRO A 12 -1.19 -1.68 -8.83
C PRO A 12 0.19 -2.31 -8.85
N GLN A 13 1.09 -1.71 -9.62
CA GLN A 13 2.46 -2.22 -9.72
C GLN A 13 3.48 -1.12 -9.40
N ASN A 14 4.75 -1.45 -9.51
CA ASN A 14 5.82 -0.50 -9.23
C ASN A 14 5.80 -0.07 -7.76
N LEU A 15 5.29 -0.95 -6.91
CA LEU A 15 5.21 -0.67 -5.48
C LEU A 15 6.58 -0.79 -4.82
N HIS A 16 7.11 0.33 -4.35
CA HIS A 16 8.41 0.35 -3.70
C HIS A 16 8.64 1.68 -2.98
N VAL A 17 9.84 1.84 -2.42
CA VAL A 17 10.19 3.06 -1.70
C VAL A 17 11.18 3.90 -2.49
N THR A 18 10.90 5.19 -2.63
CA THR A 18 11.78 6.09 -3.36
C THR A 18 12.77 6.77 -2.43
N GLY A 19 12.50 6.70 -1.13
CA GLY A 19 13.37 7.31 -0.15
C GLY A 19 12.93 7.06 1.27
N LEU A 20 13.17 5.85 1.77
CA LEU A 20 12.79 5.49 3.13
C LEU A 20 13.51 6.35 4.15
N THR A 21 13.14 6.19 5.42
CA THR A 21 13.76 6.96 6.50
C THR A 21 13.84 6.14 7.78
N THR A 22 14.85 6.43 8.60
CA THR A 22 15.03 5.72 9.86
C THR A 22 13.71 5.58 10.61
N SER A 23 12.88 6.61 10.53
CA SER A 23 11.58 6.60 11.21
C SER A 23 10.45 6.50 10.20
N THR A 24 10.53 7.29 9.14
CA THR A 24 9.51 7.29 8.10
C THR A 24 9.94 6.45 6.90
N THR A 25 8.98 6.14 6.03
CA THR A 25 9.26 5.34 4.84
C THR A 25 8.45 5.83 3.65
N GLU A 26 9.13 6.39 2.66
CA GLU A 26 8.46 6.89 1.46
C GLU A 26 8.00 5.74 0.57
N LEU A 27 7.09 6.04 -0.35
CA LEU A 27 6.57 5.04 -1.26
C LEU A 27 6.29 5.64 -2.64
N ALA A 28 6.15 4.77 -3.64
CA ALA A 28 5.88 5.21 -5.00
C ALA A 28 5.46 4.05 -5.89
N TRP A 29 4.18 4.01 -6.22
CA TRP A 29 3.64 2.94 -7.07
C TRP A 29 2.88 3.52 -8.25
N ASP A 30 2.28 2.64 -9.05
CA ASP A 30 1.52 3.06 -10.22
C ASP A 30 0.13 2.43 -10.22
N PRO A 31 -0.79 3.00 -11.01
CA PRO A 31 -2.16 2.51 -11.11
C PRO A 31 -2.24 1.16 -11.84
N PRO A 32 -3.37 0.47 -11.68
CA PRO A 32 -3.60 -0.83 -12.32
C PRO A 32 -3.78 -0.72 -13.83
N VAL A 33 -3.12 -1.61 -14.56
CA VAL A 33 -3.21 -1.61 -16.02
C VAL A 33 -4.64 -1.40 -16.49
N LEU A 34 -4.80 -0.59 -17.53
CA LEU A 34 -6.12 -0.30 -18.08
C LEU A 34 -6.87 -1.59 -18.39
N ALA A 35 -6.13 -2.68 -18.55
CA ALA A 35 -6.73 -3.97 -18.85
C ALA A 35 -7.45 -4.54 -17.63
N GLU A 36 -6.91 -4.24 -16.44
CA GLU A 36 -7.50 -4.72 -15.20
C GLU A 36 -8.09 -3.57 -14.40
N ARG A 37 -8.98 -2.81 -15.03
CA ARG A 37 -9.62 -1.68 -14.38
C ARG A 37 -11.14 -1.77 -14.46
N ASN A 38 -11.71 -2.69 -13.68
CA ASN A 38 -13.15 -2.89 -13.68
C ASN A 38 -13.88 -1.56 -13.87
N GLY A 39 -13.47 -0.55 -13.12
CA GLY A 39 -14.10 0.76 -13.22
C GLY A 39 -13.10 1.89 -13.16
N ARG A 40 -13.25 2.76 -12.17
CA ARG A 40 -12.35 3.90 -12.00
C ARG A 40 -11.69 3.88 -10.63
N ILE A 41 -10.65 4.68 -10.46
CA ILE A 41 -9.93 4.75 -9.19
C ILE A 41 -10.23 6.05 -8.46
N ILE A 42 -10.39 5.96 -7.15
CA ILE A 42 -10.68 7.13 -6.32
C ILE A 42 -9.56 7.40 -5.33
N SER A 43 -8.94 6.33 -4.84
CA SER A 43 -7.85 6.45 -3.88
C SER A 43 -7.20 5.10 -3.63
N TYR A 44 -6.19 5.08 -2.76
CA TYR A 44 -5.48 3.85 -2.43
C TYR A 44 -5.23 3.76 -0.93
N THR A 45 -5.09 2.52 -0.44
CA THR A 45 -4.84 2.29 0.98
C THR A 45 -3.49 1.64 1.20
N VAL A 46 -2.59 2.35 1.89
CA VAL A 46 -1.26 1.83 2.17
C VAL A 46 -1.21 1.15 3.53
N VAL A 47 -1.33 -0.17 3.53
CA VAL A 47 -1.29 -0.95 4.77
C VAL A 47 0.13 -1.37 5.12
N PHE A 48 0.64 -0.81 6.22
CA PHE A 48 2.00 -1.13 6.67
C PHE A 48 1.98 -1.82 8.03
N ARG A 49 2.88 -2.77 8.22
CA ARG A 49 2.96 -3.51 9.48
C ARG A 49 4.34 -4.13 9.65
N ASP A 50 4.79 -4.22 10.91
CA ASP A 50 6.09 -4.79 11.21
C ASP A 50 6.03 -6.32 11.21
N ILE A 51 6.63 -6.93 10.19
CA ILE A 51 6.63 -8.39 10.07
C ILE A 51 7.20 -9.04 11.33
N ASN A 52 7.82 -8.23 12.18
CA ASN A 52 8.40 -8.72 13.42
C ASN A 52 7.39 -8.62 14.57
N SER A 53 6.45 -7.69 14.45
CA SER A 53 5.43 -7.50 15.47
C SER A 53 4.04 -7.78 14.91
N GLN A 54 3.03 -7.65 15.76
CA GLN A 54 1.65 -7.90 15.36
C GLN A 54 0.86 -6.60 15.29
N GLN A 55 1.57 -5.49 15.11
CA GLN A 55 0.94 -4.18 15.04
C GLN A 55 0.59 -3.81 13.59
N GLU A 56 -0.66 -4.03 13.23
CA GLU A 56 -1.12 -3.73 11.87
C GLU A 56 -1.57 -2.28 11.76
N LEU A 57 -1.25 -1.66 10.63
CA LEU A 57 -1.61 -0.26 10.39
C LEU A 57 -1.75 0.01 8.90
N GLN A 58 -2.37 1.15 8.57
CA GLN A 58 -2.56 1.53 7.17
C GLN A 58 -2.89 3.02 7.06
N ASN A 59 -2.86 3.53 5.84
CA ASN A 59 -3.16 4.94 5.60
C ASN A 59 -3.99 5.11 4.33
N ILE A 60 -4.44 6.34 4.08
CA ILE A 60 -5.24 6.63 2.90
C ILE A 60 -4.76 7.90 2.22
N THR A 61 -4.67 7.86 0.89
CA THR A 61 -4.22 9.01 0.11
C THR A 61 -4.77 8.97 -1.30
N THR A 62 -5.15 10.12 -1.83
CA THR A 62 -5.69 10.22 -3.18
C THR A 62 -4.58 10.27 -4.22
N ASP A 63 -3.39 9.82 -3.82
CA ASP A 63 -2.24 9.82 -4.72
C ASP A 63 -1.66 8.41 -4.86
N THR A 64 -0.89 8.20 -5.92
CA THR A 64 -0.29 6.90 -6.17
C THR A 64 0.98 6.71 -5.35
N ARG A 65 1.14 7.53 -4.31
CA ARG A 65 2.30 7.46 -3.44
C ARG A 65 1.92 7.73 -1.98
N PHE A 66 2.87 7.49 -1.09
CA PHE A 66 2.63 7.71 0.34
C PHE A 66 3.92 7.54 1.14
N THR A 67 3.97 8.16 2.32
CA THR A 67 5.14 8.07 3.18
C THR A 67 4.75 7.71 4.60
N LEU A 68 5.10 6.49 5.01
CA LEU A 68 4.78 6.02 6.36
C LEU A 68 5.47 6.88 7.41
N THR A 69 5.17 6.61 8.68
CA THR A 69 5.76 7.36 9.78
C THR A 69 5.65 6.59 11.09
N GLY A 70 6.34 7.08 12.12
CA GLY A 70 6.30 6.42 13.41
C GLY A 70 6.82 4.99 13.35
N LEU A 71 7.81 4.75 12.49
CA LEU A 71 8.39 3.43 12.34
C LEU A 71 9.73 3.35 13.05
N LYS A 72 10.21 2.12 13.24
CA LYS A 72 11.50 1.90 13.90
C LYS A 72 12.61 1.68 12.88
N PRO A 73 13.81 2.21 13.18
CA PRO A 73 14.97 2.07 12.30
C PRO A 73 15.50 0.65 12.25
N ASP A 74 16.06 0.28 11.10
CA ASP A 74 16.61 -1.07 10.92
C ASP A 74 15.58 -2.13 11.29
N THR A 75 14.39 -2.01 10.70
CA THR A 75 13.32 -2.97 10.96
C THR A 75 12.44 -3.15 9.73
N THR A 76 12.22 -4.41 9.35
CA THR A 76 11.40 -4.72 8.19
C THR A 76 9.94 -4.30 8.42
N TYR A 77 9.38 -3.60 7.45
CA TYR A 77 7.99 -3.15 7.55
C TYR A 77 7.19 -3.59 6.33
N ASP A 78 6.32 -4.58 6.53
CA ASP A 78 5.48 -5.09 5.45
C ASP A 78 4.48 -4.05 5.00
N ILE A 79 4.81 -3.32 3.93
CA ILE A 79 3.94 -2.29 3.40
C ILE A 79 3.33 -2.71 2.06
N LYS A 80 2.03 -2.55 1.92
CA LYS A 80 1.33 -2.91 0.69
C LYS A 80 0.41 -1.78 0.23
N VAL A 81 -0.35 -2.04 -0.82
CA VAL A 81 -1.28 -1.04 -1.35
C VAL A 81 -2.44 -1.71 -2.08
N ARG A 82 -3.50 -0.95 -2.31
CA ARG A 82 -4.68 -1.46 -3.00
C ARG A 82 -5.52 -0.32 -3.57
N ALA A 83 -5.91 -0.46 -4.83
CA ALA A 83 -6.72 0.54 -5.49
C ALA A 83 -8.17 0.49 -5.03
N TRP A 84 -8.81 1.65 -4.95
CA TRP A 84 -10.21 1.73 -4.52
C TRP A 84 -11.09 2.32 -5.61
N THR A 85 -12.26 1.74 -5.79
CA THR A 85 -13.20 2.21 -6.81
C THR A 85 -14.46 2.78 -6.18
N SER A 86 -15.13 3.68 -6.88
CA SER A 86 -16.35 4.30 -6.39
C SER A 86 -17.21 3.28 -5.66
N LYS A 87 -17.07 2.01 -6.03
CA LYS A 87 -17.83 0.94 -5.41
C LYS A 87 -17.32 0.65 -4.00
N GLY A 88 -16.07 0.18 -3.92
CA GLY A 88 -15.48 -0.13 -2.63
C GLY A 88 -14.00 -0.38 -2.72
N SER A 89 -13.57 -1.56 -2.27
CA SER A 89 -12.16 -1.93 -2.30
C SER A 89 -11.95 -3.26 -3.02
N GLY A 90 -10.71 -3.54 -3.40
CA GLY A 90 -10.40 -4.78 -4.08
C GLY A 90 -9.35 -5.60 -3.36
N PRO A 91 -8.46 -6.24 -4.13
CA PRO A 91 -7.39 -7.07 -3.57
C PRO A 91 -6.32 -6.24 -2.87
N LEU A 92 -5.29 -6.92 -2.36
CA LEU A 92 -4.21 -6.24 -1.67
C LEU A 92 -2.86 -6.55 -2.32
N SER A 93 -2.18 -5.51 -2.80
CA SER A 93 -0.89 -5.68 -3.45
C SER A 93 0.08 -6.43 -2.54
N PRO A 94 1.07 -7.08 -3.16
CA PRO A 94 2.09 -7.85 -2.43
C PRO A 94 3.03 -6.96 -1.64
N SER A 95 3.00 -7.10 -0.31
CA SER A 95 3.86 -6.30 0.56
C SER A 95 5.29 -6.29 0.04
N ILE A 96 6.00 -5.19 0.31
CA ILE A 96 7.37 -5.05 -0.14
C ILE A 96 8.35 -5.26 1.03
N GLN A 97 7.87 -5.00 2.24
CA GLN A 97 8.70 -5.17 3.43
C GLN A 97 9.88 -4.19 3.42
N SER A 98 9.59 -2.92 3.18
CA SER A 98 10.63 -1.89 3.14
C SER A 98 11.22 -1.66 4.52
N ARG A 99 12.41 -2.19 4.76
CA ARG A 99 13.09 -2.05 6.03
C ARG A 99 13.71 -0.66 6.16
N THR A 100 13.19 0.14 7.10
CA THR A 100 13.69 1.49 7.31
C THR A 100 15.21 1.52 7.31
N MET A 101 15.78 2.68 7.01
CA MET A 101 17.22 2.84 6.98
C MET A 101 17.83 2.71 8.37
N PRO A 102 18.96 2.00 8.46
CA PRO A 102 19.65 1.78 9.74
C PRO A 102 20.29 3.06 10.28
N VAL A 103 19.58 3.72 11.18
CA VAL A 103 20.08 4.96 11.78
C VAL A 103 21.52 4.81 12.24
N GLY A 1 -25.22 -16.38 0.48
CA GLY A 1 -26.56 -15.91 0.75
C GLY A 1 -26.89 -14.62 0.01
N SER A 2 -25.95 -13.67 0.03
CA SER A 2 -26.15 -12.40 -0.63
C SER A 2 -25.14 -12.21 -1.77
N SER A 3 -25.47 -12.76 -2.94
CA SER A 3 -24.59 -12.67 -4.10
C SER A 3 -24.42 -11.21 -4.53
N GLY A 4 -23.17 -10.75 -4.57
CA GLY A 4 -22.90 -9.38 -4.96
C GLY A 4 -21.47 -8.98 -4.69
N SER A 5 -20.66 -8.90 -5.74
CA SER A 5 -19.26 -8.52 -5.61
C SER A 5 -18.96 -7.24 -6.38
N SER A 6 -18.24 -6.33 -5.75
CA SER A 6 -17.89 -5.06 -6.39
C SER A 6 -16.48 -4.63 -6.00
N GLY A 7 -15.80 -3.94 -6.91
CA GLY A 7 -14.45 -3.48 -6.65
C GLY A 7 -13.48 -3.90 -7.74
N PRO A 8 -12.27 -3.32 -7.70
CA PRO A 8 -11.22 -3.62 -8.69
C PRO A 8 -10.66 -5.03 -8.53
N SER A 9 -10.26 -5.63 -9.64
CA SER A 9 -9.71 -6.98 -9.62
C SER A 9 -8.26 -6.99 -10.10
N GLY A 10 -7.61 -5.83 -10.02
CA GLY A 10 -6.23 -5.71 -10.44
C GLY A 10 -5.44 -4.74 -9.59
N PHE A 11 -4.48 -5.26 -8.83
CA PHE A 11 -3.65 -4.43 -7.97
C PHE A 11 -2.64 -3.63 -8.78
N PRO A 12 -2.18 -2.51 -8.21
CA PRO A 12 -1.21 -1.63 -8.86
C PRO A 12 0.17 -2.27 -8.98
N GLN A 13 1.08 -1.58 -9.68
CA GLN A 13 2.44 -2.09 -9.86
C GLN A 13 3.46 -1.03 -9.48
N ASN A 14 4.74 -1.36 -9.67
CA ASN A 14 5.82 -0.42 -9.34
C ASN A 14 5.77 -0.04 -7.87
N LEU A 15 5.23 -0.93 -7.05
CA LEU A 15 5.13 -0.67 -5.62
C LEU A 15 6.47 -0.88 -4.93
N HIS A 16 7.13 0.22 -4.57
CA HIS A 16 8.42 0.16 -3.90
C HIS A 16 8.64 1.39 -3.03
N VAL A 17 9.82 1.49 -2.42
CA VAL A 17 10.17 2.61 -1.56
C VAL A 17 11.20 3.52 -2.22
N THR A 18 10.82 4.76 -2.47
CA THR A 18 11.73 5.72 -3.10
C THR A 18 12.80 6.17 -2.13
N GLY A 19 12.51 6.08 -0.83
CA GLY A 19 13.48 6.48 0.18
C GLY A 19 12.94 6.31 1.58
N LEU A 20 13.23 5.16 2.20
CA LEU A 20 12.77 4.88 3.56
C LEU A 20 13.43 5.82 4.56
N THR A 21 12.96 5.78 5.79
CA THR A 21 13.50 6.62 6.85
C THR A 21 13.50 5.90 8.20
N THR A 22 14.43 6.27 9.06
CA THR A 22 14.55 5.65 10.38
C THR A 22 13.18 5.42 10.99
N SER A 23 12.37 6.47 11.05
CA SER A 23 11.03 6.38 11.61
C SER A 23 9.97 6.33 10.51
N THR A 24 10.15 7.17 9.49
CA THR A 24 9.22 7.22 8.38
C THR A 24 9.72 6.41 7.19
N THR A 25 8.89 6.30 6.16
CA THR A 25 9.25 5.55 4.96
C THR A 25 8.46 6.02 3.76
N GLU A 26 9.16 6.58 2.77
CA GLU A 26 8.52 7.07 1.55
C GLU A 26 8.03 5.91 0.69
N LEU A 27 7.11 6.20 -0.22
CA LEU A 27 6.57 5.19 -1.12
C LEU A 27 6.29 5.77 -2.50
N ALA A 28 6.15 4.89 -3.48
CA ALA A 28 5.88 5.32 -4.85
C ALA A 28 5.47 4.14 -5.72
N TRP A 29 4.20 4.12 -6.13
CA TRP A 29 3.69 3.03 -6.96
C TRP A 29 2.91 3.59 -8.15
N ASP A 30 2.41 2.71 -9.00
CA ASP A 30 1.64 3.11 -10.17
C ASP A 30 0.26 2.48 -10.16
N PRO A 31 -0.70 3.14 -10.83
CA PRO A 31 -2.08 2.67 -10.90
C PRO A 31 -2.22 1.41 -11.76
N PRO A 32 -3.40 0.76 -11.68
CA PRO A 32 -3.68 -0.46 -12.45
C PRO A 32 -3.80 -0.19 -13.95
N VAL A 33 -3.04 -0.92 -14.74
CA VAL A 33 -3.08 -0.76 -16.19
C VAL A 33 -4.51 -0.66 -16.70
N LEU A 34 -4.72 0.21 -17.67
CA LEU A 34 -6.05 0.40 -18.26
C LEU A 34 -6.68 -0.94 -18.64
N ALA A 35 -5.83 -1.94 -18.84
CA ALA A 35 -6.30 -3.27 -19.20
C ALA A 35 -7.05 -3.94 -18.05
N GLU A 36 -6.56 -3.71 -16.83
CA GLU A 36 -7.18 -4.28 -15.64
C GLU A 36 -7.82 -3.20 -14.79
N ARG A 37 -9.09 -2.90 -15.07
CA ARG A 37 -9.82 -1.88 -14.33
C ARG A 37 -11.33 -2.11 -14.44
N ASN A 38 -12.02 -2.01 -13.31
CA ASN A 38 -13.47 -2.20 -13.28
C ASN A 38 -14.19 -0.88 -13.03
N GLY A 39 -13.74 0.18 -13.72
CA GLY A 39 -14.35 1.47 -13.55
C GLY A 39 -13.33 2.59 -13.43
N ARG A 40 -13.21 3.17 -12.24
CA ARG A 40 -12.26 4.25 -11.99
C ARG A 40 -11.75 4.20 -10.56
N ILE A 41 -10.53 4.66 -10.36
CA ILE A 41 -9.92 4.68 -9.04
C ILE A 41 -10.19 6.00 -8.32
N ILE A 42 -10.37 5.92 -7.01
CA ILE A 42 -10.63 7.11 -6.21
C ILE A 42 -9.51 7.36 -5.20
N SER A 43 -8.96 6.29 -4.66
CA SER A 43 -7.87 6.38 -3.69
C SER A 43 -7.26 5.01 -3.42
N TYR A 44 -6.14 5.01 -2.70
CA TYR A 44 -5.45 3.76 -2.37
C TYR A 44 -5.22 3.65 -0.86
N THR A 45 -5.07 2.41 -0.39
CA THR A 45 -4.84 2.17 1.03
C THR A 45 -3.47 1.55 1.26
N VAL A 46 -2.60 2.30 1.92
CA VAL A 46 -1.25 1.83 2.20
C VAL A 46 -1.20 1.10 3.54
N VAL A 47 -1.21 -0.23 3.47
CA VAL A 47 -1.17 -1.05 4.69
C VAL A 47 0.26 -1.43 5.04
N PHE A 48 0.73 -0.88 6.16
CA PHE A 48 2.10 -1.15 6.62
C PHE A 48 2.08 -1.77 8.01
N ARG A 49 2.82 -2.86 8.18
CA ARG A 49 2.90 -3.55 9.46
C ARG A 49 4.26 -4.21 9.64
N ASP A 50 4.70 -4.30 10.89
CA ASP A 50 5.99 -4.90 11.22
C ASP A 50 5.90 -6.43 11.19
N ILE A 51 6.60 -7.05 10.24
CA ILE A 51 6.60 -8.50 10.11
C ILE A 51 7.17 -9.16 11.36
N ASN A 52 7.71 -8.35 12.26
CA ASN A 52 8.29 -8.86 13.50
C ASN A 52 7.33 -8.68 14.67
N SER A 53 6.30 -7.86 14.46
CA SER A 53 5.32 -7.59 15.50
C SER A 53 3.89 -7.74 14.96
N GLN A 54 2.91 -7.55 15.82
CA GLN A 54 1.51 -7.68 15.43
C GLN A 54 0.85 -6.30 15.34
N GLN A 55 1.67 -5.26 15.14
CA GLN A 55 1.16 -3.91 15.04
C GLN A 55 0.74 -3.60 13.60
N GLU A 56 -0.56 -3.67 13.34
CA GLU A 56 -1.09 -3.39 12.01
C GLU A 56 -1.42 -1.91 11.85
N LEU A 57 -1.15 -1.38 10.66
CA LEU A 57 -1.41 0.03 10.38
C LEU A 57 -1.74 0.23 8.90
N GLN A 58 -2.54 1.24 8.61
CA GLN A 58 -2.92 1.54 7.24
C GLN A 58 -3.09 3.05 7.04
N ASN A 59 -3.07 3.48 5.78
CA ASN A 59 -3.20 4.90 5.46
C ASN A 59 -3.98 5.07 4.15
N ILE A 60 -4.31 6.32 3.84
CA ILE A 60 -5.04 6.63 2.61
C ILE A 60 -4.52 7.91 1.96
N THR A 61 -4.43 7.90 0.63
CA THR A 61 -3.94 9.06 -0.10
C THR A 61 -4.47 9.06 -1.54
N THR A 62 -4.97 10.20 -1.97
CA THR A 62 -5.51 10.34 -3.32
C THR A 62 -4.41 10.22 -4.36
N ASP A 63 -3.17 10.13 -3.91
CA ASP A 63 -2.03 10.01 -4.80
C ASP A 63 -1.51 8.57 -4.85
N THR A 64 -0.75 8.25 -5.89
CA THR A 64 -0.21 6.91 -6.05
C THR A 64 1.05 6.73 -5.20
N ARG A 65 1.25 7.62 -4.24
CA ARG A 65 2.40 7.55 -3.35
C ARG A 65 2.01 7.83 -1.91
N PHE A 66 2.93 7.56 -0.98
CA PHE A 66 2.68 7.78 0.43
C PHE A 66 3.97 7.67 1.24
N THR A 67 3.92 8.14 2.49
CA THR A 67 5.09 8.09 3.36
C THR A 67 4.70 7.67 4.77
N LEU A 68 5.09 6.46 5.14
CA LEU A 68 4.78 5.92 6.46
C LEU A 68 5.41 6.78 7.55
N THR A 69 5.10 6.47 8.81
CA THR A 69 5.63 7.22 9.94
C THR A 69 5.54 6.40 11.23
N GLY A 70 6.20 6.88 12.28
CA GLY A 70 6.18 6.20 13.55
C GLY A 70 6.63 4.75 13.44
N LEU A 71 7.72 4.53 12.72
CA LEU A 71 8.26 3.19 12.54
C LEU A 71 9.62 3.03 13.24
N LYS A 72 10.07 1.79 13.37
CA LYS A 72 11.34 1.51 14.01
C LYS A 72 12.46 1.38 12.98
N PRO A 73 13.64 1.92 13.30
CA PRO A 73 14.81 1.87 12.43
C PRO A 73 15.38 0.47 12.30
N ASP A 74 15.97 0.18 11.14
CA ASP A 74 16.56 -1.14 10.90
C ASP A 74 15.56 -2.25 11.19
N THR A 75 14.31 -2.04 10.76
CA THR A 75 13.26 -3.02 10.98
C THR A 75 12.39 -3.17 9.74
N THR A 76 12.20 -4.42 9.30
CA THR A 76 11.38 -4.70 8.13
C THR A 76 9.93 -4.34 8.37
N TYR A 77 9.32 -3.65 7.40
CA TYR A 77 7.92 -3.26 7.50
C TYR A 77 7.13 -3.70 6.28
N ASP A 78 6.27 -4.69 6.47
CA ASP A 78 5.45 -5.21 5.38
C ASP A 78 4.44 -4.17 4.91
N ILE A 79 4.81 -3.41 3.88
CA ILE A 79 3.93 -2.38 3.35
C ILE A 79 3.34 -2.80 2.01
N LYS A 80 2.03 -2.56 1.85
CA LYS A 80 1.34 -2.91 0.61
C LYS A 80 0.40 -1.80 0.18
N VAL A 81 -0.35 -2.04 -0.89
CA VAL A 81 -1.29 -1.07 -1.41
C VAL A 81 -2.46 -1.74 -2.12
N ARG A 82 -3.52 -0.98 -2.35
CA ARG A 82 -4.70 -1.50 -3.03
C ARG A 82 -5.57 -0.38 -3.57
N ALA A 83 -6.02 -0.52 -4.82
CA ALA A 83 -6.85 0.48 -5.45
C ALA A 83 -8.30 0.35 -5.01
N TRP A 84 -8.97 1.48 -4.80
CA TRP A 84 -10.37 1.49 -4.38
C TRP A 84 -11.25 2.11 -5.44
N THR A 85 -12.50 1.66 -5.51
CA THR A 85 -13.45 2.17 -6.49
C THR A 85 -14.70 2.74 -5.80
N SER A 86 -15.51 3.47 -6.56
CA SER A 86 -16.73 4.06 -6.02
C SER A 86 -17.59 3.00 -5.35
N LYS A 87 -17.42 1.76 -5.77
CA LYS A 87 -18.19 0.64 -5.20
C LYS A 87 -17.60 0.21 -3.86
N GLY A 88 -16.34 -0.21 -3.89
CA GLY A 88 -15.68 -0.66 -2.68
C GLY A 88 -14.17 -0.78 -2.85
N SER A 89 -13.63 -1.94 -2.50
CA SER A 89 -12.20 -2.19 -2.61
C SER A 89 -11.92 -3.46 -3.38
N GLY A 90 -10.64 -3.75 -3.62
CA GLY A 90 -10.27 -4.95 -4.34
C GLY A 90 -9.20 -5.76 -3.63
N PRO A 91 -8.31 -6.38 -4.40
CA PRO A 91 -7.23 -7.20 -3.85
C PRO A 91 -6.17 -6.36 -3.14
N LEU A 92 -5.17 -7.04 -2.58
CA LEU A 92 -4.09 -6.36 -1.87
C LEU A 92 -2.75 -6.62 -2.52
N SER A 93 -2.09 -5.55 -2.94
CA SER A 93 -0.78 -5.67 -3.60
C SER A 93 0.20 -6.44 -2.72
N PRO A 94 1.21 -7.05 -3.35
CA PRO A 94 2.24 -7.83 -2.65
C PRO A 94 3.16 -6.95 -1.81
N SER A 95 3.13 -7.15 -0.49
CA SER A 95 3.96 -6.37 0.41
C SER A 95 5.42 -6.39 -0.04
N ILE A 96 6.14 -5.31 0.27
CA ILE A 96 7.55 -5.19 -0.11
C ILE A 96 8.45 -5.43 1.10
N GLN A 97 7.94 -5.14 2.29
CA GLN A 97 8.71 -5.34 3.52
C GLN A 97 9.93 -4.43 3.53
N SER A 98 9.72 -3.15 3.26
CA SER A 98 10.81 -2.18 3.24
C SER A 98 11.35 -1.95 4.65
N ARG A 99 12.64 -2.18 4.83
CA ARG A 99 13.28 -2.00 6.12
C ARG A 99 13.85 -0.58 6.26
N THR A 100 13.28 0.20 7.17
CA THR A 100 13.73 1.57 7.38
C THR A 100 15.26 1.64 7.45
N MET A 101 15.79 2.85 7.34
CA MET A 101 17.23 3.05 7.39
C MET A 101 17.76 2.84 8.80
N PRO A 102 18.92 2.17 8.91
CA PRO A 102 19.56 1.89 10.19
C PRO A 102 20.10 3.15 10.87
N VAL A 103 19.33 3.71 11.79
CA VAL A 103 19.75 4.91 12.50
C VAL A 103 21.20 4.82 12.95
N GLY A 1 -19.14 -5.82 0.76
CA GLY A 1 -19.68 -6.76 1.74
C GLY A 1 -19.31 -8.20 1.43
N SER A 2 -19.79 -9.12 2.25
CA SER A 2 -19.50 -10.54 2.06
C SER A 2 -19.59 -10.91 0.59
N SER A 3 -20.74 -10.65 -0.03
CA SER A 3 -20.96 -10.96 -1.43
C SER A 3 -21.29 -9.70 -2.23
N GLY A 4 -21.25 -9.82 -3.55
CA GLY A 4 -21.55 -8.68 -4.40
C GLY A 4 -20.43 -8.39 -5.40
N SER A 5 -20.81 -8.14 -6.64
CA SER A 5 -19.84 -7.85 -7.69
C SER A 5 -19.44 -6.37 -7.68
N SER A 6 -18.40 -6.05 -6.91
CA SER A 6 -17.93 -4.67 -6.82
C SER A 6 -16.42 -4.63 -6.56
N GLY A 7 -15.89 -3.43 -6.47
CA GLY A 7 -14.46 -3.27 -6.22
C GLY A 7 -13.62 -3.81 -7.37
N PRO A 8 -12.41 -3.27 -7.53
CA PRO A 8 -11.48 -3.69 -8.58
C PRO A 8 -10.92 -5.09 -8.34
N SER A 9 -10.58 -5.78 -9.42
CA SER A 9 -10.04 -7.13 -9.32
C SER A 9 -8.57 -7.16 -9.74
N GLY A 10 -7.80 -6.21 -9.22
CA GLY A 10 -6.39 -6.13 -9.56
C GLY A 10 -5.64 -5.13 -8.70
N PHE A 11 -4.33 -5.33 -8.54
CA PHE A 11 -3.51 -4.43 -7.75
C PHE A 11 -2.55 -3.65 -8.64
N PRO A 12 -2.10 -2.48 -8.14
CA PRO A 12 -1.17 -1.62 -8.86
C PRO A 12 0.23 -2.22 -8.98
N GLN A 13 1.08 -1.58 -9.78
CA GLN A 13 2.45 -2.07 -9.97
C GLN A 13 3.46 -0.99 -9.59
N ASN A 14 4.74 -1.31 -9.75
CA ASN A 14 5.81 -0.38 -9.42
C ASN A 14 5.75 0.01 -7.94
N LEU A 15 5.23 -0.88 -7.11
CA LEU A 15 5.12 -0.64 -5.69
C LEU A 15 6.47 -0.83 -5.00
N HIS A 16 7.10 0.28 -4.62
CA HIS A 16 8.39 0.23 -3.95
C HIS A 16 8.65 1.53 -3.18
N VAL A 17 9.81 1.61 -2.55
CA VAL A 17 10.19 2.79 -1.78
C VAL A 17 11.15 3.68 -2.56
N THR A 18 10.89 4.98 -2.56
CA THR A 18 11.74 5.93 -3.27
C THR A 18 12.70 6.63 -2.30
N GLY A 19 12.52 6.38 -1.01
CA GLY A 19 13.38 7.00 -0.01
C GLY A 19 12.88 6.77 1.40
N LEU A 20 13.20 5.60 1.95
CA LEU A 20 12.79 5.25 3.30
C LEU A 20 13.48 6.15 4.33
N THR A 21 13.08 6.00 5.60
CA THR A 21 13.67 6.79 6.67
C THR A 21 13.81 5.96 7.94
N THR A 22 14.77 6.34 8.79
CA THR A 22 15.01 5.64 10.04
C THR A 22 13.71 5.42 10.81
N SER A 23 12.87 6.45 10.83
CA SER A 23 11.60 6.39 11.54
C SER A 23 10.43 6.28 10.56
N THR A 24 10.51 7.04 9.47
CA THR A 24 9.46 7.02 8.46
C THR A 24 9.91 6.25 7.23
N THR A 25 9.00 6.10 6.26
CA THR A 25 9.29 5.39 5.03
C THR A 25 8.47 5.91 3.87
N GLU A 26 9.15 6.25 2.77
CA GLU A 26 8.47 6.78 1.59
C GLU A 26 8.01 5.65 0.68
N LEU A 27 7.06 5.95 -0.20
CA LEU A 27 6.53 4.96 -1.12
C LEU A 27 6.23 5.59 -2.49
N ALA A 28 6.17 4.75 -3.51
CA ALA A 28 5.88 5.21 -4.87
C ALA A 28 5.44 4.07 -5.77
N TRP A 29 4.19 4.09 -6.18
CA TRP A 29 3.65 3.04 -7.04
C TRP A 29 2.89 3.65 -8.22
N ASP A 30 2.35 2.79 -9.08
CA ASP A 30 1.60 3.25 -10.25
C ASP A 30 0.20 2.63 -10.26
N PRO A 31 -0.70 3.23 -11.05
CA PRO A 31 -2.08 2.76 -11.18
C PRO A 31 -2.17 1.43 -11.92
N PRO A 32 -3.23 0.66 -11.62
CA PRO A 32 -3.46 -0.65 -12.24
C PRO A 32 -3.84 -0.53 -13.72
N VAL A 33 -3.01 -1.11 -14.58
CA VAL A 33 -3.26 -1.07 -16.02
C VAL A 33 -4.75 -1.15 -16.32
N LEU A 34 -5.22 -0.30 -17.23
CA LEU A 34 -6.63 -0.27 -17.61
C LEU A 34 -7.16 -1.68 -17.81
N ALA A 35 -6.26 -2.62 -18.08
CA ALA A 35 -6.64 -4.02 -18.28
C ALA A 35 -7.09 -4.66 -16.99
N GLU A 36 -6.15 -4.83 -16.05
CA GLU A 36 -6.45 -5.43 -14.76
C GLU A 36 -7.60 -4.71 -14.08
N ARG A 37 -7.38 -3.43 -13.74
CA ARG A 37 -8.39 -2.64 -13.08
C ARG A 37 -9.78 -2.87 -13.70
N ASN A 38 -10.80 -2.95 -12.84
CA ASN A 38 -12.16 -3.19 -13.31
C ASN A 38 -12.99 -1.92 -13.18
N GLY A 39 -12.32 -0.77 -13.09
CA GLY A 39 -13.02 0.49 -12.97
C GLY A 39 -12.09 1.64 -12.60
N ARG A 40 -12.63 2.85 -12.56
CA ARG A 40 -11.85 4.02 -12.22
C ARG A 40 -11.35 3.95 -10.78
N ILE A 41 -10.23 4.60 -10.51
CA ILE A 41 -9.66 4.61 -9.17
C ILE A 41 -9.86 5.96 -8.50
N ILE A 42 -10.32 5.93 -7.25
CA ILE A 42 -10.55 7.15 -6.48
C ILE A 42 -9.44 7.38 -5.47
N SER A 43 -8.93 6.31 -4.89
CA SER A 43 -7.86 6.40 -3.90
C SER A 43 -7.27 5.02 -3.63
N TYR A 44 -6.24 4.99 -2.78
CA TYR A 44 -5.58 3.73 -2.43
C TYR A 44 -5.38 3.62 -0.92
N THR A 45 -5.07 2.42 -0.45
CA THR A 45 -4.85 2.18 0.97
C THR A 45 -3.48 1.56 1.21
N VAL A 46 -2.61 2.31 1.88
CA VAL A 46 -1.26 1.83 2.18
C VAL A 46 -1.23 1.12 3.53
N VAL A 47 -1.16 -0.21 3.49
CA VAL A 47 -1.12 -1.00 4.71
C VAL A 47 0.31 -1.37 5.08
N PHE A 48 0.78 -0.82 6.20
CA PHE A 48 2.14 -1.09 6.66
C PHE A 48 2.13 -1.72 8.05
N ARG A 49 2.90 -2.79 8.21
CA ARG A 49 2.97 -3.49 9.49
C ARG A 49 4.33 -4.16 9.67
N ASP A 50 4.86 -4.12 10.89
CA ASP A 50 6.15 -4.72 11.19
C ASP A 50 6.04 -6.24 11.25
N ILE A 51 6.63 -6.92 10.27
CA ILE A 51 6.60 -8.37 10.21
C ILE A 51 7.17 -8.98 11.49
N ASN A 52 7.82 -8.15 12.30
CA ASN A 52 8.42 -8.61 13.55
C ASN A 52 7.46 -8.38 14.72
N SER A 53 6.47 -7.52 14.51
CA SER A 53 5.49 -7.21 15.54
C SER A 53 4.08 -7.54 15.08
N GLN A 54 3.10 -7.33 15.95
CA GLN A 54 1.71 -7.61 15.63
C GLN A 54 0.91 -6.31 15.50
N GLN A 55 1.62 -5.20 15.36
CA GLN A 55 0.97 -3.90 15.22
C GLN A 55 0.69 -3.59 13.76
N GLU A 56 -0.59 -3.67 13.38
CA GLU A 56 -1.00 -3.39 12.01
C GLU A 56 -1.45 -1.94 11.86
N LEU A 57 -1.12 -1.34 10.73
CA LEU A 57 -1.50 0.04 10.46
C LEU A 57 -1.76 0.26 8.98
N GLN A 58 -2.63 1.23 8.67
CA GLN A 58 -2.96 1.53 7.28
C GLN A 58 -3.13 3.03 7.08
N ASN A 59 -3.04 3.47 5.82
CA ASN A 59 -3.19 4.89 5.50
C ASN A 59 -3.99 5.07 4.22
N ILE A 60 -4.33 6.32 3.91
CA ILE A 60 -5.09 6.64 2.71
C ILE A 60 -4.58 7.91 2.05
N THR A 61 -4.57 7.91 0.72
CA THR A 61 -4.09 9.07 -0.03
C THR A 61 -4.63 9.05 -1.46
N THR A 62 -4.99 10.22 -1.97
CA THR A 62 -5.52 10.33 -3.33
C THR A 62 -4.41 10.27 -4.36
N ASP A 63 -3.18 10.06 -3.88
CA ASP A 63 -2.02 9.97 -4.77
C ASP A 63 -1.52 8.53 -4.87
N THR A 64 -0.74 8.26 -5.91
CA THR A 64 -0.19 6.92 -6.13
C THR A 64 1.05 6.69 -5.28
N ARG A 65 1.22 7.52 -4.25
CA ARG A 65 2.38 7.40 -3.37
C ARG A 65 1.98 7.74 -1.93
N PHE A 66 2.87 7.42 -0.99
CA PHE A 66 2.62 7.68 0.42
C PHE A 66 3.91 7.58 1.23
N THR A 67 3.86 8.04 2.47
CA THR A 67 5.02 8.01 3.35
C THR A 67 4.64 7.57 4.76
N LEU A 68 5.04 6.36 5.13
CA LEU A 68 4.74 5.82 6.45
C LEU A 68 5.35 6.69 7.54
N THR A 69 5.00 6.39 8.80
CA THR A 69 5.52 7.15 9.93
C THR A 69 5.37 6.35 11.22
N GLY A 70 6.16 6.72 12.24
CA GLY A 70 6.10 6.04 13.51
C GLY A 70 6.65 4.63 13.44
N LEU A 71 7.73 4.45 12.67
CA LEU A 71 8.36 3.15 12.52
C LEU A 71 9.73 3.13 13.19
N LYS A 72 10.25 1.92 13.41
CA LYS A 72 11.55 1.75 14.05
C LYS A 72 12.65 1.53 13.00
N PRO A 73 13.82 2.12 13.23
CA PRO A 73 14.96 2.00 12.32
C PRO A 73 15.56 0.60 12.33
N ASP A 74 16.03 0.15 11.17
CA ASP A 74 16.62 -1.17 11.04
C ASP A 74 15.60 -2.26 11.37
N THR A 75 14.41 -2.14 10.80
CA THR A 75 13.35 -3.11 11.02
C THR A 75 12.47 -3.28 9.79
N THR A 76 12.22 -4.52 9.42
CA THR A 76 11.39 -4.82 8.25
C THR A 76 9.94 -4.44 8.50
N TYR A 77 9.34 -3.75 7.53
CA TYR A 77 7.95 -3.31 7.64
C TYR A 77 7.15 -3.74 6.41
N ASP A 78 6.27 -4.71 6.60
CA ASP A 78 5.45 -5.21 5.50
C ASP A 78 4.46 -4.14 5.03
N ILE A 79 4.83 -3.44 3.96
CA ILE A 79 3.98 -2.40 3.41
C ILE A 79 3.38 -2.81 2.07
N LYS A 80 2.08 -2.57 1.90
CA LYS A 80 1.39 -2.91 0.67
C LYS A 80 0.47 -1.78 0.22
N VAL A 81 -0.29 -2.03 -0.84
CA VAL A 81 -1.22 -1.03 -1.36
C VAL A 81 -2.39 -1.69 -2.09
N ARG A 82 -3.48 -0.95 -2.22
CA ARG A 82 -4.67 -1.47 -2.89
C ARG A 82 -5.49 -0.33 -3.50
N ALA A 83 -5.97 -0.54 -4.72
CA ALA A 83 -6.77 0.47 -5.40
C ALA A 83 -8.23 0.39 -4.97
N TRP A 84 -8.87 1.55 -4.86
CA TRP A 84 -10.27 1.62 -4.46
C TRP A 84 -11.12 2.26 -5.55
N THR A 85 -12.38 1.84 -5.63
CA THR A 85 -13.30 2.36 -6.63
C THR A 85 -14.51 3.01 -5.98
N SER A 86 -15.26 3.78 -6.76
CA SER A 86 -16.45 4.47 -6.27
C SER A 86 -17.38 3.49 -5.54
N LYS A 87 -17.21 2.20 -5.84
CA LYS A 87 -18.04 1.17 -5.22
C LYS A 87 -17.45 0.72 -3.89
N GLY A 88 -16.22 0.21 -3.93
CA GLY A 88 -15.56 -0.25 -2.73
C GLY A 88 -14.07 -0.41 -2.91
N SER A 89 -13.54 -1.55 -2.48
CA SER A 89 -12.12 -1.83 -2.59
C SER A 89 -11.87 -3.14 -3.32
N GLY A 90 -10.60 -3.42 -3.62
CA GLY A 90 -10.25 -4.65 -4.32
C GLY A 90 -9.25 -5.49 -3.55
N PRO A 91 -8.36 -6.16 -4.29
CA PRO A 91 -7.31 -7.00 -3.70
C PRO A 91 -6.25 -6.20 -2.96
N LEU A 92 -5.21 -6.89 -2.50
CA LEU A 92 -4.13 -6.22 -1.78
C LEU A 92 -2.78 -6.55 -2.42
N SER A 93 -2.07 -5.51 -2.86
CA SER A 93 -0.77 -5.68 -3.49
C SER A 93 0.18 -6.45 -2.58
N PRO A 94 1.18 -7.11 -3.19
CA PRO A 94 2.17 -7.90 -2.45
C PRO A 94 3.11 -7.03 -1.63
N SER A 95 3.06 -7.19 -0.31
CA SER A 95 3.92 -6.41 0.58
C SER A 95 5.37 -6.46 0.12
N ILE A 96 6.09 -5.37 0.35
CA ILE A 96 7.49 -5.27 -0.04
C ILE A 96 8.41 -5.46 1.15
N GLN A 97 7.89 -5.18 2.34
CA GLN A 97 8.67 -5.32 3.57
C GLN A 97 9.87 -4.38 3.57
N SER A 98 9.63 -3.11 3.27
CA SER A 98 10.69 -2.11 3.22
C SER A 98 11.26 -1.88 4.62
N ARG A 99 12.50 -2.32 4.83
CA ARG A 99 13.17 -2.16 6.11
C ARG A 99 13.76 -0.76 6.25
N THR A 100 13.20 0.03 7.17
CA THR A 100 13.67 1.39 7.39
C THR A 100 15.20 1.45 7.45
N MET A 101 15.76 2.55 6.96
CA MET A 101 17.21 2.72 6.96
C MET A 101 17.77 2.67 8.37
N PRO A 102 18.91 1.98 8.53
CA PRO A 102 19.57 1.83 9.84
C PRO A 102 20.17 3.15 10.33
N VAL A 103 19.45 3.81 11.24
CA VAL A 103 19.91 5.07 11.80
C VAL A 103 21.39 5.01 12.19
N GLY A 1 -21.68 -12.80 5.17
CA GLY A 1 -21.55 -13.07 3.75
C GLY A 1 -20.79 -11.96 3.04
N SER A 2 -21.19 -11.69 1.79
CA SER A 2 -20.54 -10.66 1.00
C SER A 2 -21.58 -9.79 0.29
N SER A 3 -21.24 -8.52 0.08
CA SER A 3 -22.13 -7.58 -0.59
C SER A 3 -21.95 -7.62 -2.09
N GLY A 4 -21.76 -8.83 -2.63
CA GLY A 4 -21.56 -8.98 -4.06
C GLY A 4 -20.25 -8.38 -4.54
N SER A 5 -19.52 -9.13 -5.35
CA SER A 5 -18.24 -8.66 -5.86
C SER A 5 -18.43 -7.43 -6.76
N SER A 6 -18.00 -6.28 -6.27
CA SER A 6 -18.13 -5.03 -7.02
C SER A 6 -16.77 -4.35 -7.16
N GLY A 7 -16.02 -4.29 -6.06
CA GLY A 7 -14.72 -3.66 -6.09
C GLY A 7 -13.85 -4.16 -7.23
N PRO A 8 -12.66 -3.56 -7.38
CA PRO A 8 -11.72 -3.93 -8.45
C PRO A 8 -11.11 -5.31 -8.22
N SER A 9 -10.61 -5.92 -9.29
CA SER A 9 -9.99 -7.24 -9.22
C SER A 9 -8.53 -7.18 -9.62
N GLY A 10 -8.01 -5.97 -9.79
CA GLY A 10 -6.62 -5.80 -10.17
C GLY A 10 -5.87 -4.87 -9.25
N PHE A 11 -4.63 -5.24 -8.92
CA PHE A 11 -3.81 -4.42 -8.04
C PHE A 11 -2.75 -3.65 -8.83
N PRO A 12 -2.28 -2.53 -8.25
CA PRO A 12 -1.27 -1.68 -8.89
C PRO A 12 0.10 -2.35 -8.94
N GLN A 13 1.06 -1.67 -9.58
CA GLN A 13 2.41 -2.21 -9.68
C GLN A 13 3.45 -1.13 -9.40
N ASN A 14 4.73 -1.48 -9.53
CA ASN A 14 5.81 -0.55 -9.28
C ASN A 14 5.81 -0.10 -7.82
N LEU A 15 5.31 -0.96 -6.93
CA LEU A 15 5.25 -0.64 -5.51
C LEU A 15 6.63 -0.80 -4.87
N HIS A 16 7.16 0.30 -4.35
CA HIS A 16 8.46 0.30 -3.70
C HIS A 16 8.71 1.60 -2.95
N VAL A 17 9.91 1.74 -2.40
CA VAL A 17 10.27 2.95 -1.67
C VAL A 17 11.27 3.79 -2.45
N THR A 18 10.98 5.09 -2.56
CA THR A 18 11.84 6.01 -3.29
C THR A 18 12.79 6.73 -2.35
N GLY A 19 12.52 6.64 -1.05
CA GLY A 19 13.36 7.28 -0.06
C GLY A 19 12.91 7.02 1.36
N LEU A 20 13.21 5.83 1.86
CA LEU A 20 12.83 5.45 3.22
C LEU A 20 13.59 6.27 4.25
N THR A 21 13.19 6.13 5.51
CA THR A 21 13.84 6.86 6.59
C THR A 21 13.89 6.02 7.87
N THR A 22 14.76 6.41 8.79
CA THR A 22 14.91 5.69 10.05
C THR A 22 13.61 5.67 10.82
N SER A 23 12.81 6.73 10.69
CA SER A 23 11.54 6.83 11.38
C SER A 23 10.38 6.70 10.39
N THR A 24 10.52 7.33 9.23
CA THR A 24 9.48 7.28 8.21
C THR A 24 9.93 6.45 7.02
N THR A 25 9.00 6.17 6.11
CA THR A 25 9.29 5.38 4.92
C THR A 25 8.49 5.86 3.72
N GLU A 26 9.18 6.41 2.73
CA GLU A 26 8.51 6.92 1.53
C GLU A 26 8.08 5.77 0.62
N LEU A 27 7.13 6.04 -0.26
CA LEU A 27 6.62 5.03 -1.17
C LEU A 27 6.33 5.63 -2.55
N ALA A 28 6.25 4.77 -3.55
CA ALA A 28 5.98 5.22 -4.91
C ALA A 28 5.53 4.05 -5.81
N TRP A 29 4.25 4.05 -6.17
CA TRP A 29 3.72 2.99 -7.01
C TRP A 29 2.93 3.58 -8.18
N ASP A 30 2.36 2.70 -9.00
CA ASP A 30 1.59 3.13 -10.16
C ASP A 30 0.21 2.46 -10.17
N PRO A 31 -0.72 3.03 -10.95
CA PRO A 31 -2.09 2.51 -11.06
C PRO A 31 -2.13 1.18 -11.81
N PRO A 32 -3.28 0.49 -11.70
CA PRO A 32 -3.49 -0.81 -12.37
C PRO A 32 -3.58 -0.67 -13.89
N VAL A 33 -3.13 -1.71 -14.59
CA VAL A 33 -3.17 -1.71 -16.05
C VAL A 33 -4.60 -1.60 -16.57
N LEU A 34 -4.83 -0.64 -17.45
CA LEU A 34 -6.16 -0.41 -18.02
C LEU A 34 -6.86 -1.74 -18.27
N ALA A 35 -6.10 -2.77 -18.62
CA ALA A 35 -6.64 -4.10 -18.88
C ALA A 35 -7.44 -4.60 -17.67
N GLU A 36 -6.82 -4.58 -16.51
CA GLU A 36 -7.46 -5.05 -15.28
C GLU A 36 -8.06 -3.87 -14.51
N ARG A 37 -9.26 -3.46 -14.92
CA ARG A 37 -9.95 -2.36 -14.26
C ARG A 37 -11.46 -2.55 -14.33
N ASN A 38 -12.07 -2.82 -13.19
CA ASN A 38 -13.51 -3.03 -13.11
C ASN A 38 -14.24 -1.70 -12.87
N GLY A 39 -13.72 -0.63 -13.46
CA GLY A 39 -14.33 0.68 -13.29
C GLY A 39 -13.29 1.79 -13.25
N ARG A 40 -13.28 2.53 -12.14
CA ARG A 40 -12.34 3.63 -11.98
C ARG A 40 -11.77 3.66 -10.56
N ILE A 41 -10.61 4.30 -10.40
CA ILE A 41 -9.97 4.39 -9.10
C ILE A 41 -10.24 5.75 -8.45
N ILE A 42 -10.45 5.75 -7.14
CA ILE A 42 -10.72 6.97 -6.40
C ILE A 42 -9.60 7.26 -5.40
N SER A 43 -9.02 6.20 -4.86
CA SER A 43 -7.93 6.33 -3.88
C SER A 43 -7.28 5.00 -3.61
N TYR A 44 -6.24 5.01 -2.77
CA TYR A 44 -5.53 3.79 -2.42
C TYR A 44 -5.30 3.70 -0.91
N THR A 45 -5.11 2.48 -0.42
CA THR A 45 -4.89 2.25 1.00
C THR A 45 -3.54 1.59 1.25
N VAL A 46 -2.60 2.35 1.81
CA VAL A 46 -1.27 1.84 2.09
C VAL A 46 -1.22 1.16 3.46
N VAL A 47 -1.27 -0.16 3.47
CA VAL A 47 -1.23 -0.92 4.71
C VAL A 47 0.20 -1.33 5.07
N PHE A 48 0.69 -0.80 6.19
CA PHE A 48 2.04 -1.10 6.64
C PHE A 48 2.01 -1.79 8.00
N ARG A 49 2.90 -2.77 8.18
CA ARG A 49 2.98 -3.50 9.44
C ARG A 49 4.35 -4.15 9.60
N ASP A 50 4.82 -4.21 10.84
CA ASP A 50 6.11 -4.80 11.14
C ASP A 50 6.03 -6.33 11.15
N ILE A 51 6.62 -6.95 10.13
CA ILE A 51 6.61 -8.41 10.02
C ILE A 51 7.15 -9.06 11.30
N ASN A 52 7.81 -8.25 12.12
CA ASN A 52 8.39 -8.74 13.37
C ASN A 52 7.43 -8.54 14.54
N SER A 53 6.52 -7.58 14.38
CA SER A 53 5.54 -7.27 15.42
C SER A 53 4.14 -7.65 14.97
N GLN A 54 3.18 -7.47 15.87
CA GLN A 54 1.79 -7.80 15.57
C GLN A 54 0.94 -6.54 15.51
N GLN A 55 1.55 -5.42 15.15
CA GLN A 55 0.85 -4.16 15.05
C GLN A 55 0.55 -3.81 13.60
N GLU A 56 -0.70 -3.99 13.20
CA GLU A 56 -1.11 -3.70 11.83
C GLU A 56 -1.61 -2.26 11.71
N LEU A 57 -1.27 -1.61 10.60
CA LEU A 57 -1.67 -0.24 10.35
C LEU A 57 -1.81 0.04 8.86
N GLN A 58 -2.40 1.18 8.53
CA GLN A 58 -2.59 1.56 7.14
C GLN A 58 -2.90 3.06 7.01
N ASN A 59 -2.83 3.57 5.79
CA ASN A 59 -3.10 4.98 5.54
C ASN A 59 -3.90 5.17 4.26
N ILE A 60 -4.38 6.38 4.04
CA ILE A 60 -5.17 6.69 2.86
C ILE A 60 -4.70 7.97 2.19
N THR A 61 -4.53 7.92 0.87
CA THR A 61 -4.07 9.08 0.12
C THR A 61 -4.63 9.07 -1.31
N THR A 62 -4.98 10.25 -1.81
CA THR A 62 -5.53 10.38 -3.15
C THR A 62 -4.43 10.37 -4.20
N ASP A 63 -3.24 9.92 -3.81
CA ASP A 63 -2.10 9.85 -4.72
C ASP A 63 -1.56 8.43 -4.80
N THR A 64 -0.80 8.16 -5.86
CA THR A 64 -0.21 6.84 -6.07
C THR A 64 1.04 6.65 -5.24
N ARG A 65 1.23 7.52 -4.25
CA ARG A 65 2.40 7.46 -3.38
C ARG A 65 2.01 7.76 -1.93
N PHE A 66 2.93 7.48 -1.02
CA PHE A 66 2.69 7.71 0.40
C PHE A 66 3.99 7.57 1.20
N THR A 67 4.01 8.19 2.38
CA THR A 67 5.18 8.14 3.25
C THR A 67 4.80 7.77 4.67
N LEU A 68 5.07 6.52 5.05
CA LEU A 68 4.76 6.04 6.39
C LEU A 68 5.39 6.93 7.45
N THR A 69 5.11 6.62 8.71
CA THR A 69 5.67 7.38 9.82
C THR A 69 5.60 6.59 11.13
N GLY A 70 6.30 7.08 12.15
CA GLY A 70 6.30 6.40 13.43
C GLY A 70 6.76 4.96 13.32
N LEU A 71 7.81 4.73 12.54
CA LEU A 71 8.34 3.39 12.35
C LEU A 71 9.68 3.22 13.07
N LYS A 72 10.06 1.98 13.32
CA LYS A 72 11.33 1.69 13.99
C LYS A 72 12.45 1.48 12.97
N PRO A 73 13.63 2.04 13.26
CA PRO A 73 14.80 1.92 12.39
C PRO A 73 15.36 0.51 12.38
N ASP A 74 15.82 0.07 11.21
CA ASP A 74 16.39 -1.27 11.06
C ASP A 74 15.36 -2.34 11.39
N THR A 75 14.17 -2.20 10.82
CA THR A 75 13.09 -3.16 11.06
C THR A 75 12.20 -3.32 9.82
N THR A 76 12.08 -4.54 9.35
CA THR A 76 11.27 -4.83 8.16
C THR A 76 9.82 -4.39 8.39
N TYR A 77 9.29 -3.65 7.42
CA TYR A 77 7.91 -3.16 7.50
C TYR A 77 7.11 -3.61 6.30
N ASP A 78 6.26 -4.62 6.49
CA ASP A 78 5.43 -5.14 5.40
C ASP A 78 4.42 -4.08 4.94
N ILE A 79 4.82 -3.33 3.92
CA ILE A 79 3.95 -2.29 3.37
C ILE A 79 3.35 -2.71 2.04
N LYS A 80 2.05 -2.50 1.88
CA LYS A 80 1.35 -2.86 0.65
C LYS A 80 0.42 -1.74 0.21
N VAL A 81 -0.34 -2.00 -0.84
CA VAL A 81 -1.28 -1.00 -1.37
C VAL A 81 -2.45 -1.67 -2.08
N ARG A 82 -3.54 -0.94 -2.24
CA ARG A 82 -4.73 -1.45 -2.91
C ARG A 82 -5.55 -0.33 -3.52
N ALA A 83 -6.10 -0.59 -4.71
CA ALA A 83 -6.90 0.41 -5.41
C ALA A 83 -8.35 0.37 -4.94
N TRP A 84 -8.98 1.54 -4.87
CA TRP A 84 -10.37 1.63 -4.43
C TRP A 84 -11.24 2.22 -5.54
N THR A 85 -12.50 1.77 -5.59
CA THR A 85 -13.43 2.25 -6.60
C THR A 85 -14.69 2.82 -5.95
N SER A 86 -15.42 3.64 -6.71
CA SER A 86 -16.65 4.25 -6.21
C SER A 86 -17.51 3.23 -5.46
N LYS A 87 -17.30 1.95 -5.78
CA LYS A 87 -18.05 0.89 -5.13
C LYS A 87 -17.45 0.54 -3.77
N GLY A 88 -16.20 0.12 -3.77
CA GLY A 88 -15.53 -0.24 -2.53
C GLY A 88 -14.04 -0.46 -2.71
N SER A 89 -13.56 -1.61 -2.26
CA SER A 89 -12.14 -1.94 -2.37
C SER A 89 -11.95 -3.29 -3.07
N GLY A 90 -10.71 -3.61 -3.40
CA GLY A 90 -10.42 -4.87 -4.06
C GLY A 90 -9.33 -5.66 -3.36
N PRO A 91 -8.45 -6.29 -4.14
CA PRO A 91 -7.35 -7.09 -3.60
C PRO A 91 -6.29 -6.25 -2.91
N LEU A 92 -5.25 -6.90 -2.40
CA LEU A 92 -4.17 -6.20 -1.71
C LEU A 92 -2.83 -6.51 -2.36
N SER A 93 -2.17 -5.47 -2.88
CA SER A 93 -0.88 -5.62 -3.53
C SER A 93 0.09 -6.39 -2.63
N PRO A 94 1.08 -7.04 -3.26
CA PRO A 94 2.10 -7.81 -2.54
C PRO A 94 3.05 -6.93 -1.74
N SER A 95 3.03 -7.08 -0.42
CA SER A 95 3.89 -6.29 0.46
C SER A 95 5.32 -6.29 -0.06
N ILE A 96 6.07 -5.26 0.32
CA ILE A 96 7.46 -5.13 -0.09
C ILE A 96 8.41 -5.37 1.08
N GLN A 97 7.92 -5.13 2.28
CA GLN A 97 8.72 -5.31 3.49
C GLN A 97 9.95 -4.39 3.48
N SER A 98 9.71 -3.11 3.21
CA SER A 98 10.78 -2.13 3.17
C SER A 98 11.31 -1.82 4.57
N ARG A 99 12.42 -2.44 4.93
CA ARG A 99 13.02 -2.23 6.24
C ARG A 99 13.65 -0.85 6.35
N THR A 100 13.07 -0.01 7.20
CA THR A 100 13.57 1.34 7.38
C THR A 100 15.10 1.37 7.45
N MET A 101 15.68 2.50 7.09
CA MET A 101 17.14 2.65 7.11
C MET A 101 17.68 2.56 8.54
N PRO A 102 18.81 1.86 8.69
CA PRO A 102 19.46 1.68 10.00
C PRO A 102 20.06 2.98 10.53
N VAL A 103 19.30 3.70 11.36
CA VAL A 103 19.76 4.96 11.93
C VAL A 103 21.19 4.83 12.44
N GLY A 1 -15.14 -9.27 6.79
CA GLY A 1 -16.21 -8.51 6.16
C GLY A 1 -15.77 -7.13 5.73
N SER A 2 -15.29 -7.02 4.49
CA SER A 2 -14.83 -5.74 3.96
C SER A 2 -15.95 -5.04 3.19
N SER A 3 -15.85 -3.71 3.10
CA SER A 3 -16.86 -2.93 2.40
C SER A 3 -16.57 -2.89 0.90
N GLY A 4 -16.21 -4.03 0.34
CA GLY A 4 -15.91 -4.11 -1.08
C GLY A 4 -16.52 -5.33 -1.74
N SER A 5 -17.61 -5.13 -2.47
CA SER A 5 -18.30 -6.23 -3.14
C SER A 5 -18.08 -6.15 -4.65
N SER A 6 -18.19 -4.95 -5.20
CA SER A 6 -18.01 -4.73 -6.64
C SER A 6 -16.82 -3.81 -6.90
N GLY A 7 -15.73 -4.05 -6.20
CA GLY A 7 -14.54 -3.23 -6.37
C GLY A 7 -13.66 -3.73 -7.50
N PRO A 8 -12.42 -3.21 -7.56
CA PRO A 8 -11.46 -3.59 -8.60
C PRO A 8 -10.95 -5.01 -8.44
N SER A 9 -10.64 -5.66 -9.55
CA SER A 9 -10.15 -7.03 -9.53
C SER A 9 -8.67 -7.09 -9.91
N GLY A 10 -7.88 -6.21 -9.30
CA GLY A 10 -6.46 -6.18 -9.58
C GLY A 10 -5.72 -5.16 -8.73
N PHE A 11 -4.42 -5.36 -8.55
CA PHE A 11 -3.61 -4.45 -7.74
C PHE A 11 -2.63 -3.68 -8.63
N PRO A 12 -2.16 -2.53 -8.12
CA PRO A 12 -1.22 -1.68 -8.84
C PRO A 12 0.17 -2.31 -8.94
N GLN A 13 1.07 -1.61 -9.63
CA GLN A 13 2.44 -2.10 -9.81
C GLN A 13 3.45 -1.02 -9.47
N ASN A 14 4.73 -1.36 -9.60
CA ASN A 14 5.81 -0.41 -9.31
C ASN A 14 5.80 -0.01 -7.83
N LEU A 15 5.27 -0.89 -6.99
CA LEU A 15 5.20 -0.63 -5.55
C LEU A 15 6.57 -0.80 -4.90
N HIS A 16 7.15 0.31 -4.47
CA HIS A 16 8.46 0.29 -3.83
C HIS A 16 8.71 1.58 -3.06
N VAL A 17 9.91 1.70 -2.49
CA VAL A 17 10.27 2.89 -1.73
C VAL A 17 11.28 3.75 -2.49
N THR A 18 10.92 5.01 -2.71
CA THR A 18 11.80 5.93 -3.43
C THR A 18 12.83 6.54 -2.49
N GLY A 19 12.56 6.50 -1.19
CA GLY A 19 13.48 7.05 -0.22
C GLY A 19 13.01 6.83 1.21
N LEU A 20 13.22 5.63 1.72
CA LEU A 20 12.82 5.28 3.08
C LEU A 20 13.57 6.14 4.09
N THR A 21 13.19 6.00 5.36
CA THR A 21 13.84 6.76 6.43
C THR A 21 13.93 5.92 7.71
N THR A 22 14.78 6.36 8.63
CA THR A 22 14.96 5.66 9.90
C THR A 22 13.62 5.49 10.63
N SER A 23 12.86 6.56 10.70
CA SER A 23 11.56 6.54 11.37
C SER A 23 10.43 6.47 10.35
N THR A 24 10.59 7.19 9.25
CA THR A 24 9.57 7.22 8.20
C THR A 24 10.00 6.38 7.01
N THR A 25 9.09 6.22 6.05
CA THR A 25 9.37 5.43 4.86
C THR A 25 8.57 5.94 3.67
N GLU A 26 9.26 6.43 2.65
CA GLU A 26 8.61 6.95 1.45
C GLU A 26 8.18 5.81 0.54
N LEU A 27 7.16 6.07 -0.29
CA LEU A 27 6.66 5.06 -1.21
C LEU A 27 6.36 5.69 -2.58
N ALA A 28 6.20 4.83 -3.59
CA ALA A 28 5.91 5.30 -4.93
C ALA A 28 5.50 4.14 -5.84
N TRP A 29 4.22 4.08 -6.18
CA TRP A 29 3.70 3.03 -7.04
C TRP A 29 2.95 3.60 -8.22
N ASP A 30 2.39 2.73 -9.06
CA ASP A 30 1.64 3.16 -10.23
C ASP A 30 0.24 2.55 -10.24
N PRO A 31 -0.65 3.13 -11.06
CA PRO A 31 -2.03 2.67 -11.18
C PRO A 31 -2.14 1.30 -11.86
N PRO A 32 -3.21 0.56 -11.55
CA PRO A 32 -3.44 -0.77 -12.12
C PRO A 32 -3.80 -0.70 -13.60
N VAL A 33 -3.38 -1.72 -14.35
CA VAL A 33 -3.65 -1.78 -15.78
C VAL A 33 -5.15 -1.73 -16.06
N LEU A 34 -5.57 -0.79 -16.90
CA LEU A 34 -6.97 -0.64 -17.24
C LEU A 34 -7.67 -2.00 -17.28
N ALA A 35 -6.93 -3.03 -17.69
CA ALA A 35 -7.48 -4.37 -17.76
C ALA A 35 -7.84 -4.90 -16.38
N GLU A 36 -6.82 -5.17 -15.57
CA GLU A 36 -7.03 -5.68 -14.22
C GLU A 36 -8.04 -4.80 -13.45
N ARG A 37 -7.84 -3.50 -13.53
CA ARG A 37 -8.72 -2.55 -12.84
C ARG A 37 -10.05 -2.43 -13.57
N ASN A 38 -11.02 -3.24 -13.15
CA ASN A 38 -12.34 -3.22 -13.76
C ASN A 38 -12.75 -1.81 -14.16
N GLY A 39 -12.89 -0.94 -13.16
CA GLY A 39 -13.27 0.44 -13.43
C GLY A 39 -12.14 1.42 -13.13
N ARG A 40 -12.51 2.65 -12.78
CA ARG A 40 -11.53 3.68 -12.48
C ARG A 40 -11.11 3.60 -11.01
N ILE A 41 -10.20 4.49 -10.61
CA ILE A 41 -9.71 4.53 -9.23
C ILE A 41 -10.03 5.87 -8.58
N ILE A 42 -10.28 5.84 -7.28
CA ILE A 42 -10.58 7.05 -6.54
C ILE A 42 -9.56 7.31 -5.44
N SER A 43 -8.98 6.23 -4.92
CA SER A 43 -7.98 6.32 -3.87
C SER A 43 -7.37 4.96 -3.56
N TYR A 44 -6.33 4.96 -2.73
CA TYR A 44 -5.65 3.71 -2.37
C TYR A 44 -5.48 3.62 -0.85
N THR A 45 -5.12 2.43 -0.38
CA THR A 45 -4.93 2.20 1.04
C THR A 45 -3.58 1.54 1.32
N VAL A 46 -2.61 2.34 1.78
CA VAL A 46 -1.28 1.83 2.07
C VAL A 46 -1.25 1.16 3.44
N VAL A 47 -1.28 -0.16 3.45
CA VAL A 47 -1.25 -0.92 4.70
C VAL A 47 0.17 -1.34 5.05
N PHE A 48 0.66 -0.83 6.17
CA PHE A 48 2.01 -1.14 6.63
C PHE A 48 1.98 -1.80 8.01
N ARG A 49 2.88 -2.76 8.22
CA ARG A 49 2.95 -3.46 9.49
C ARG A 49 4.32 -4.14 9.66
N ASP A 50 4.82 -4.12 10.89
CA ASP A 50 6.12 -4.73 11.18
C ASP A 50 6.01 -6.25 11.25
N ILE A 51 6.61 -6.92 10.27
CA ILE A 51 6.58 -8.38 10.21
C ILE A 51 7.14 -8.99 11.49
N ASN A 52 7.78 -8.16 12.31
CA ASN A 52 8.36 -8.61 13.57
C ASN A 52 7.40 -8.37 14.74
N SER A 53 6.42 -7.49 14.51
CA SER A 53 5.45 -7.16 15.55
C SER A 53 4.03 -7.52 15.09
N GLN A 54 3.06 -7.32 15.97
CA GLN A 54 1.67 -7.63 15.67
C GLN A 54 0.84 -6.36 15.61
N GLN A 55 1.48 -5.25 15.25
CA GLN A 55 0.80 -3.96 15.16
C GLN A 55 0.50 -3.61 13.71
N GLU A 56 -0.71 -3.95 13.25
CA GLU A 56 -1.11 -3.66 11.89
C GLU A 56 -1.61 -2.22 11.75
N LEU A 57 -1.26 -1.59 10.63
CA LEU A 57 -1.66 -0.21 10.38
C LEU A 57 -1.81 0.05 8.88
N GLN A 58 -2.38 1.20 8.54
CA GLN A 58 -2.58 1.56 7.14
C GLN A 58 -2.90 3.05 7.01
N ASN A 59 -2.79 3.56 5.79
CA ASN A 59 -3.06 4.97 5.52
C ASN A 59 -3.88 5.14 4.24
N ILE A 60 -4.34 6.36 4.00
CA ILE A 60 -5.14 6.65 2.82
C ILE A 60 -4.67 7.94 2.16
N THR A 61 -4.51 7.89 0.84
CA THR A 61 -4.06 9.07 0.08
C THR A 61 -4.63 9.04 -1.33
N THR A 62 -4.98 10.21 -1.84
CA THR A 62 -5.53 10.33 -3.19
C THR A 62 -4.41 10.34 -4.24
N ASP A 63 -3.23 9.91 -3.84
CA ASP A 63 -2.09 9.86 -4.74
C ASP A 63 -1.53 8.45 -4.85
N THR A 64 -0.76 8.19 -5.90
CA THR A 64 -0.17 6.88 -6.13
C THR A 64 1.09 6.70 -5.28
N ARG A 65 1.26 7.56 -4.28
CA ARG A 65 2.42 7.49 -3.40
C ARG A 65 2.02 7.78 -1.95
N PHE A 66 2.95 7.52 -1.04
CA PHE A 66 2.71 7.76 0.38
C PHE A 66 3.99 7.66 1.18
N THR A 67 3.96 8.17 2.41
CA THR A 67 5.13 8.13 3.28
C THR A 67 4.75 7.72 4.70
N LEU A 68 5.18 6.52 5.10
CA LEU A 68 4.88 6.01 6.43
C LEU A 68 5.57 6.84 7.51
N THR A 69 5.21 6.60 8.76
CA THR A 69 5.80 7.32 9.88
C THR A 69 5.64 6.55 11.18
N GLY A 70 6.43 6.92 12.19
CA GLY A 70 6.36 6.25 13.47
C GLY A 70 6.87 4.82 13.40
N LEU A 71 7.89 4.59 12.59
CA LEU A 71 8.47 3.27 12.43
C LEU A 71 9.84 3.19 13.10
N LYS A 72 10.28 1.96 13.39
CA LYS A 72 11.57 1.76 14.02
C LYS A 72 12.66 1.53 12.98
N PRO A 73 13.86 2.07 13.25
CA PRO A 73 15.01 1.93 12.34
C PRO A 73 15.55 0.51 12.30
N ASP A 74 16.06 0.11 11.14
CA ASP A 74 16.60 -1.24 10.96
C ASP A 74 15.57 -2.30 11.30
N THR A 75 14.35 -2.13 10.78
CA THR A 75 13.28 -3.08 11.02
C THR A 75 12.39 -3.24 9.80
N THR A 76 12.11 -4.48 9.43
CA THR A 76 11.28 -4.77 8.27
C THR A 76 9.82 -4.36 8.52
N TYR A 77 9.23 -3.70 7.55
CA TYR A 77 7.84 -3.25 7.67
C TYR A 77 7.02 -3.67 6.44
N ASP A 78 6.19 -4.70 6.62
CA ASP A 78 5.36 -5.19 5.53
C ASP A 78 4.40 -4.11 5.04
N ILE A 79 4.77 -3.45 3.96
CA ILE A 79 3.95 -2.39 3.39
C ILE A 79 3.34 -2.81 2.07
N LYS A 80 2.03 -2.61 1.93
CA LYS A 80 1.33 -2.98 0.70
C LYS A 80 0.40 -1.85 0.26
N VAL A 81 -0.35 -2.10 -0.81
CA VAL A 81 -1.29 -1.11 -1.34
C VAL A 81 -2.44 -1.79 -2.06
N ARG A 82 -3.53 -1.03 -2.25
CA ARG A 82 -4.71 -1.56 -2.93
C ARG A 82 -5.57 -0.42 -3.48
N ALA A 83 -5.97 -0.54 -4.74
CA ALA A 83 -6.79 0.47 -5.38
C ALA A 83 -8.24 0.39 -4.89
N TRP A 84 -8.93 1.52 -4.92
CA TRP A 84 -10.33 1.57 -4.48
C TRP A 84 -11.22 2.17 -5.57
N THR A 85 -12.47 1.74 -5.61
CA THR A 85 -13.42 2.22 -6.59
C THR A 85 -14.66 2.82 -5.92
N SER A 86 -15.43 3.59 -6.68
CA SER A 86 -16.64 4.22 -6.17
C SER A 86 -17.50 3.20 -5.42
N LYS A 87 -17.32 1.93 -5.74
CA LYS A 87 -18.07 0.86 -5.10
C LYS A 87 -17.47 0.50 -3.74
N GLY A 88 -16.22 0.05 -3.75
CA GLY A 88 -15.55 -0.31 -2.52
C GLY A 88 -14.06 -0.50 -2.69
N SER A 89 -13.57 -1.68 -2.39
CA SER A 89 -12.15 -1.99 -2.50
C SER A 89 -11.92 -3.27 -3.28
N GLY A 90 -10.65 -3.61 -3.52
CA GLY A 90 -10.33 -4.82 -4.25
C GLY A 90 -9.28 -5.66 -3.56
N PRO A 91 -8.39 -6.27 -4.37
CA PRO A 91 -7.30 -7.12 -3.85
C PRO A 91 -6.24 -6.29 -3.13
N LEU A 92 -5.29 -6.99 -2.51
CA LEU A 92 -4.20 -6.33 -1.78
C LEU A 92 -2.86 -6.65 -2.43
N SER A 93 -2.14 -5.60 -2.83
CA SER A 93 -0.83 -5.76 -3.46
C SER A 93 0.11 -6.54 -2.55
N PRO A 94 1.11 -7.19 -3.15
CA PRO A 94 2.11 -7.98 -2.41
C PRO A 94 3.06 -7.09 -1.60
N SER A 95 3.02 -7.25 -0.27
CA SER A 95 3.87 -6.47 0.61
C SER A 95 5.32 -6.52 0.15
N ILE A 96 6.04 -5.42 0.36
CA ILE A 96 7.44 -5.34 -0.03
C ILE A 96 8.36 -5.56 1.17
N GLN A 97 7.85 -5.28 2.36
CA GLN A 97 8.62 -5.44 3.58
C GLN A 97 9.85 -4.54 3.59
N SER A 98 9.64 -3.26 3.30
CA SER A 98 10.72 -2.29 3.26
C SER A 98 11.23 -1.98 4.66
N ARG A 99 12.44 -2.44 4.97
CA ARG A 99 13.04 -2.21 6.27
C ARG A 99 13.69 -0.84 6.35
N THR A 100 13.15 0.02 7.22
CA THR A 100 13.68 1.37 7.38
C THR A 100 15.20 1.37 7.35
N MET A 101 15.78 2.54 7.09
CA MET A 101 17.24 2.67 7.02
C MET A 101 17.85 2.44 8.39
N PRO A 102 18.93 1.63 8.42
CA PRO A 102 19.64 1.30 9.66
C PRO A 102 20.39 2.50 10.23
N VAL A 103 19.71 3.29 11.06
CA VAL A 103 20.31 4.46 11.67
C VAL A 103 21.80 4.24 11.94
N GLY A 1 -12.95 -7.89 -1.22
CA GLY A 1 -14.38 -8.04 -1.43
C GLY A 1 -14.95 -9.29 -0.78
N SER A 2 -15.41 -9.15 0.46
CA SER A 2 -15.96 -10.28 1.19
C SER A 2 -17.47 -10.36 0.99
N SER A 3 -17.91 -11.42 0.33
CA SER A 3 -19.33 -11.63 0.06
C SER A 3 -19.89 -10.50 -0.80
N GLY A 4 -19.14 -10.13 -1.83
CA GLY A 4 -19.57 -9.06 -2.72
C GLY A 4 -18.81 -9.05 -4.02
N SER A 5 -19.48 -8.64 -5.10
CA SER A 5 -18.86 -8.59 -6.41
C SER A 5 -18.60 -7.14 -6.83
N SER A 6 -18.12 -6.33 -5.89
CA SER A 6 -17.83 -4.93 -6.17
C SER A 6 -16.38 -4.61 -5.84
N GLY A 7 -15.79 -3.70 -6.63
CA GLY A 7 -14.40 -3.32 -6.42
C GLY A 7 -13.49 -3.84 -7.51
N PRO A 8 -12.26 -3.32 -7.54
CA PRO A 8 -11.25 -3.71 -8.55
C PRO A 8 -10.75 -5.14 -8.34
N SER A 9 -10.53 -5.84 -9.43
CA SER A 9 -10.04 -7.22 -9.36
C SER A 9 -8.53 -7.28 -9.57
N GLY A 10 -7.95 -6.15 -9.97
CA GLY A 10 -6.52 -6.10 -10.19
C GLY A 10 -5.82 -5.16 -9.24
N PHE A 11 -4.52 -5.40 -9.01
CA PHE A 11 -3.74 -4.56 -8.11
C PHE A 11 -2.68 -3.77 -8.88
N PRO A 12 -2.23 -2.65 -8.30
CA PRO A 12 -1.22 -1.79 -8.90
C PRO A 12 0.16 -2.44 -8.92
N GLN A 13 1.11 -1.80 -9.59
CA GLN A 13 2.47 -2.32 -9.68
C GLN A 13 3.49 -1.23 -9.37
N ASN A 14 4.77 -1.58 -9.49
CA ASN A 14 5.84 -0.63 -9.22
C ASN A 14 5.79 -0.14 -7.77
N LEU A 15 5.27 -0.98 -6.89
CA LEU A 15 5.15 -0.64 -5.47
C LEU A 15 6.50 -0.78 -4.78
N HIS A 16 7.04 0.35 -4.32
CA HIS A 16 8.33 0.35 -3.62
C HIS A 16 8.56 1.69 -2.93
N VAL A 17 9.75 1.84 -2.34
CA VAL A 17 10.11 3.07 -1.65
C VAL A 17 11.09 3.90 -2.47
N THR A 18 10.89 5.21 -2.49
CA THR A 18 11.76 6.11 -3.23
C THR A 18 12.65 6.91 -2.29
N GLY A 19 12.45 6.72 -0.99
CA GLY A 19 13.24 7.44 -0.01
C GLY A 19 12.81 7.13 1.42
N LEU A 20 13.12 5.92 1.87
CA LEU A 20 12.76 5.51 3.23
C LEU A 20 13.50 6.34 4.27
N THR A 21 13.09 6.20 5.52
CA THR A 21 13.70 6.96 6.62
C THR A 21 13.78 6.11 7.89
N THR A 22 14.68 6.48 8.79
CA THR A 22 14.85 5.76 10.04
C THR A 22 13.50 5.56 10.74
N SER A 23 12.70 6.62 10.80
CA SER A 23 11.40 6.56 11.43
C SER A 23 10.29 6.48 10.39
N THR A 24 10.41 7.29 9.34
CA THR A 24 9.41 7.32 8.28
C THR A 24 9.87 6.49 7.07
N THR A 25 8.94 6.21 6.17
CA THR A 25 9.25 5.44 4.97
C THR A 25 8.43 5.92 3.78
N GLU A 26 9.12 6.44 2.77
CA GLU A 26 8.46 6.94 1.57
C GLU A 26 7.99 5.78 0.69
N LEU A 27 7.11 6.09 -0.26
CA LEU A 27 6.59 5.08 -1.17
C LEU A 27 6.32 5.67 -2.55
N ALA A 28 6.18 4.80 -3.54
CA ALA A 28 5.91 5.24 -4.91
C ALA A 28 5.48 4.07 -5.78
N TRP A 29 4.19 4.02 -6.10
CA TRP A 29 3.65 2.95 -6.94
C TRP A 29 2.89 3.52 -8.13
N ASP A 30 2.33 2.63 -8.94
CA ASP A 30 1.57 3.05 -10.11
C ASP A 30 0.18 2.43 -10.12
N PRO A 31 -0.73 3.02 -10.92
CA PRO A 31 -2.11 2.54 -11.02
C PRO A 31 -2.21 1.20 -11.73
N PRO A 32 -3.36 0.52 -11.57
CA PRO A 32 -3.60 -0.78 -12.20
C PRO A 32 -3.76 -0.69 -13.71
N VAL A 33 -2.95 -1.45 -14.43
CA VAL A 33 -2.99 -1.45 -15.88
C VAL A 33 -4.41 -1.25 -16.39
N LEU A 34 -4.60 -0.28 -17.26
CA LEU A 34 -5.91 0.02 -17.83
C LEU A 34 -6.64 -1.27 -18.19
N ALA A 35 -5.88 -2.33 -18.44
CA ALA A 35 -6.45 -3.62 -18.81
C ALA A 35 -7.30 -4.18 -17.67
N GLU A 36 -6.73 -4.19 -16.47
CA GLU A 36 -7.43 -4.71 -15.29
C GLU A 36 -8.00 -3.57 -14.45
N ARG A 37 -9.06 -2.94 -14.95
CA ARG A 37 -9.70 -1.84 -14.25
C ARG A 37 -11.21 -2.05 -14.14
N ASN A 38 -11.61 -2.89 -13.19
CA ASN A 38 -13.02 -3.19 -12.98
C ASN A 38 -13.87 -1.93 -13.16
N GLY A 39 -13.34 -0.80 -12.75
CA GLY A 39 -14.05 0.46 -12.87
C GLY A 39 -13.13 1.66 -12.89
N ARG A 40 -13.25 2.52 -11.90
CA ARG A 40 -12.42 3.72 -11.80
C ARG A 40 -11.66 3.75 -10.48
N ILE A 41 -10.68 4.65 -10.39
CA ILE A 41 -9.87 4.78 -9.20
C ILE A 41 -10.14 6.11 -8.49
N ILE A 42 -10.20 6.07 -7.17
CA ILE A 42 -10.44 7.27 -6.38
C ILE A 42 -9.34 7.49 -5.35
N SER A 43 -8.79 6.40 -4.85
CA SER A 43 -7.73 6.47 -3.85
C SER A 43 -7.17 5.08 -3.54
N TYR A 44 -6.12 5.04 -2.73
CA TYR A 44 -5.48 3.77 -2.37
C TYR A 44 -5.31 3.66 -0.87
N THR A 45 -5.02 2.45 -0.39
CA THR A 45 -4.83 2.21 1.04
C THR A 45 -3.48 1.56 1.31
N VAL A 46 -2.53 2.35 1.79
CA VAL A 46 -1.20 1.84 2.10
C VAL A 46 -1.16 1.17 3.47
N VAL A 47 -1.23 -0.15 3.49
CA VAL A 47 -1.21 -0.91 4.73
C VAL A 47 0.20 -1.36 5.08
N PHE A 48 0.72 -0.87 6.20
CA PHE A 48 2.06 -1.21 6.64
C PHE A 48 2.02 -1.95 7.98
N ARG A 49 2.87 -2.96 8.11
CA ARG A 49 2.93 -3.75 9.35
C ARG A 49 4.30 -4.37 9.52
N ASP A 50 4.81 -4.34 10.75
CA ASP A 50 6.12 -4.91 11.05
C ASP A 50 6.06 -6.44 11.05
N ILE A 51 6.75 -7.05 10.11
CA ILE A 51 6.78 -8.52 10.01
C ILE A 51 7.37 -9.14 11.26
N ASN A 52 7.91 -8.30 12.14
CA ASN A 52 8.50 -8.78 13.38
C ASN A 52 7.58 -8.49 14.57
N SER A 53 6.47 -7.80 14.30
CA SER A 53 5.52 -7.46 15.35
C SER A 53 4.09 -7.68 14.86
N GLN A 54 3.14 -7.64 15.80
CA GLN A 54 1.73 -7.83 15.47
C GLN A 54 1.03 -6.49 15.29
N GLN A 55 1.80 -5.43 15.09
CA GLN A 55 1.26 -4.10 14.90
C GLN A 55 0.91 -3.84 13.44
N GLU A 56 -0.39 -3.77 13.15
CA GLU A 56 -0.85 -3.54 11.79
C GLU A 56 -1.47 -2.14 11.65
N LEU A 57 -1.12 -1.45 10.58
CA LEU A 57 -1.64 -0.10 10.33
C LEU A 57 -1.80 0.15 8.84
N GLN A 58 -2.44 1.26 8.51
CA GLN A 58 -2.67 1.63 7.10
C GLN A 58 -3.02 3.11 6.97
N ASN A 59 -2.96 3.61 5.75
CA ASN A 59 -3.27 5.02 5.49
C ASN A 59 -4.02 5.17 4.18
N ILE A 60 -4.55 6.37 3.93
CA ILE A 60 -5.30 6.65 2.72
C ILE A 60 -4.83 7.96 2.08
N THR A 61 -4.60 7.92 0.77
CA THR A 61 -4.15 9.10 0.04
C THR A 61 -4.68 9.09 -1.39
N THR A 62 -5.00 10.27 -1.91
CA THR A 62 -5.51 10.40 -3.27
C THR A 62 -4.37 10.41 -4.28
N ASP A 63 -3.23 9.87 -3.90
CA ASP A 63 -2.06 9.82 -4.77
C ASP A 63 -1.50 8.41 -4.85
N THR A 64 -0.70 8.15 -5.88
CA THR A 64 -0.10 6.84 -6.08
C THR A 64 1.15 6.67 -5.22
N ARG A 65 1.30 7.53 -4.22
CA ARG A 65 2.45 7.49 -3.33
C ARG A 65 2.05 7.80 -1.89
N PHE A 66 2.93 7.47 -0.95
CA PHE A 66 2.66 7.72 0.46
C PHE A 66 3.93 7.54 1.29
N THR A 67 4.00 8.25 2.42
CA THR A 67 5.16 8.17 3.30
C THR A 67 4.75 7.78 4.71
N LEU A 68 5.08 6.55 5.09
CA LEU A 68 4.75 6.05 6.42
C LEU A 68 5.46 6.85 7.51
N THR A 69 5.13 6.57 8.76
CA THR A 69 5.74 7.26 9.89
C THR A 69 5.58 6.47 11.18
N GLY A 70 6.23 6.93 12.25
CA GLY A 70 6.14 6.26 13.52
C GLY A 70 6.66 4.83 13.46
N LEU A 71 7.66 4.60 12.62
CA LEU A 71 8.25 3.27 12.46
C LEU A 71 9.59 3.18 13.18
N LYS A 72 10.07 1.96 13.36
CA LYS A 72 11.34 1.73 14.02
C LYS A 72 12.47 1.57 13.01
N PRO A 73 13.63 2.16 13.32
CA PRO A 73 14.81 2.08 12.43
C PRO A 73 15.42 0.68 12.40
N ASP A 74 15.89 0.27 11.22
CA ASP A 74 16.49 -1.05 11.05
C ASP A 74 15.48 -2.14 11.36
N THR A 75 14.28 -2.02 10.82
CA THR A 75 13.23 -3.00 11.05
C THR A 75 12.34 -3.16 9.81
N THR A 76 12.22 -4.40 9.34
CA THR A 76 11.40 -4.68 8.16
C THR A 76 9.94 -4.32 8.41
N TYR A 77 9.33 -3.62 7.45
CA TYR A 77 7.95 -3.21 7.57
C TYR A 77 7.15 -3.61 6.33
N ASP A 78 6.30 -4.63 6.48
CA ASP A 78 5.49 -5.12 5.38
C ASP A 78 4.50 -4.04 4.92
N ILE A 79 4.84 -3.36 3.83
CA ILE A 79 3.98 -2.31 3.30
C ILE A 79 3.35 -2.73 1.98
N LYS A 80 2.05 -2.50 1.84
CA LYS A 80 1.33 -2.86 0.62
C LYS A 80 0.38 -1.75 0.20
N VAL A 81 -0.38 -1.99 -0.86
CA VAL A 81 -1.32 -1.00 -1.36
C VAL A 81 -2.51 -1.68 -2.05
N ARG A 82 -3.59 -0.92 -2.21
CA ARG A 82 -4.79 -1.45 -2.85
C ARG A 82 -5.60 -0.33 -3.48
N ALA A 83 -6.07 -0.55 -4.70
CA ALA A 83 -6.87 0.45 -5.41
C ALA A 83 -8.33 0.40 -4.98
N TRP A 84 -8.94 1.57 -4.83
CA TRP A 84 -10.33 1.66 -4.42
C TRP A 84 -11.18 2.29 -5.51
N THR A 85 -12.32 1.67 -5.79
CA THR A 85 -13.23 2.16 -6.82
C THR A 85 -14.48 2.79 -6.20
N SER A 86 -15.18 3.60 -6.99
CA SER A 86 -16.39 4.26 -6.51
C SER A 86 -17.30 3.27 -5.79
N LYS A 87 -17.17 1.99 -6.12
CA LYS A 87 -17.97 0.96 -5.50
C LYS A 87 -17.42 0.57 -4.14
N GLY A 88 -16.17 0.11 -4.12
CA GLY A 88 -15.54 -0.27 -2.87
C GLY A 88 -14.05 -0.51 -3.01
N SER A 89 -13.59 -1.64 -2.49
CA SER A 89 -12.17 -1.98 -2.56
C SER A 89 -11.97 -3.33 -3.25
N GLY A 90 -10.71 -3.66 -3.52
CA GLY A 90 -10.40 -4.92 -4.18
C GLY A 90 -9.33 -5.70 -3.47
N PRO A 91 -8.42 -6.33 -4.23
CA PRO A 91 -7.32 -7.12 -3.68
C PRO A 91 -6.27 -6.26 -3.00
N LEU A 92 -5.23 -6.90 -2.49
CA LEU A 92 -4.15 -6.19 -1.80
C LEU A 92 -2.80 -6.49 -2.44
N SER A 93 -2.15 -5.45 -2.95
CA SER A 93 -0.84 -5.60 -3.59
C SER A 93 0.12 -6.37 -2.69
N PRO A 94 1.12 -7.02 -3.32
CA PRO A 94 2.12 -7.80 -2.59
C PRO A 94 3.07 -6.92 -1.78
N SER A 95 3.04 -7.09 -0.46
CA SER A 95 3.90 -6.31 0.42
C SER A 95 5.33 -6.30 -0.07
N ILE A 96 6.07 -5.25 0.28
CA ILE A 96 7.46 -5.12 -0.13
C ILE A 96 8.41 -5.33 1.05
N GLN A 97 7.92 -5.05 2.25
CA GLN A 97 8.72 -5.22 3.46
C GLN A 97 9.92 -4.27 3.45
N SER A 98 9.66 -2.99 3.24
CA SER A 98 10.72 -1.99 3.21
C SER A 98 11.27 -1.73 4.59
N ARG A 99 12.47 -2.25 4.87
CA ARG A 99 13.10 -2.08 6.16
C ARG A 99 13.70 -0.68 6.30
N THR A 100 13.13 0.12 7.19
CA THR A 100 13.60 1.48 7.41
C THR A 100 15.11 1.53 7.51
N MET A 101 15.69 2.67 7.13
CA MET A 101 17.14 2.86 7.18
C MET A 101 17.65 2.78 8.62
N PRO A 102 18.81 2.14 8.80
CA PRO A 102 19.43 1.99 10.11
C PRO A 102 19.96 3.30 10.67
N VAL A 103 19.13 3.99 11.46
CA VAL A 103 19.51 5.26 12.06
C VAL A 103 20.96 5.22 12.54
N GLY A 1 -13.26 -17.32 -1.68
CA GLY A 1 -14.40 -16.42 -1.78
C GLY A 1 -15.47 -16.96 -2.71
N SER A 2 -16.59 -16.25 -2.78
CA SER A 2 -17.70 -16.66 -3.63
C SER A 2 -17.89 -15.68 -4.78
N SER A 3 -18.82 -16.00 -5.68
CA SER A 3 -19.11 -15.15 -6.84
C SER A 3 -19.93 -13.93 -6.42
N GLY A 4 -19.26 -12.78 -6.36
CA GLY A 4 -19.94 -11.56 -5.98
C GLY A 4 -19.09 -10.67 -5.08
N SER A 5 -18.60 -9.57 -5.62
CA SER A 5 -17.77 -8.65 -4.86
C SER A 5 -17.63 -7.32 -5.59
N SER A 6 -18.05 -6.24 -4.92
CA SER A 6 -17.98 -4.90 -5.50
C SER A 6 -16.59 -4.30 -5.30
N GLY A 7 -15.92 -4.00 -6.40
CA GLY A 7 -14.60 -3.41 -6.33
C GLY A 7 -13.72 -3.80 -7.51
N PRO A 8 -12.52 -3.21 -7.58
CA PRO A 8 -11.57 -3.48 -8.66
C PRO A 8 -10.98 -4.89 -8.57
N SER A 9 -10.66 -5.46 -9.73
CA SER A 9 -10.09 -6.80 -9.79
C SER A 9 -8.65 -6.76 -10.28
N GLY A 10 -7.95 -5.69 -9.94
CA GLY A 10 -6.56 -5.54 -10.36
C GLY A 10 -5.77 -4.64 -9.43
N PHE A 11 -4.61 -5.12 -8.99
CA PHE A 11 -3.75 -4.35 -8.10
C PHE A 11 -2.70 -3.58 -8.88
N PRO A 12 -2.21 -2.47 -8.30
CA PRO A 12 -1.19 -1.64 -8.93
C PRO A 12 0.17 -2.32 -9.00
N GLN A 13 1.13 -1.66 -9.64
CA GLN A 13 2.47 -2.20 -9.78
C GLN A 13 3.52 -1.15 -9.46
N ASN A 14 4.80 -1.52 -9.61
CA ASN A 14 5.90 -0.60 -9.34
C ASN A 14 5.86 -0.13 -7.88
N LEU A 15 5.40 -0.99 -6.99
CA LEU A 15 5.31 -0.66 -5.57
C LEU A 15 6.68 -0.76 -4.91
N HIS A 16 7.21 0.38 -4.47
CA HIS A 16 8.51 0.43 -3.82
C HIS A 16 8.72 1.77 -3.11
N VAL A 17 9.86 1.91 -2.44
CA VAL A 17 10.18 3.13 -1.72
C VAL A 17 11.20 3.96 -2.49
N THR A 18 10.91 5.25 -2.65
CA THR A 18 11.80 6.16 -3.36
C THR A 18 12.78 6.83 -2.41
N GLY A 19 12.48 6.76 -1.11
CA GLY A 19 13.35 7.36 -0.12
C GLY A 19 12.88 7.10 1.29
N LEU A 20 13.15 5.89 1.79
CA LEU A 20 12.75 5.52 3.15
C LEU A 20 13.51 6.33 4.18
N THR A 21 13.12 6.19 5.45
CA THR A 21 13.75 6.90 6.54
C THR A 21 13.83 6.05 7.80
N THR A 22 14.67 6.46 8.74
CA THR A 22 14.83 5.73 10.00
C THR A 22 13.49 5.57 10.71
N SER A 23 12.69 6.63 10.70
CA SER A 23 11.39 6.60 11.35
C SER A 23 10.27 6.52 10.32
N THR A 24 10.39 7.30 9.26
CA THR A 24 9.38 7.31 8.19
C THR A 24 9.86 6.52 6.98
N THR A 25 8.93 6.23 6.08
CA THR A 25 9.25 5.47 4.87
C THR A 25 8.42 5.95 3.69
N GLU A 26 9.11 6.49 2.67
CA GLU A 26 8.43 6.99 1.48
C GLU A 26 7.99 5.83 0.58
N LEU A 27 7.08 6.13 -0.33
CA LEU A 27 6.57 5.12 -1.26
C LEU A 27 6.28 5.72 -2.62
N ALA A 28 6.10 4.86 -3.62
CA ALA A 28 5.80 5.31 -4.98
C ALA A 28 5.44 4.14 -5.88
N TRP A 29 4.16 4.03 -6.20
CA TRP A 29 3.68 2.95 -7.06
C TRP A 29 2.92 3.49 -8.26
N ASP A 30 2.42 2.60 -9.10
CA ASP A 30 1.67 3.00 -10.29
C ASP A 30 0.27 2.39 -10.28
N PRO A 31 -0.65 3.01 -11.04
CA PRO A 31 -2.04 2.53 -11.13
C PRO A 31 -2.15 1.22 -11.90
N PRO A 32 -3.33 0.60 -11.85
CA PRO A 32 -3.60 -0.67 -12.53
C PRO A 32 -3.65 -0.51 -14.04
N VAL A 33 -3.26 -1.56 -14.76
CA VAL A 33 -3.25 -1.54 -16.22
C VAL A 33 -4.67 -1.37 -16.76
N LEU A 34 -4.80 -0.52 -17.77
CA LEU A 34 -6.11 -0.27 -18.39
C LEU A 34 -6.86 -1.57 -18.60
N ALA A 35 -6.13 -2.67 -18.69
CA ALA A 35 -6.74 -3.99 -18.88
C ALA A 35 -7.44 -4.46 -17.63
N GLU A 36 -6.73 -4.39 -16.50
CA GLU A 36 -7.29 -4.82 -15.21
C GLU A 36 -7.93 -3.64 -14.48
N ARG A 37 -9.15 -3.29 -14.88
CA ARG A 37 -9.86 -2.19 -14.26
C ARG A 37 -11.37 -2.40 -14.35
N ASN A 38 -12.00 -2.68 -13.22
CA ASN A 38 -13.43 -2.91 -13.17
C ASN A 38 -14.18 -1.61 -12.89
N GLY A 39 -13.63 -0.50 -13.38
CA GLY A 39 -14.26 0.79 -13.17
C GLY A 39 -13.25 1.93 -13.17
N ARG A 40 -13.23 2.69 -12.07
CA ARG A 40 -12.31 3.81 -11.95
C ARG A 40 -11.71 3.87 -10.55
N ILE A 41 -10.52 4.45 -10.44
CA ILE A 41 -9.84 4.57 -9.16
C ILE A 41 -10.12 5.93 -8.52
N ILE A 42 -10.29 5.93 -7.19
CA ILE A 42 -10.55 7.16 -6.46
C ILE A 42 -9.48 7.41 -5.40
N SER A 43 -8.90 6.33 -4.88
CA SER A 43 -7.86 6.45 -3.86
C SER A 43 -7.22 5.08 -3.60
N TYR A 44 -6.17 5.08 -2.78
CA TYR A 44 -5.47 3.85 -2.44
C TYR A 44 -5.23 3.76 -0.95
N THR A 45 -5.03 2.54 -0.45
CA THR A 45 -4.80 2.30 0.96
C THR A 45 -3.43 1.67 1.19
N VAL A 46 -2.56 2.37 1.92
CA VAL A 46 -1.23 1.88 2.21
C VAL A 46 -1.19 1.14 3.54
N VAL A 47 -1.15 -0.18 3.48
CA VAL A 47 -1.11 -1.01 4.68
C VAL A 47 0.32 -1.37 5.06
N PHE A 48 0.78 -0.84 6.19
CA PHE A 48 2.14 -1.12 6.66
C PHE A 48 2.11 -1.75 8.04
N ARG A 49 2.84 -2.84 8.20
CA ARG A 49 2.91 -3.55 9.48
C ARG A 49 4.27 -4.20 9.67
N ASP A 50 4.69 -4.32 10.92
CA ASP A 50 5.98 -4.92 11.25
C ASP A 50 5.87 -6.44 11.23
N ILE A 51 6.55 -7.07 10.27
CA ILE A 51 6.53 -8.52 10.15
C ILE A 51 7.11 -9.19 11.38
N ASN A 52 7.69 -8.38 12.28
CA ASN A 52 8.28 -8.88 13.51
C ASN A 52 7.33 -8.70 14.68
N SER A 53 6.29 -7.90 14.48
CA SER A 53 5.31 -7.64 15.53
C SER A 53 3.89 -7.81 15.00
N GLN A 54 2.92 -7.62 15.88
CA GLN A 54 1.51 -7.75 15.51
C GLN A 54 0.84 -6.38 15.42
N GLN A 55 1.64 -5.35 15.17
CA GLN A 55 1.11 -3.99 15.07
C GLN A 55 0.70 -3.67 13.63
N GLU A 56 -0.59 -3.78 13.35
CA GLU A 56 -1.11 -3.50 12.02
C GLU A 56 -1.49 -2.03 11.88
N LEU A 57 -1.17 -1.45 10.72
CA LEU A 57 -1.48 -0.05 10.47
C LEU A 57 -1.77 0.18 8.99
N GLN A 58 -2.61 1.17 8.70
CA GLN A 58 -2.97 1.48 7.33
C GLN A 58 -3.17 2.98 7.14
N ASN A 59 -3.03 3.45 5.91
CA ASN A 59 -3.19 4.87 5.61
C ASN A 59 -4.00 5.07 4.33
N ILE A 60 -4.39 6.31 4.07
CA ILE A 60 -5.18 6.64 2.88
C ILE A 60 -4.65 7.90 2.20
N THR A 61 -4.60 7.88 0.87
CA THR A 61 -4.13 9.01 0.10
C THR A 61 -4.71 9.01 -1.30
N THR A 62 -4.95 10.20 -1.85
CA THR A 62 -5.50 10.32 -3.19
C THR A 62 -4.39 10.33 -4.24
N ASP A 63 -3.24 9.79 -3.87
CA ASP A 63 -2.10 9.74 -4.79
C ASP A 63 -1.57 8.31 -4.89
N THR A 64 -0.80 8.05 -5.95
CA THR A 64 -0.22 6.73 -6.17
C THR A 64 1.02 6.51 -5.31
N ARG A 65 1.19 7.36 -4.31
CA ARG A 65 2.33 7.27 -3.42
C ARG A 65 1.93 7.57 -1.97
N PHE A 66 2.86 7.36 -1.05
CA PHE A 66 2.60 7.61 0.36
C PHE A 66 3.89 7.49 1.18
N THR A 67 3.87 8.07 2.38
CA THR A 67 5.04 8.04 3.25
C THR A 67 4.65 7.62 4.67
N LEU A 68 5.05 6.42 5.05
CA LEU A 68 4.75 5.90 6.38
C LEU A 68 5.38 6.77 7.47
N THR A 69 5.08 6.46 8.72
CA THR A 69 5.61 7.20 9.84
C THR A 69 5.52 6.40 11.14
N GLY A 70 6.20 6.87 12.18
CA GLY A 70 6.18 6.18 13.46
C GLY A 70 6.71 4.77 13.37
N LEU A 71 7.66 4.56 12.46
CA LEU A 71 8.26 3.24 12.28
C LEU A 71 9.62 3.15 12.98
N LYS A 72 10.05 1.93 13.28
CA LYS A 72 11.32 1.71 13.93
C LYS A 72 12.44 1.52 12.91
N PRO A 73 13.63 2.07 13.23
CA PRO A 73 14.80 1.97 12.34
C PRO A 73 15.36 0.56 12.28
N ASP A 74 15.93 0.21 11.13
CA ASP A 74 16.51 -1.11 10.93
C ASP A 74 15.50 -2.20 11.28
N THR A 75 14.30 -2.09 10.71
CA THR A 75 13.24 -3.06 10.95
C THR A 75 12.37 -3.24 9.72
N THR A 76 12.16 -4.50 9.32
CA THR A 76 11.35 -4.81 8.15
C THR A 76 9.89 -4.42 8.38
N TYR A 77 9.32 -3.71 7.43
CA TYR A 77 7.93 -3.27 7.52
C TYR A 77 7.14 -3.70 6.28
N ASP A 78 6.27 -4.70 6.46
CA ASP A 78 5.46 -5.20 5.36
C ASP A 78 4.45 -4.14 4.90
N ILE A 79 4.84 -3.39 3.88
CA ILE A 79 3.98 -2.33 3.34
C ILE A 79 3.39 -2.74 2.00
N LYS A 80 2.08 -2.52 1.84
CA LYS A 80 1.39 -2.86 0.60
C LYS A 80 0.46 -1.73 0.17
N VAL A 81 -0.30 -1.98 -0.90
CA VAL A 81 -1.23 -0.98 -1.42
C VAL A 81 -2.40 -1.64 -2.12
N ARG A 82 -3.48 -0.89 -2.30
CA ARG A 82 -4.67 -1.40 -2.97
C ARG A 82 -5.49 -0.26 -3.56
N ALA A 83 -6.07 -0.51 -4.74
CA ALA A 83 -6.88 0.49 -5.42
C ALA A 83 -8.32 0.44 -4.95
N TRP A 84 -8.94 1.61 -4.84
CA TRP A 84 -10.33 1.70 -4.39
C TRP A 84 -11.21 2.31 -5.47
N THR A 85 -12.46 1.85 -5.54
CA THR A 85 -13.40 2.35 -6.53
C THR A 85 -14.64 2.95 -5.87
N SER A 86 -15.50 3.56 -6.67
CA SER A 86 -16.72 4.17 -6.16
C SER A 86 -17.53 3.16 -5.34
N LYS A 87 -17.32 1.89 -5.62
CA LYS A 87 -18.03 0.82 -4.90
C LYS A 87 -17.36 0.53 -3.56
N GLY A 88 -16.09 0.15 -3.61
CA GLY A 88 -15.36 -0.15 -2.39
C GLY A 88 -13.89 -0.37 -2.63
N SER A 89 -13.39 -1.54 -2.25
CA SER A 89 -11.97 -1.87 -2.43
C SER A 89 -11.81 -3.16 -3.24
N GLY A 90 -10.57 -3.52 -3.52
CA GLY A 90 -10.30 -4.72 -4.29
C GLY A 90 -9.21 -5.57 -3.66
N PRO A 91 -8.32 -6.12 -4.51
CA PRO A 91 -7.22 -6.96 -4.06
C PRO A 91 -6.15 -6.17 -3.31
N LEU A 92 -5.19 -6.88 -2.73
CA LEU A 92 -4.12 -6.24 -1.99
C LEU A 92 -2.76 -6.52 -2.64
N SER A 93 -2.05 -5.46 -3.01
CA SER A 93 -0.75 -5.59 -3.64
C SER A 93 0.21 -6.37 -2.74
N PRO A 94 1.22 -7.00 -3.37
CA PRO A 94 2.23 -7.79 -2.65
C PRO A 94 3.16 -6.92 -1.82
N SER A 95 3.12 -7.11 -0.50
CA SER A 95 3.96 -6.34 0.41
C SER A 95 5.41 -6.36 -0.06
N ILE A 96 6.15 -5.29 0.27
CA ILE A 96 7.54 -5.18 -0.10
C ILE A 96 8.45 -5.42 1.10
N GLN A 97 7.93 -5.17 2.29
CA GLN A 97 8.70 -5.36 3.52
C GLN A 97 9.94 -4.47 3.53
N SER A 98 9.75 -3.20 3.20
CA SER A 98 10.86 -2.25 3.17
C SER A 98 11.34 -1.94 4.58
N ARG A 99 12.54 -2.42 4.90
CA ARG A 99 13.14 -2.20 6.21
C ARG A 99 13.74 -0.80 6.31
N THR A 100 13.13 0.05 7.14
CA THR A 100 13.60 1.42 7.32
C THR A 100 15.12 1.46 7.37
N MET A 101 15.69 2.62 7.03
CA MET A 101 17.13 2.79 7.04
C MET A 101 17.69 2.70 8.45
N PRO A 102 18.84 2.02 8.59
CA PRO A 102 19.50 1.84 9.88
C PRO A 102 20.09 3.14 10.43
N VAL A 103 19.35 3.78 11.33
CA VAL A 103 19.78 5.04 11.92
C VAL A 103 21.25 4.96 12.33
N GLY A 1 -10.04 -5.28 5.48
CA GLY A 1 -11.47 -5.06 5.43
C GLY A 1 -12.22 -6.21 4.79
N SER A 2 -13.53 -6.27 5.01
CA SER A 2 -14.36 -7.32 4.46
C SER A 2 -14.27 -7.34 2.93
N SER A 3 -14.32 -8.53 2.35
CA SER A 3 -14.24 -8.68 0.90
C SER A 3 -15.60 -9.06 0.32
N GLY A 4 -16.09 -8.24 -0.62
CA GLY A 4 -17.37 -8.51 -1.24
C GLY A 4 -17.25 -8.82 -2.72
N SER A 5 -18.22 -8.35 -3.50
CA SER A 5 -18.22 -8.57 -4.94
C SER A 5 -17.72 -7.33 -5.68
N SER A 6 -18.17 -6.16 -5.23
CA SER A 6 -17.79 -4.90 -5.85
C SER A 6 -16.32 -4.59 -5.58
N GLY A 7 -15.76 -3.69 -6.38
CA GLY A 7 -14.37 -3.32 -6.21
C GLY A 7 -13.50 -3.73 -7.39
N PRO A 8 -12.31 -3.12 -7.49
CA PRO A 8 -11.37 -3.41 -8.58
C PRO A 8 -10.78 -4.81 -8.47
N SER A 9 -10.43 -5.40 -9.62
CA SER A 9 -9.86 -6.73 -9.64
C SER A 9 -8.44 -6.70 -10.23
N GLY A 10 -7.66 -5.71 -9.80
CA GLY A 10 -6.29 -5.59 -10.29
C GLY A 10 -5.47 -4.63 -9.45
N PHE A 11 -4.49 -5.15 -8.73
CA PHE A 11 -3.63 -4.33 -7.88
C PHE A 11 -2.65 -3.53 -8.73
N PRO A 12 -2.17 -2.41 -8.17
CA PRO A 12 -1.21 -1.53 -8.86
C PRO A 12 0.16 -2.17 -9.01
N GLN A 13 1.04 -1.48 -9.73
CA GLN A 13 2.40 -1.99 -9.94
C GLN A 13 3.44 -0.94 -9.56
N ASN A 14 4.71 -1.28 -9.72
CA ASN A 14 5.80 -0.37 -9.39
C ASN A 14 5.77 0.00 -7.91
N LEU A 15 5.27 -0.92 -7.08
CA LEU A 15 5.18 -0.69 -5.65
C LEU A 15 6.54 -0.83 -4.99
N HIS A 16 7.08 0.28 -4.49
CA HIS A 16 8.37 0.28 -3.83
C HIS A 16 8.62 1.60 -3.10
N VAL A 17 9.80 1.74 -2.53
CA VAL A 17 10.16 2.96 -1.80
C VAL A 17 11.21 3.76 -2.56
N THR A 18 10.96 5.06 -2.70
CA THR A 18 11.87 5.94 -3.41
C THR A 18 12.87 6.57 -2.45
N GLY A 19 12.58 6.49 -1.15
CA GLY A 19 13.47 7.06 -0.16
C GLY A 19 12.97 6.82 1.25
N LEU A 20 13.23 5.63 1.79
CA LEU A 20 12.80 5.28 3.14
C LEU A 20 13.52 6.14 4.18
N THR A 21 13.15 5.96 5.44
CA THR A 21 13.76 6.71 6.53
C THR A 21 13.80 5.89 7.82
N THR A 22 14.78 6.17 8.67
CA THR A 22 14.93 5.46 9.93
C THR A 22 13.58 5.26 10.59
N SER A 23 12.80 6.33 10.70
CA SER A 23 11.48 6.26 11.32
C SER A 23 10.38 6.25 10.27
N THR A 24 10.52 7.12 9.27
CA THR A 24 9.53 7.21 8.20
C THR A 24 9.97 6.41 6.97
N THR A 25 9.03 6.14 6.07
CA THR A 25 9.33 5.39 4.86
C THR A 25 8.51 5.90 3.68
N GLU A 26 9.20 6.39 2.66
CA GLU A 26 8.54 6.92 1.47
C GLU A 26 8.06 5.79 0.57
N LEU A 27 7.13 6.10 -0.33
CA LEU A 27 6.58 5.11 -1.24
C LEU A 27 6.29 5.73 -2.60
N ALA A 28 6.20 4.89 -3.63
CA ALA A 28 5.92 5.36 -4.98
C ALA A 28 5.50 4.21 -5.89
N TRP A 29 4.22 4.15 -6.22
CA TRP A 29 3.70 3.09 -7.08
C TRP A 29 2.90 3.69 -8.23
N ASP A 30 2.38 2.82 -9.09
CA ASP A 30 1.60 3.25 -10.25
C ASP A 30 0.23 2.55 -10.27
N PRO A 31 -0.71 3.12 -11.03
CA PRO A 31 -2.07 2.58 -11.15
C PRO A 31 -2.10 1.26 -11.92
N PRO A 32 -3.22 0.54 -11.82
CA PRO A 32 -3.41 -0.75 -12.50
C PRO A 32 -3.51 -0.59 -14.01
N VAL A 33 -2.69 -1.33 -14.74
CA VAL A 33 -2.70 -1.28 -16.21
C VAL A 33 -4.11 -1.06 -16.74
N LEU A 34 -4.23 -0.18 -17.73
CA LEU A 34 -5.52 0.12 -18.33
C LEU A 34 -6.36 -1.14 -18.48
N ALA A 35 -5.69 -2.28 -18.63
CA ALA A 35 -6.37 -3.56 -18.78
C ALA A 35 -7.18 -3.90 -17.53
N GLU A 36 -6.47 -4.28 -16.47
CA GLU A 36 -7.12 -4.63 -15.21
C GLU A 36 -7.78 -3.41 -14.57
N ARG A 37 -9.07 -3.24 -14.82
CA ARG A 37 -9.82 -2.12 -14.27
C ARG A 37 -11.32 -2.38 -14.34
N ASN A 38 -11.92 -2.60 -13.17
CA ASN A 38 -13.36 -2.87 -13.08
C ASN A 38 -14.14 -1.58 -12.87
N GLY A 39 -13.67 -0.50 -13.48
CA GLY A 39 -14.33 0.79 -13.32
C GLY A 39 -13.36 1.94 -13.33
N ARG A 40 -13.18 2.57 -12.16
CA ARG A 40 -12.27 3.70 -12.03
C ARG A 40 -11.60 3.70 -10.66
N ILE A 41 -10.60 4.57 -10.50
CA ILE A 41 -9.88 4.67 -9.24
C ILE A 41 -10.19 5.99 -8.54
N ILE A 42 -10.24 5.94 -7.21
CA ILE A 42 -10.53 7.14 -6.42
C ILE A 42 -9.44 7.38 -5.37
N SER A 43 -8.89 6.29 -4.83
CA SER A 43 -7.84 6.38 -3.82
C SER A 43 -7.23 5.01 -3.57
N TYR A 44 -6.18 4.99 -2.73
CA TYR A 44 -5.50 3.75 -2.41
C TYR A 44 -5.27 3.63 -0.90
N THR A 45 -5.08 2.40 -0.42
CA THR A 45 -4.85 2.16 0.99
C THR A 45 -3.47 1.56 1.23
N VAL A 46 -2.64 2.28 1.98
CA VAL A 46 -1.29 1.83 2.27
C VAL A 46 -1.24 1.09 3.61
N VAL A 47 -1.19 -0.24 3.55
CA VAL A 47 -1.14 -1.06 4.75
C VAL A 47 0.29 -1.41 5.12
N PHE A 48 0.78 -0.85 6.22
CA PHE A 48 2.13 -1.11 6.67
C PHE A 48 2.13 -1.71 8.08
N ARG A 49 2.81 -2.84 8.23
CA ARG A 49 2.89 -3.51 9.53
C ARG A 49 4.26 -4.13 9.74
N ASP A 50 4.65 -4.29 11.00
CA ASP A 50 5.94 -4.87 11.34
C ASP A 50 5.86 -6.39 11.38
N ILE A 51 6.49 -7.03 10.39
CA ILE A 51 6.49 -8.49 10.31
C ILE A 51 7.10 -9.11 11.57
N ASN A 52 7.89 -8.32 12.29
CA ASN A 52 8.54 -8.79 13.50
C ASN A 52 7.68 -8.47 14.73
N SER A 53 6.59 -7.75 14.51
CA SER A 53 5.69 -7.37 15.59
C SER A 53 4.23 -7.57 15.19
N GLN A 54 3.31 -7.27 16.11
CA GLN A 54 1.89 -7.42 15.84
C GLN A 54 1.21 -6.05 15.78
N GLN A 55 1.90 -5.08 15.19
CA GLN A 55 1.36 -3.74 15.06
C GLN A 55 0.88 -3.48 13.63
N GLU A 56 -0.43 -3.59 13.42
CA GLU A 56 -1.02 -3.37 12.11
C GLU A 56 -1.46 -1.93 11.94
N LEU A 57 -1.16 -1.35 10.79
CA LEU A 57 -1.53 0.04 10.50
C LEU A 57 -1.80 0.24 9.01
N GLN A 58 -2.66 1.20 8.69
CA GLN A 58 -2.99 1.50 7.30
C GLN A 58 -3.14 3.00 7.09
N ASN A 59 -3.03 3.42 5.83
CA ASN A 59 -3.14 4.83 5.49
C ASN A 59 -3.99 5.02 4.23
N ILE A 60 -4.35 6.27 3.95
CA ILE A 60 -5.16 6.58 2.77
C ILE A 60 -4.70 7.87 2.12
N THR A 61 -4.56 7.83 0.78
CA THR A 61 -4.13 9.01 0.04
C THR A 61 -4.70 8.99 -1.38
N THR A 62 -5.05 10.18 -1.88
CA THR A 62 -5.60 10.30 -3.22
C THR A 62 -4.51 10.30 -4.28
N ASP A 63 -3.31 9.89 -3.88
CA ASP A 63 -2.17 9.85 -4.79
C ASP A 63 -1.61 8.43 -4.87
N THR A 64 -0.85 8.16 -5.92
CA THR A 64 -0.25 6.85 -6.13
C THR A 64 1.03 6.69 -5.31
N ARG A 65 1.18 7.53 -4.30
CA ARG A 65 2.36 7.49 -3.44
C ARG A 65 1.98 7.77 -1.99
N PHE A 66 2.93 7.54 -1.08
CA PHE A 66 2.70 7.77 0.34
C PHE A 66 4.00 7.64 1.13
N THR A 67 3.97 8.10 2.38
CA THR A 67 5.14 8.04 3.23
C THR A 67 4.76 7.63 4.66
N LEU A 68 5.15 6.42 5.05
CA LEU A 68 4.85 5.92 6.38
C LEU A 68 5.52 6.76 7.45
N THR A 69 5.18 6.51 8.71
CA THR A 69 5.75 7.25 9.83
C THR A 69 5.58 6.48 11.13
N GLY A 70 6.32 6.90 12.16
CA GLY A 70 6.24 6.24 13.45
C GLY A 70 6.71 4.81 13.41
N LEU A 71 7.73 4.55 12.60
CA LEU A 71 8.27 3.20 12.46
C LEU A 71 9.64 3.09 13.14
N LYS A 72 10.04 1.86 13.45
CA LYS A 72 11.33 1.62 14.11
C LYS A 72 12.43 1.44 13.07
N PRO A 73 13.60 2.01 13.36
CA PRO A 73 14.77 1.93 12.48
C PRO A 73 15.36 0.52 12.42
N ASP A 74 15.81 0.11 11.24
CA ASP A 74 16.40 -1.21 11.05
C ASP A 74 15.38 -2.30 11.39
N THR A 75 14.17 -2.15 10.87
CA THR A 75 13.11 -3.12 11.12
C THR A 75 12.24 -3.29 9.88
N THR A 76 12.08 -4.54 9.44
CA THR A 76 11.27 -4.85 8.27
C THR A 76 9.81 -4.47 8.50
N TYR A 77 9.24 -3.74 7.54
CA TYR A 77 7.85 -3.32 7.64
C TYR A 77 7.06 -3.73 6.40
N ASP A 78 6.21 -4.74 6.55
CA ASP A 78 5.39 -5.23 5.44
C ASP A 78 4.42 -4.14 4.96
N ILE A 79 4.81 -3.43 3.91
CA ILE A 79 3.98 -2.37 3.35
C ILE A 79 3.39 -2.79 2.01
N LYS A 80 2.09 -2.60 1.86
CA LYS A 80 1.38 -2.95 0.63
C LYS A 80 0.46 -1.83 0.19
N VAL A 81 -0.30 -2.08 -0.87
CA VAL A 81 -1.23 -1.08 -1.39
C VAL A 81 -2.38 -1.75 -2.14
N ARG A 82 -3.46 -0.99 -2.34
CA ARG A 82 -4.64 -1.51 -3.04
C ARG A 82 -5.47 -0.38 -3.61
N ALA A 83 -5.94 -0.56 -4.84
CA ALA A 83 -6.75 0.46 -5.51
C ALA A 83 -8.22 0.35 -5.08
N TRP A 84 -8.85 1.51 -4.89
CA TRP A 84 -10.25 1.55 -4.48
C TRP A 84 -11.12 2.17 -5.56
N THR A 85 -12.33 1.64 -5.71
CA THR A 85 -13.26 2.15 -6.72
C THR A 85 -14.47 2.81 -6.07
N SER A 86 -15.23 3.55 -6.85
CA SER A 86 -16.43 4.24 -6.35
C SER A 86 -17.38 3.24 -5.68
N LYS A 87 -17.17 1.96 -5.97
CA LYS A 87 -18.01 0.91 -5.39
C LYS A 87 -17.44 0.42 -4.06
N GLY A 88 -16.20 -0.07 -4.11
CA GLY A 88 -15.57 -0.58 -2.89
C GLY A 88 -14.07 -0.75 -3.07
N SER A 89 -13.53 -1.81 -2.48
CA SER A 89 -12.09 -2.08 -2.55
C SER A 89 -11.84 -3.37 -3.33
N GLY A 90 -10.58 -3.55 -3.75
CA GLY A 90 -10.23 -4.74 -4.49
C GLY A 90 -9.19 -5.59 -3.77
N PRO A 91 -8.31 -6.23 -4.55
CA PRO A 91 -7.25 -7.09 -3.99
C PRO A 91 -6.19 -6.29 -3.26
N LEU A 92 -5.21 -7.00 -2.69
CA LEU A 92 -4.12 -6.36 -1.96
C LEU A 92 -2.78 -6.64 -2.62
N SER A 93 -2.05 -5.57 -2.93
CA SER A 93 -0.74 -5.70 -3.57
C SER A 93 0.22 -6.49 -2.67
N PRO A 94 1.23 -7.11 -3.30
CA PRO A 94 2.23 -7.90 -2.60
C PRO A 94 3.17 -7.02 -1.75
N SER A 95 3.12 -7.21 -0.43
CA SER A 95 3.96 -6.44 0.47
C SER A 95 5.42 -6.49 0.04
N ILE A 96 6.16 -5.42 0.33
CA ILE A 96 7.56 -5.33 -0.03
C ILE A 96 8.46 -5.56 1.19
N GLN A 97 7.92 -5.27 2.37
CA GLN A 97 8.67 -5.45 3.61
C GLN A 97 9.91 -4.55 3.63
N SER A 98 9.70 -3.27 3.33
CA SER A 98 10.79 -2.31 3.32
C SER A 98 11.27 -2.00 4.73
N ARG A 99 12.47 -2.48 5.06
CA ARG A 99 13.05 -2.26 6.38
C ARG A 99 13.68 -0.87 6.47
N THR A 100 13.09 -0.01 7.29
CA THR A 100 13.61 1.35 7.47
C THR A 100 15.12 1.35 7.55
N MET A 101 15.73 2.47 7.15
CA MET A 101 17.18 2.60 7.18
C MET A 101 17.69 2.57 8.62
N PRO A 102 18.85 1.92 8.84
CA PRO A 102 19.46 1.81 10.16
C PRO A 102 20.02 3.14 10.65
N VAL A 103 19.24 3.84 11.47
CA VAL A 103 19.66 5.13 12.01
C VAL A 103 21.09 5.08 12.52
N GLY A 1 -18.45 -12.76 0.97
CA GLY A 1 -18.86 -11.46 0.49
C GLY A 1 -19.34 -10.54 1.60
N SER A 2 -18.40 -9.88 2.26
CA SER A 2 -18.73 -8.97 3.35
C SER A 2 -17.73 -7.82 3.42
N SER A 3 -18.18 -6.69 3.94
CA SER A 3 -17.34 -5.51 4.06
C SER A 3 -16.76 -5.11 2.70
N GLY A 4 -17.60 -5.19 1.67
CA GLY A 4 -17.15 -4.84 0.33
C GLY A 4 -18.15 -5.26 -0.73
N SER A 5 -19.21 -4.47 -0.90
CA SER A 5 -20.24 -4.76 -1.89
C SER A 5 -19.61 -5.04 -3.25
N SER A 6 -18.67 -4.20 -3.66
CA SER A 6 -17.99 -4.35 -4.93
C SER A 6 -16.65 -3.63 -4.94
N GLY A 7 -15.91 -3.77 -6.03
CA GLY A 7 -14.61 -3.12 -6.14
C GLY A 7 -13.77 -3.69 -7.27
N PRO A 8 -12.53 -3.21 -7.38
CA PRO A 8 -11.60 -3.66 -8.43
C PRO A 8 -11.14 -5.10 -8.22
N SER A 9 -10.49 -5.66 -9.23
CA SER A 9 -10.01 -7.04 -9.16
C SER A 9 -8.50 -7.09 -9.41
N GLY A 10 -7.94 -5.98 -9.88
CA GLY A 10 -6.52 -5.92 -10.15
C GLY A 10 -5.79 -4.96 -9.23
N PHE A 11 -4.54 -5.27 -8.93
CA PHE A 11 -3.73 -4.42 -8.05
C PHE A 11 -2.69 -3.65 -8.85
N PRO A 12 -2.23 -2.52 -8.28
CA PRO A 12 -1.23 -1.66 -8.92
C PRO A 12 0.15 -2.33 -8.98
N GLN A 13 1.08 -1.67 -9.67
CA GLN A 13 2.44 -2.19 -9.79
C GLN A 13 3.47 -1.11 -9.46
N ASN A 14 4.75 -1.47 -9.59
CA ASN A 14 5.83 -0.53 -9.31
C ASN A 14 5.80 -0.11 -7.84
N LEU A 15 5.28 -0.97 -6.99
CA LEU A 15 5.20 -0.68 -5.56
C LEU A 15 6.56 -0.80 -4.89
N HIS A 16 7.07 0.31 -4.37
CA HIS A 16 8.37 0.32 -3.71
C HIS A 16 8.60 1.66 -3.01
N VAL A 17 9.78 1.81 -2.41
CA VAL A 17 10.14 3.04 -1.71
C VAL A 17 11.15 3.84 -2.50
N THR A 18 10.94 5.15 -2.58
CA THR A 18 11.83 6.03 -3.31
C THR A 18 12.74 6.80 -2.35
N GLY A 19 12.48 6.68 -1.06
CA GLY A 19 13.28 7.36 -0.06
C GLY A 19 12.82 7.07 1.35
N LEU A 20 13.19 5.90 1.87
CA LEU A 20 12.82 5.51 3.22
C LEU A 20 13.55 6.34 4.26
N THR A 21 13.18 6.19 5.53
CA THR A 21 13.80 6.93 6.62
C THR A 21 13.89 6.07 7.87
N THR A 22 14.78 6.46 8.78
CA THR A 22 14.96 5.73 10.04
C THR A 22 13.64 5.58 10.77
N SER A 23 12.80 6.60 10.70
CA SER A 23 11.50 6.58 11.36
C SER A 23 10.37 6.50 10.35
N THR A 24 10.49 7.25 9.27
CA THR A 24 9.47 7.25 8.22
C THR A 24 9.92 6.43 7.02
N THR A 25 8.99 6.16 6.11
CA THR A 25 9.28 5.38 4.92
C THR A 25 8.46 5.86 3.72
N GLU A 26 9.15 6.40 2.72
CA GLU A 26 8.47 6.90 1.53
C GLU A 26 8.02 5.75 0.63
N LEU A 27 7.13 6.05 -0.30
CA LEU A 27 6.61 5.04 -1.22
C LEU A 27 6.34 5.65 -2.59
N ALA A 28 6.21 4.79 -3.60
CA ALA A 28 5.94 5.24 -4.96
C ALA A 28 5.52 4.07 -5.85
N TRP A 29 4.23 4.02 -6.17
CA TRP A 29 3.69 2.96 -7.02
C TRP A 29 2.93 3.54 -8.20
N ASP A 30 2.43 2.66 -9.06
CA ASP A 30 1.66 3.09 -10.23
C ASP A 30 0.26 2.51 -10.21
N PRO A 31 -0.65 3.11 -11.01
CA PRO A 31 -2.04 2.67 -11.10
C PRO A 31 -2.18 1.31 -11.77
N PRO A 32 -3.35 0.68 -11.57
CA PRO A 32 -3.63 -0.64 -12.16
C PRO A 32 -3.82 -0.58 -13.67
N VAL A 33 -3.38 -1.62 -14.36
CA VAL A 33 -3.51 -1.68 -15.81
C VAL A 33 -4.96 -1.57 -16.25
N LEU A 34 -5.21 -0.71 -17.24
CA LEU A 34 -6.56 -0.50 -17.75
C LEU A 34 -7.20 -1.83 -18.14
N ALA A 35 -6.37 -2.86 -18.31
CA ALA A 35 -6.86 -4.18 -18.68
C ALA A 35 -7.71 -4.77 -17.56
N GLU A 36 -7.21 -4.70 -16.34
CA GLU A 36 -7.93 -5.24 -15.19
C GLU A 36 -8.91 -4.20 -14.62
N ARG A 37 -8.50 -2.94 -14.64
CA ARG A 37 -9.32 -1.86 -14.13
C ARG A 37 -10.80 -2.12 -14.41
N ASN A 38 -11.54 -2.44 -13.35
CA ASN A 38 -12.97 -2.72 -13.48
C ASN A 38 -13.79 -1.44 -13.31
N GLY A 39 -13.20 -0.31 -13.67
CA GLY A 39 -13.89 0.96 -13.56
C GLY A 39 -12.93 2.13 -13.43
N ARG A 40 -13.02 2.84 -12.31
CA ARG A 40 -12.16 3.99 -12.06
C ARG A 40 -11.54 3.93 -10.66
N ILE A 41 -10.56 4.79 -10.42
CA ILE A 41 -9.89 4.84 -9.12
C ILE A 41 -10.20 6.14 -8.40
N ILE A 42 -10.29 6.06 -7.07
CA ILE A 42 -10.57 7.23 -6.26
C ILE A 42 -9.47 7.47 -5.22
N SER A 43 -8.93 6.37 -4.69
CA SER A 43 -7.86 6.45 -3.70
C SER A 43 -7.24 5.08 -3.46
N TYR A 44 -6.17 5.06 -2.68
CA TYR A 44 -5.47 3.81 -2.38
C TYR A 44 -5.23 3.67 -0.87
N THR A 45 -5.06 2.43 -0.42
CA THR A 45 -4.83 2.16 0.99
C THR A 45 -3.46 1.54 1.21
N VAL A 46 -2.60 2.23 1.95
CA VAL A 46 -1.26 1.75 2.24
C VAL A 46 -1.20 1.05 3.59
N VAL A 47 -1.25 -0.28 3.56
CA VAL A 47 -1.20 -1.07 4.79
C VAL A 47 0.23 -1.44 5.15
N PHE A 48 0.74 -0.85 6.22
CA PHE A 48 2.10 -1.11 6.67
C PHE A 48 2.09 -1.78 8.04
N ARG A 49 2.83 -2.88 8.17
CA ARG A 49 2.91 -3.61 9.43
C ARG A 49 4.28 -4.27 9.59
N ASP A 50 4.80 -4.23 10.81
CA ASP A 50 6.11 -4.82 11.10
C ASP A 50 6.01 -6.34 11.15
N ILE A 51 6.66 -7.00 10.19
CA ILE A 51 6.65 -8.45 10.13
C ILE A 51 7.23 -9.07 11.40
N ASN A 52 7.97 -8.25 12.16
CA ASN A 52 8.58 -8.71 13.39
C ASN A 52 7.69 -8.42 14.59
N SER A 53 6.56 -7.75 14.33
CA SER A 53 5.62 -7.40 15.39
C SER A 53 4.18 -7.66 14.95
N GLN A 54 3.23 -7.42 15.84
CA GLN A 54 1.83 -7.64 15.55
C GLN A 54 1.07 -6.31 15.51
N GLN A 55 1.76 -5.26 15.08
CA GLN A 55 1.15 -3.93 14.99
C GLN A 55 0.74 -3.61 13.55
N GLU A 56 -0.55 -3.77 13.26
CA GLU A 56 -1.06 -3.51 11.92
C GLU A 56 -1.53 -2.05 11.80
N LEU A 57 -1.22 -1.43 10.66
CA LEU A 57 -1.61 -0.05 10.42
C LEU A 57 -1.72 0.23 8.92
N GLN A 58 -2.61 1.16 8.56
CA GLN A 58 -2.82 1.52 7.17
C GLN A 58 -3.05 3.01 7.02
N ASN A 59 -3.11 3.48 5.77
CA ASN A 59 -3.32 4.90 5.50
C ASN A 59 -4.08 5.09 4.19
N ILE A 60 -4.53 6.32 3.95
CA ILE A 60 -5.27 6.63 2.73
C ILE A 60 -4.76 7.91 2.09
N THR A 61 -4.59 7.89 0.77
CA THR A 61 -4.10 9.05 0.05
C THR A 61 -4.63 9.05 -1.39
N THR A 62 -4.95 10.25 -1.89
CA THR A 62 -5.47 10.39 -3.24
C THR A 62 -4.33 10.44 -4.26
N ASP A 63 -3.18 9.91 -3.88
CA ASP A 63 -2.02 9.89 -4.76
C ASP A 63 -1.46 8.48 -4.89
N THR A 64 -0.66 8.25 -5.93
CA THR A 64 -0.06 6.95 -6.17
C THR A 64 1.19 6.75 -5.32
N ARG A 65 1.32 7.55 -4.27
CA ARG A 65 2.47 7.47 -3.38
C ARG A 65 2.07 7.79 -1.94
N PHE A 66 2.91 7.39 -0.99
CA PHE A 66 2.65 7.64 0.42
C PHE A 66 3.92 7.48 1.24
N THR A 67 3.98 8.18 2.37
CA THR A 67 5.14 8.13 3.25
C THR A 67 4.74 7.73 4.67
N LEU A 68 5.11 6.52 5.06
CA LEU A 68 4.79 6.03 6.40
C LEU A 68 5.47 6.87 7.48
N THR A 69 5.17 6.56 8.74
CA THR A 69 5.75 7.29 9.85
C THR A 69 5.67 6.47 11.14
N GLY A 70 6.27 6.99 12.20
CA GLY A 70 6.25 6.30 13.48
C GLY A 70 6.75 4.88 13.38
N LEU A 71 7.81 4.67 12.61
CA LEU A 71 8.38 3.35 12.43
C LEU A 71 9.72 3.22 13.14
N LYS A 72 10.17 1.99 13.37
CA LYS A 72 11.44 1.74 14.04
C LYS A 72 12.55 1.55 13.02
N PRO A 73 13.74 2.13 13.32
CA PRO A 73 14.91 2.03 12.45
C PRO A 73 15.49 0.63 12.41
N ASP A 74 15.95 0.22 11.24
CA ASP A 74 16.54 -1.11 11.07
C ASP A 74 15.51 -2.20 11.38
N THR A 75 14.32 -2.05 10.83
CA THR A 75 13.25 -3.02 11.05
C THR A 75 12.37 -3.17 9.81
N THR A 76 12.18 -4.41 9.37
CA THR A 76 11.38 -4.68 8.20
C THR A 76 9.91 -4.33 8.43
N TYR A 77 9.31 -3.63 7.48
CA TYR A 77 7.92 -3.22 7.58
C TYR A 77 7.13 -3.63 6.35
N ASP A 78 6.28 -4.64 6.50
CA ASP A 78 5.46 -5.13 5.39
C ASP A 78 4.48 -4.06 4.93
N ILE A 79 4.85 -3.36 3.86
CA ILE A 79 4.00 -2.31 3.32
C ILE A 79 3.40 -2.73 1.98
N LYS A 80 2.10 -2.48 1.82
CA LYS A 80 1.40 -2.83 0.59
C LYS A 80 0.46 -1.71 0.15
N VAL A 81 -0.32 -1.96 -0.89
CA VAL A 81 -1.25 -0.97 -1.41
C VAL A 81 -2.43 -1.64 -2.10
N ARG A 82 -3.51 -0.88 -2.27
CA ARG A 82 -4.72 -1.40 -2.92
C ARG A 82 -5.54 -0.28 -3.52
N ALA A 83 -6.00 -0.46 -4.75
CA ALA A 83 -6.80 0.55 -5.43
C ALA A 83 -8.27 0.44 -5.01
N TRP A 84 -8.90 1.60 -4.82
CA TRP A 84 -10.30 1.65 -4.41
C TRP A 84 -11.16 2.27 -5.51
N THR A 85 -12.38 1.76 -5.66
CA THR A 85 -13.30 2.28 -6.67
C THR A 85 -14.56 2.85 -6.03
N SER A 86 -15.25 3.72 -6.75
CA SER A 86 -16.47 4.34 -6.25
C SER A 86 -17.35 3.31 -5.56
N LYS A 87 -17.22 2.05 -5.98
CA LYS A 87 -18.02 0.97 -5.41
C LYS A 87 -17.45 0.54 -4.06
N GLY A 88 -16.22 0.04 -4.07
CA GLY A 88 -15.58 -0.39 -2.84
C GLY A 88 -14.09 -0.62 -3.00
N SER A 89 -13.58 -1.66 -2.35
CA SER A 89 -12.16 -1.98 -2.42
C SER A 89 -11.94 -3.29 -3.16
N GLY A 90 -10.67 -3.62 -3.43
CA GLY A 90 -10.35 -4.84 -4.13
C GLY A 90 -9.26 -5.64 -3.43
N PRO A 91 -8.36 -6.24 -4.23
CA PRO A 91 -7.25 -7.03 -3.71
C PRO A 91 -6.20 -6.18 -3.01
N LEU A 92 -5.15 -6.82 -2.51
CA LEU A 92 -4.07 -6.12 -1.82
C LEU A 92 -2.73 -6.44 -2.45
N SER A 93 -2.06 -5.41 -2.98
CA SER A 93 -0.77 -5.59 -3.62
C SER A 93 0.19 -6.37 -2.71
N PRO A 94 1.18 -7.02 -3.32
CA PRO A 94 2.17 -7.82 -2.59
C PRO A 94 3.13 -6.94 -1.78
N SER A 95 3.08 -7.10 -0.45
CA SER A 95 3.93 -6.32 0.44
C SER A 95 5.39 -6.35 -0.05
N ILE A 96 6.13 -5.30 0.28
CA ILE A 96 7.53 -5.20 -0.11
C ILE A 96 8.45 -5.41 1.08
N GLN A 97 7.94 -5.12 2.28
CA GLN A 97 8.72 -5.27 3.50
C GLN A 97 9.93 -4.35 3.50
N SER A 98 9.69 -3.06 3.27
CA SER A 98 10.76 -2.07 3.24
C SER A 98 11.29 -1.80 4.65
N ARG A 99 12.48 -2.30 4.94
CA ARG A 99 13.09 -2.11 6.24
C ARG A 99 13.71 -0.72 6.35
N THR A 100 13.14 0.09 7.23
CA THR A 100 13.64 1.46 7.44
C THR A 100 15.16 1.50 7.48
N MET A 101 15.73 2.65 7.17
CA MET A 101 17.18 2.82 7.18
C MET A 101 17.73 2.70 8.59
N PRO A 102 18.88 2.02 8.72
CA PRO A 102 19.53 1.82 10.02
C PRO A 102 20.13 3.11 10.57
N VAL A 103 19.42 3.74 11.51
CA VAL A 103 19.88 4.98 12.12
C VAL A 103 21.33 4.86 12.57
N GLY A 1 -12.21 -12.57 2.48
CA GLY A 1 -13.35 -13.18 1.82
C GLY A 1 -13.92 -12.30 0.72
N SER A 2 -14.45 -12.93 -0.32
CA SER A 2 -15.03 -12.20 -1.45
C SER A 2 -16.11 -11.24 -0.97
N SER A 3 -17.09 -11.77 -0.23
CA SER A 3 -18.18 -10.96 0.29
C SER A 3 -18.74 -10.05 -0.80
N GLY A 4 -18.85 -10.57 -2.01
CA GLY A 4 -19.36 -9.79 -3.13
C GLY A 4 -18.26 -9.16 -3.95
N SER A 5 -18.33 -9.34 -5.27
CA SER A 5 -17.32 -8.78 -6.17
C SER A 5 -17.81 -7.48 -6.80
N SER A 6 -17.39 -6.36 -6.22
CA SER A 6 -17.79 -5.04 -6.72
C SER A 6 -16.56 -4.19 -7.02
N GLY A 7 -15.71 -4.03 -6.01
CA GLY A 7 -14.51 -3.23 -6.18
C GLY A 7 -13.66 -3.69 -7.35
N PRO A 8 -12.42 -3.18 -7.44
CA PRO A 8 -11.49 -3.53 -8.51
C PRO A 8 -10.99 -4.96 -8.39
N SER A 9 -10.74 -5.60 -9.52
CA SER A 9 -10.26 -6.97 -9.55
C SER A 9 -8.78 -7.03 -9.95
N GLY A 10 -8.02 -6.06 -9.46
CA GLY A 10 -6.60 -6.02 -9.77
C GLY A 10 -5.84 -5.07 -8.86
N PHE A 11 -4.53 -5.29 -8.74
CA PHE A 11 -3.69 -4.44 -7.90
C PHE A 11 -2.69 -3.67 -8.74
N PRO A 12 -2.21 -2.54 -8.19
CA PRO A 12 -1.24 -1.68 -8.87
C PRO A 12 0.14 -2.33 -8.98
N GLN A 13 1.05 -1.66 -9.69
CA GLN A 13 2.40 -2.17 -9.86
C GLN A 13 3.44 -1.11 -9.52
N ASN A 14 4.71 -1.46 -9.65
CA ASN A 14 5.80 -0.53 -9.36
C ASN A 14 5.75 -0.10 -7.90
N LEU A 15 5.22 -0.96 -7.04
CA LEU A 15 5.11 -0.66 -5.62
C LEU A 15 6.46 -0.85 -4.92
N HIS A 16 7.09 0.25 -4.54
CA HIS A 16 8.38 0.20 -3.86
C HIS A 16 8.63 1.49 -3.07
N VAL A 17 9.78 1.54 -2.41
CA VAL A 17 10.13 2.72 -1.62
C VAL A 17 11.19 3.56 -2.32
N THR A 18 10.87 4.81 -2.60
CA THR A 18 11.78 5.72 -3.27
C THR A 18 12.87 6.22 -2.32
N GLY A 19 12.56 6.19 -1.02
CA GLY A 19 13.53 6.63 -0.03
C GLY A 19 13.01 6.50 1.38
N LEU A 20 13.20 5.34 1.99
CA LEU A 20 12.74 5.08 3.35
C LEU A 20 13.48 5.98 4.34
N THR A 21 13.02 5.98 5.59
CA THR A 21 13.63 6.77 6.63
C THR A 21 13.66 6.02 7.96
N THR A 22 14.58 6.40 8.83
CA THR A 22 14.71 5.76 10.13
C THR A 22 13.35 5.55 10.79
N SER A 23 12.58 6.63 10.88
CA SER A 23 11.25 6.57 11.49
C SER A 23 10.17 6.48 10.40
N THR A 24 10.28 7.34 9.40
CA THR A 24 9.32 7.37 8.30
C THR A 24 9.81 6.54 7.11
N THR A 25 8.93 6.35 6.13
CA THR A 25 9.27 5.57 4.94
C THR A 25 8.47 6.05 3.74
N GLU A 26 9.19 6.55 2.73
CA GLU A 26 8.54 7.04 1.51
C GLU A 26 8.08 5.88 0.63
N LEU A 27 7.14 6.16 -0.26
CA LEU A 27 6.61 5.14 -1.15
C LEU A 27 6.31 5.73 -2.53
N ALA A 28 6.14 4.85 -3.51
CA ALA A 28 5.85 5.29 -4.88
C ALA A 28 5.43 4.11 -5.75
N TRP A 29 4.16 4.07 -6.13
CA TRP A 29 3.64 3.00 -6.97
C TRP A 29 2.86 3.56 -8.14
N ASP A 30 2.43 2.67 -9.04
CA ASP A 30 1.67 3.08 -10.22
C ASP A 30 0.26 2.50 -10.19
N PRO A 31 -0.65 3.13 -10.93
CA PRO A 31 -2.05 2.68 -11.02
C PRO A 31 -2.20 1.36 -11.77
N PRO A 32 -3.32 0.67 -11.54
CA PRO A 32 -3.61 -0.62 -12.19
C PRO A 32 -3.89 -0.46 -13.68
N VAL A 33 -3.23 -1.27 -14.49
CA VAL A 33 -3.42 -1.23 -15.93
C VAL A 33 -4.90 -1.20 -16.30
N LEU A 34 -5.24 -0.39 -17.29
CA LEU A 34 -6.63 -0.27 -17.73
C LEU A 34 -7.26 -1.65 -17.92
N ALA A 35 -6.44 -2.61 -18.36
CA ALA A 35 -6.92 -3.97 -18.58
C ALA A 35 -7.57 -4.54 -17.31
N GLU A 36 -6.90 -4.33 -16.17
CA GLU A 36 -7.41 -4.83 -14.90
C GLU A 36 -7.81 -3.66 -13.99
N ARG A 37 -8.78 -2.87 -14.44
CA ARG A 37 -9.25 -1.74 -13.67
C ARG A 37 -10.65 -2.00 -13.10
N ASN A 38 -11.52 -2.54 -13.94
CA ASN A 38 -12.89 -2.84 -13.52
C ASN A 38 -13.66 -1.56 -13.22
N GLY A 39 -13.24 -0.46 -13.85
CA GLY A 39 -13.91 0.81 -13.63
C GLY A 39 -12.93 1.96 -13.52
N ARG A 40 -13.04 2.73 -12.44
CA ARG A 40 -12.16 3.87 -12.23
C ARG A 40 -11.62 3.89 -10.80
N ILE A 41 -10.49 4.55 -10.60
CA ILE A 41 -9.87 4.63 -9.28
C ILE A 41 -10.20 5.95 -8.61
N ILE A 42 -10.18 5.96 -7.28
CA ILE A 42 -10.48 7.15 -6.51
C ILE A 42 -9.42 7.39 -5.43
N SER A 43 -8.87 6.31 -4.90
CA SER A 43 -7.86 6.40 -3.87
C SER A 43 -7.20 5.05 -3.63
N TYR A 44 -6.22 5.02 -2.73
CA TYR A 44 -5.51 3.79 -2.41
C TYR A 44 -5.25 3.67 -0.91
N THR A 45 -5.07 2.44 -0.44
CA THR A 45 -4.82 2.20 0.98
C THR A 45 -3.45 1.55 1.18
N VAL A 46 -2.59 2.25 1.92
CA VAL A 46 -1.24 1.75 2.20
C VAL A 46 -1.19 1.06 3.55
N VAL A 47 -1.34 -0.26 3.54
CA VAL A 47 -1.30 -1.05 4.77
C VAL A 47 0.12 -1.43 5.13
N PHE A 48 0.62 -0.87 6.23
CA PHE A 48 1.98 -1.15 6.69
C PHE A 48 1.97 -1.82 8.05
N ARG A 49 2.78 -2.87 8.20
CA ARG A 49 2.85 -3.60 9.46
C ARG A 49 4.21 -4.27 9.62
N ASP A 50 4.82 -4.11 10.79
CA ASP A 50 6.12 -4.71 11.07
C ASP A 50 6.02 -6.23 11.11
N ILE A 51 6.73 -6.89 10.21
CA ILE A 51 6.73 -8.35 10.15
C ILE A 51 7.32 -8.95 11.43
N ASN A 52 7.84 -8.10 12.30
CA ASN A 52 8.43 -8.54 13.55
C ASN A 52 7.50 -8.26 14.73
N SER A 53 6.40 -7.56 14.44
CA SER A 53 5.42 -7.22 15.47
C SER A 53 4.02 -7.63 15.05
N GLN A 54 3.05 -7.39 15.93
CA GLN A 54 1.66 -7.73 15.66
C GLN A 54 0.80 -6.48 15.56
N GLN A 55 1.45 -5.34 15.39
CA GLN A 55 0.73 -4.06 15.29
C GLN A 55 0.50 -3.70 13.83
N GLU A 56 -0.72 -3.92 13.35
CA GLU A 56 -1.08 -3.60 11.98
C GLU A 56 -1.51 -2.14 11.84
N LEU A 57 -1.22 -1.55 10.69
CA LEU A 57 -1.58 -0.16 10.43
C LEU A 57 -1.67 0.11 8.94
N GLN A 58 -2.31 1.22 8.58
CA GLN A 58 -2.47 1.59 7.18
C GLN A 58 -2.73 3.09 7.05
N ASN A 59 -2.86 3.56 5.80
CA ASN A 59 -3.11 4.96 5.54
C ASN A 59 -3.92 5.14 4.26
N ILE A 60 -4.36 6.36 4.00
CA ILE A 60 -5.13 6.67 2.80
C ILE A 60 -4.66 7.96 2.14
N THR A 61 -4.52 7.92 0.82
CA THR A 61 -4.07 9.10 0.07
C THR A 61 -4.62 9.09 -1.35
N THR A 62 -5.00 10.27 -1.84
CA THR A 62 -5.54 10.39 -3.18
C THR A 62 -4.43 10.35 -4.23
N ASP A 63 -3.21 10.06 -3.79
CA ASP A 63 -2.07 9.99 -4.69
C ASP A 63 -1.55 8.56 -4.80
N THR A 64 -0.79 8.28 -5.85
CA THR A 64 -0.23 6.95 -6.07
C THR A 64 1.01 6.74 -5.22
N ARG A 65 1.23 7.61 -4.25
CA ARG A 65 2.37 7.52 -3.36
C ARG A 65 1.98 7.83 -1.92
N PHE A 66 2.87 7.50 -0.99
CA PHE A 66 2.62 7.74 0.42
C PHE A 66 3.90 7.60 1.24
N THR A 67 3.89 8.17 2.45
CA THR A 67 5.06 8.10 3.33
C THR A 67 4.65 7.68 4.74
N LEU A 68 5.10 6.51 5.15
CA LEU A 68 4.79 5.99 6.48
C LEU A 68 5.46 6.83 7.56
N THR A 69 5.14 6.54 8.81
CA THR A 69 5.71 7.27 9.94
C THR A 69 5.57 6.47 11.23
N GLY A 70 6.33 6.88 12.26
CA GLY A 70 6.28 6.19 13.53
C GLY A 70 6.79 4.77 13.45
N LEU A 71 7.80 4.54 12.62
CA LEU A 71 8.38 3.22 12.45
C LEU A 71 9.75 3.14 13.11
N LYS A 72 10.23 1.91 13.30
CA LYS A 72 11.52 1.68 13.92
C LYS A 72 12.61 1.53 12.87
N PRO A 73 13.79 2.12 13.14
CA PRO A 73 14.94 2.05 12.23
C PRO A 73 15.53 0.66 12.13
N ASP A 74 16.07 0.32 10.97
CA ASP A 74 16.68 -0.99 10.75
C ASP A 74 15.69 -2.10 11.07
N THR A 75 14.45 -1.93 10.64
CA THR A 75 13.42 -2.92 10.89
C THR A 75 12.52 -3.10 9.66
N THR A 76 12.30 -4.35 9.27
CA THR A 76 11.47 -4.65 8.11
C THR A 76 10.00 -4.30 8.39
N TYR A 77 9.37 -3.64 7.42
CA TYR A 77 7.97 -3.24 7.56
C TYR A 77 7.16 -3.67 6.34
N ASP A 78 6.28 -4.64 6.55
CA ASP A 78 5.44 -5.16 5.47
C ASP A 78 4.45 -4.09 5.00
N ILE A 79 4.80 -3.40 3.93
CA ILE A 79 3.94 -2.35 3.38
C ILE A 79 3.33 -2.77 2.05
N LYS A 80 2.03 -2.57 1.91
CA LYS A 80 1.32 -2.93 0.68
C LYS A 80 0.38 -1.80 0.24
N VAL A 81 -0.32 -2.02 -0.86
CA VAL A 81 -1.26 -1.04 -1.38
C VAL A 81 -2.43 -1.71 -2.08
N ARG A 82 -3.47 -0.93 -2.35
CA ARG A 82 -4.66 -1.46 -3.02
C ARG A 82 -5.50 -0.32 -3.60
N ALA A 83 -5.97 -0.51 -4.83
CA ALA A 83 -6.79 0.49 -5.51
C ALA A 83 -8.24 0.40 -5.06
N TRP A 84 -8.90 1.56 -4.96
CA TRP A 84 -10.29 1.61 -4.54
C TRP A 84 -11.17 2.21 -5.64
N THR A 85 -12.38 1.69 -5.78
CA THR A 85 -13.31 2.17 -6.79
C THR A 85 -14.60 2.68 -6.15
N SER A 86 -15.40 3.38 -6.94
CA SER A 86 -16.67 3.92 -6.45
C SER A 86 -17.47 2.85 -5.71
N LYS A 87 -17.22 1.59 -6.07
CA LYS A 87 -17.91 0.47 -5.44
C LYS A 87 -17.35 0.19 -4.05
N GLY A 88 -16.07 -0.14 -3.99
CA GLY A 88 -15.43 -0.42 -2.72
C GLY A 88 -13.94 -0.65 -2.87
N SER A 89 -13.47 -1.80 -2.38
CA SER A 89 -12.06 -2.15 -2.44
C SER A 89 -11.85 -3.46 -3.20
N GLY A 90 -10.60 -3.72 -3.59
CA GLY A 90 -10.29 -4.93 -4.31
C GLY A 90 -9.20 -5.75 -3.64
N PRO A 91 -8.31 -6.33 -4.45
CA PRO A 91 -7.20 -7.16 -3.94
C PRO A 91 -6.15 -6.32 -3.22
N LEU A 92 -5.18 -7.00 -2.61
CA LEU A 92 -4.12 -6.33 -1.89
C LEU A 92 -2.75 -6.60 -2.54
N SER A 93 -2.06 -5.54 -2.91
CA SER A 93 -0.76 -5.66 -3.55
C SER A 93 0.21 -6.44 -2.65
N PRO A 94 1.21 -7.07 -3.27
CA PRO A 94 2.22 -7.86 -2.55
C PRO A 94 3.15 -6.99 -1.72
N SER A 95 3.11 -7.18 -0.41
CA SER A 95 3.95 -6.41 0.50
C SER A 95 5.41 -6.43 0.05
N ILE A 96 6.11 -5.33 0.30
CA ILE A 96 7.52 -5.23 -0.08
C ILE A 96 8.43 -5.45 1.12
N GLN A 97 7.91 -5.18 2.31
CA GLN A 97 8.68 -5.36 3.54
C GLN A 97 9.90 -4.46 3.54
N SER A 98 9.70 -3.18 3.24
CA SER A 98 10.79 -2.21 3.21
C SER A 98 11.36 -1.97 4.60
N ARG A 99 12.66 -2.14 4.75
CA ARG A 99 13.33 -1.94 6.02
C ARG A 99 13.88 -0.53 6.15
N THR A 100 13.30 0.25 7.05
CA THR A 100 13.73 1.64 7.26
C THR A 100 15.25 1.73 7.28
N MET A 101 15.76 2.95 7.19
CA MET A 101 17.21 3.18 7.21
C MET A 101 17.77 3.02 8.62
N PRO A 102 18.94 2.38 8.73
CA PRO A 102 19.60 2.15 10.02
C PRO A 102 20.14 3.44 10.63
N VAL A 103 19.38 4.00 11.58
CA VAL A 103 19.78 5.22 12.25
C VAL A 103 21.22 5.15 12.72
N GLY A 1 -18.85 -11.71 5.64
CA GLY A 1 -19.05 -11.71 4.21
C GLY A 1 -18.92 -10.32 3.60
N SER A 2 -17.94 -9.57 4.08
CA SER A 2 -17.72 -8.21 3.59
C SER A 2 -17.83 -8.16 2.07
N SER A 3 -18.10 -6.96 1.55
CA SER A 3 -18.24 -6.79 0.11
C SER A 3 -17.16 -7.55 -0.65
N GLY A 4 -17.48 -7.98 -1.87
CA GLY A 4 -16.53 -8.72 -2.67
C GLY A 4 -16.85 -8.65 -4.15
N SER A 5 -18.13 -8.81 -4.50
CA SER A 5 -18.55 -8.77 -5.89
C SER A 5 -18.07 -7.49 -6.57
N SER A 6 -18.36 -6.35 -5.94
CA SER A 6 -17.95 -5.06 -6.49
C SER A 6 -16.49 -4.76 -6.16
N GLY A 7 -15.98 -3.68 -6.73
CA GLY A 7 -14.59 -3.31 -6.49
C GLY A 7 -13.66 -3.76 -7.60
N PRO A 8 -12.43 -3.25 -7.58
CA PRO A 8 -11.42 -3.59 -8.58
C PRO A 8 -10.94 -5.02 -8.45
N SER A 9 -10.71 -5.68 -9.60
CA SER A 9 -10.25 -7.06 -9.61
C SER A 9 -8.76 -7.13 -9.95
N GLY A 10 -8.02 -6.09 -9.57
CA GLY A 10 -6.60 -6.05 -9.85
C GLY A 10 -5.84 -5.17 -8.89
N PHE A 11 -4.52 -5.23 -8.94
CA PHE A 11 -3.68 -4.43 -8.05
C PHE A 11 -2.65 -3.63 -8.86
N PRO A 12 -2.18 -2.52 -8.28
CA PRO A 12 -1.19 -1.65 -8.93
C PRO A 12 0.18 -2.29 -9.00
N GLN A 13 1.13 -1.60 -9.63
CA GLN A 13 2.48 -2.10 -9.77
C GLN A 13 3.51 -1.03 -9.45
N ASN A 14 4.79 -1.37 -9.55
CA ASN A 14 5.87 -0.43 -9.27
C ASN A 14 5.84 0.01 -7.82
N LEU A 15 5.35 -0.86 -6.94
CA LEU A 15 5.27 -0.56 -5.53
C LEU A 15 6.63 -0.70 -4.85
N HIS A 16 7.16 0.41 -4.35
CA HIS A 16 8.45 0.40 -3.69
C HIS A 16 8.70 1.71 -2.95
N VAL A 17 9.87 1.84 -2.34
CA VAL A 17 10.22 3.05 -1.60
C VAL A 17 11.27 3.86 -2.35
N THR A 18 10.96 5.14 -2.60
CA THR A 18 11.87 6.02 -3.31
C THR A 18 12.86 6.68 -2.36
N GLY A 19 12.53 6.65 -1.07
CA GLY A 19 13.39 7.25 -0.07
C GLY A 19 12.92 6.97 1.35
N LEU A 20 13.19 5.76 1.83
CA LEU A 20 12.78 5.38 3.19
C LEU A 20 13.51 6.21 4.23
N THR A 21 13.10 6.07 5.48
CA THR A 21 13.72 6.80 6.58
C THR A 21 13.81 5.95 7.83
N THR A 22 14.72 6.31 8.73
CA THR A 22 14.91 5.57 9.98
C THR A 22 13.57 5.27 10.64
N SER A 23 12.74 6.29 10.79
CA SER A 23 11.43 6.14 11.41
C SER A 23 10.33 6.10 10.36
N THR A 24 10.42 6.99 9.37
CA THR A 24 9.43 7.05 8.31
C THR A 24 9.88 6.24 7.09
N THR A 25 8.98 6.08 6.12
CA THR A 25 9.28 5.33 4.91
C THR A 25 8.46 5.83 3.74
N GLU A 26 9.14 6.36 2.72
CA GLU A 26 8.48 6.89 1.54
C GLU A 26 8.04 5.75 0.62
N LEU A 27 7.09 6.05 -0.26
CA LEU A 27 6.58 5.05 -1.20
C LEU A 27 6.29 5.69 -2.55
N ALA A 28 6.16 4.84 -3.58
CA ALA A 28 5.87 5.31 -4.93
C ALA A 28 5.46 4.16 -5.84
N TRP A 29 4.17 4.08 -6.14
CA TRP A 29 3.65 3.03 -7.00
C TRP A 29 2.87 3.61 -8.17
N ASP A 30 2.36 2.74 -9.04
CA ASP A 30 1.59 3.17 -10.20
C ASP A 30 0.21 2.53 -10.19
N PRO A 31 -0.72 3.12 -10.96
CA PRO A 31 -2.10 2.63 -11.07
C PRO A 31 -2.18 1.30 -11.81
N PRO A 32 -3.33 0.63 -11.70
CA PRO A 32 -3.57 -0.66 -12.35
C PRO A 32 -3.68 -0.53 -13.87
N VAL A 33 -3.02 -1.41 -14.59
CA VAL A 33 -3.05 -1.39 -16.05
C VAL A 33 -4.48 -1.35 -16.56
N LEU A 34 -4.75 -0.42 -17.48
CA LEU A 34 -6.08 -0.28 -18.06
C LEU A 34 -6.75 -1.64 -18.24
N ALA A 35 -5.94 -2.65 -18.53
CA ALA A 35 -6.45 -4.00 -18.73
C ALA A 35 -7.11 -4.53 -17.45
N GLU A 36 -6.42 -4.38 -16.33
CA GLU A 36 -6.94 -4.84 -15.05
C GLU A 36 -7.60 -3.69 -14.29
N ARG A 37 -8.78 -3.29 -14.75
CA ARG A 37 -9.53 -2.20 -14.10
C ARG A 37 -11.01 -2.49 -14.09
N ASN A 38 -11.59 -2.59 -12.89
CA ASN A 38 -13.01 -2.87 -12.75
C ASN A 38 -13.82 -1.58 -12.68
N GLY A 39 -13.33 -0.56 -13.39
CA GLY A 39 -14.03 0.73 -13.40
C GLY A 39 -13.06 1.89 -13.31
N ARG A 40 -13.11 2.62 -12.19
CA ARG A 40 -12.25 3.77 -11.98
C ARG A 40 -11.64 3.74 -10.58
N ILE A 41 -10.60 4.56 -10.39
CA ILE A 41 -9.93 4.62 -9.09
C ILE A 41 -10.18 5.97 -8.41
N ILE A 42 -10.31 5.95 -7.09
CA ILE A 42 -10.55 7.17 -6.32
C ILE A 42 -9.44 7.40 -5.31
N SER A 43 -8.89 6.32 -4.78
CA SER A 43 -7.82 6.41 -3.80
C SER A 43 -7.21 5.04 -3.53
N TYR A 44 -6.14 5.01 -2.74
CA TYR A 44 -5.46 3.76 -2.41
C TYR A 44 -5.17 3.68 -0.92
N THR A 45 -5.10 2.46 -0.40
CA THR A 45 -4.83 2.23 1.01
C THR A 45 -3.47 1.58 1.23
N VAL A 46 -2.56 2.30 1.86
CA VAL A 46 -1.22 1.80 2.13
C VAL A 46 -1.16 1.09 3.47
N VAL A 47 -1.22 -0.24 3.44
CA VAL A 47 -1.17 -1.04 4.65
C VAL A 47 0.27 -1.41 5.01
N PHE A 48 0.75 -0.87 6.13
CA PHE A 48 2.10 -1.14 6.58
C PHE A 48 2.10 -1.74 7.98
N ARG A 49 2.83 -2.83 8.16
CA ARG A 49 2.92 -3.50 9.45
C ARG A 49 4.30 -4.13 9.66
N ASP A 50 4.68 -4.30 10.92
CA ASP A 50 5.97 -4.88 11.25
C ASP A 50 5.89 -6.40 11.27
N ILE A 51 6.50 -7.04 10.29
CA ILE A 51 6.50 -8.49 10.20
C ILE A 51 7.13 -9.12 11.45
N ASN A 52 7.92 -8.33 12.16
CA ASN A 52 8.58 -8.80 13.37
C ASN A 52 7.74 -8.49 14.61
N SER A 53 6.64 -7.78 14.40
CA SER A 53 5.75 -7.40 15.49
C SER A 53 4.29 -7.60 15.10
N GLN A 54 3.39 -7.31 16.04
CA GLN A 54 1.96 -7.46 15.80
C GLN A 54 1.27 -6.10 15.72
N GLN A 55 2.00 -5.11 15.20
CA GLN A 55 1.46 -3.76 15.08
C GLN A 55 1.00 -3.49 13.65
N GLU A 56 -0.31 -3.53 13.44
CA GLU A 56 -0.87 -3.29 12.11
C GLU A 56 -1.24 -1.81 11.93
N LEU A 57 -1.03 -1.30 10.74
CA LEU A 57 -1.33 0.09 10.43
C LEU A 57 -1.67 0.28 8.96
N GLN A 58 -2.51 1.26 8.66
CA GLN A 58 -2.91 1.55 7.30
C GLN A 58 -3.09 3.04 7.07
N ASN A 59 -3.09 3.45 5.80
CA ASN A 59 -3.25 4.86 5.46
C ASN A 59 -4.05 5.01 4.17
N ILE A 60 -4.39 6.25 3.84
CA ILE A 60 -5.15 6.54 2.63
C ILE A 60 -4.72 7.86 2.00
N THR A 61 -4.54 7.84 0.69
CA THR A 61 -4.12 9.03 -0.05
C THR A 61 -4.67 9.03 -1.47
N THR A 62 -5.07 10.21 -1.94
CA THR A 62 -5.61 10.34 -3.29
C THR A 62 -4.51 10.28 -4.34
N ASP A 63 -3.29 9.99 -3.89
CA ASP A 63 -2.15 9.89 -4.80
C ASP A 63 -1.63 8.47 -4.87
N THR A 64 -0.86 8.17 -5.91
CA THR A 64 -0.30 6.84 -6.10
C THR A 64 0.96 6.65 -5.27
N ARG A 65 1.15 7.53 -4.28
CA ARG A 65 2.32 7.47 -3.42
C ARG A 65 1.93 7.76 -1.97
N PHE A 66 2.86 7.49 -1.05
CA PHE A 66 2.62 7.73 0.37
C PHE A 66 3.91 7.60 1.17
N THR A 67 3.88 8.07 2.41
CA THR A 67 5.04 8.02 3.29
C THR A 67 4.66 7.58 4.69
N LEU A 68 5.08 6.38 5.07
CA LEU A 68 4.78 5.86 6.40
C LEU A 68 5.43 6.69 7.48
N THR A 69 5.07 6.43 8.74
CA THR A 69 5.62 7.16 9.86
C THR A 69 5.45 6.38 11.16
N GLY A 70 6.20 6.79 12.19
CA GLY A 70 6.11 6.11 13.48
C GLY A 70 6.59 4.68 13.41
N LEU A 71 7.72 4.46 12.75
CA LEU A 71 8.28 3.12 12.61
C LEU A 71 9.64 3.03 13.30
N LYS A 72 10.14 1.81 13.45
CA LYS A 72 11.44 1.59 14.09
C LYS A 72 12.53 1.38 13.05
N PRO A 73 13.72 1.94 13.33
CA PRO A 73 14.87 1.83 12.43
C PRO A 73 15.44 0.42 12.37
N ASP A 74 15.89 0.02 11.19
CA ASP A 74 16.45 -1.31 10.99
C ASP A 74 15.42 -2.38 11.31
N THR A 75 14.22 -2.23 10.77
CA THR A 75 13.14 -3.19 11.01
C THR A 75 12.27 -3.35 9.77
N THR A 76 12.04 -4.59 9.36
CA THR A 76 11.22 -4.87 8.20
C THR A 76 9.77 -4.47 8.43
N TYR A 77 9.19 -3.77 7.47
CA TYR A 77 7.80 -3.33 7.57
C TYR A 77 7.01 -3.72 6.34
N ASP A 78 6.18 -4.75 6.47
CA ASP A 78 5.36 -5.23 5.36
C ASP A 78 4.41 -4.14 4.89
N ILE A 79 4.79 -3.46 3.81
CA ILE A 79 3.96 -2.39 3.25
C ILE A 79 3.34 -2.82 1.93
N LYS A 80 2.04 -2.60 1.80
CA LYS A 80 1.32 -2.96 0.57
C LYS A 80 0.37 -1.84 0.16
N VAL A 81 -0.37 -2.06 -0.92
CA VAL A 81 -1.32 -1.08 -1.43
C VAL A 81 -2.50 -1.75 -2.11
N ARG A 82 -3.54 -0.98 -2.37
CA ARG A 82 -4.74 -1.50 -3.01
C ARG A 82 -5.60 -0.36 -3.57
N ALA A 83 -6.06 -0.53 -4.81
CA ALA A 83 -6.89 0.48 -5.46
C ALA A 83 -8.34 0.38 -5.00
N TRP A 84 -8.97 1.54 -4.79
CA TRP A 84 -10.36 1.57 -4.34
C TRP A 84 -11.25 2.21 -5.41
N THR A 85 -12.48 1.73 -5.51
CA THR A 85 -13.43 2.25 -6.48
C THR A 85 -14.63 2.89 -5.79
N SER A 86 -15.50 3.49 -6.58
CA SER A 86 -16.70 4.15 -6.04
C SER A 86 -17.58 3.14 -5.32
N LYS A 87 -17.38 1.87 -5.60
CA LYS A 87 -18.15 0.80 -4.98
C LYS A 87 -17.53 0.38 -3.65
N GLY A 88 -16.27 -0.02 -3.70
CA GLY A 88 -15.58 -0.44 -2.50
C GLY A 88 -14.09 -0.64 -2.72
N SER A 89 -13.57 -1.80 -2.33
CA SER A 89 -12.16 -2.10 -2.49
C SER A 89 -11.97 -3.42 -3.24
N GLY A 90 -10.72 -3.74 -3.53
CA GLY A 90 -10.41 -4.98 -4.24
C GLY A 90 -9.34 -5.79 -3.57
N PRO A 91 -8.43 -6.38 -4.37
CA PRO A 91 -7.33 -7.21 -3.86
C PRO A 91 -6.29 -6.38 -3.12
N LEU A 92 -5.23 -7.05 -2.66
CA LEU A 92 -4.15 -6.38 -1.94
C LEU A 92 -2.81 -6.64 -2.60
N SER A 93 -2.11 -5.57 -2.96
CA SER A 93 -0.81 -5.69 -3.61
C SER A 93 0.17 -6.47 -2.73
N PRO A 94 1.17 -7.08 -3.36
CA PRO A 94 2.19 -7.87 -2.66
C PRO A 94 3.12 -7.00 -1.82
N SER A 95 3.09 -7.22 -0.50
CA SER A 95 3.92 -6.45 0.42
C SER A 95 5.38 -6.48 -0.03
N ILE A 96 6.10 -5.39 0.27
CA ILE A 96 7.52 -5.30 -0.11
C ILE A 96 8.41 -5.54 1.11
N GLN A 97 7.89 -5.25 2.29
CA GLN A 97 8.65 -5.44 3.53
C GLN A 97 9.86 -4.52 3.56
N SER A 98 9.66 -3.26 3.22
CA SER A 98 10.73 -2.27 3.20
C SER A 98 11.23 -1.99 4.62
N ARG A 99 12.43 -2.47 4.94
CA ARG A 99 13.01 -2.26 6.26
C ARG A 99 13.64 -0.88 6.37
N THR A 100 13.06 -0.04 7.22
CA THR A 100 13.56 1.31 7.42
C THR A 100 15.08 1.33 7.51
N MET A 101 15.67 2.48 7.17
CA MET A 101 17.13 2.63 7.21
C MET A 101 17.64 2.49 8.64
N PRO A 102 18.80 1.83 8.79
CA PRO A 102 19.44 1.62 10.09
C PRO A 102 19.98 2.91 10.69
N VAL A 103 19.22 3.51 11.60
CA VAL A 103 19.63 4.75 12.25
C VAL A 103 21.11 4.72 12.60
N GLY A 1 -20.81 -12.38 7.74
CA GLY A 1 -20.60 -13.01 6.44
C GLY A 1 -20.06 -12.04 5.42
N SER A 2 -20.33 -12.32 4.15
CA SER A 2 -19.85 -11.46 3.06
C SER A 2 -20.83 -10.33 2.79
N SER A 3 -20.46 -9.12 3.20
CA SER A 3 -21.32 -7.95 3.01
C SER A 3 -21.11 -7.35 1.63
N GLY A 4 -21.96 -7.74 0.68
CA GLY A 4 -21.85 -7.22 -0.68
C GLY A 4 -20.52 -7.57 -1.33
N SER A 5 -20.54 -7.78 -2.63
CA SER A 5 -19.33 -8.13 -3.37
C SER A 5 -19.09 -7.15 -4.52
N SER A 6 -18.17 -6.21 -4.32
CA SER A 6 -17.86 -5.22 -5.34
C SER A 6 -16.41 -4.74 -5.21
N GLY A 7 -15.95 -4.00 -6.21
CA GLY A 7 -14.59 -3.49 -6.18
C GLY A 7 -13.75 -4.05 -7.31
N PRO A 8 -12.54 -3.49 -7.49
CA PRO A 8 -11.61 -3.92 -8.53
C PRO A 8 -11.05 -5.31 -8.28
N SER A 9 -10.59 -5.97 -9.34
CA SER A 9 -10.04 -7.31 -9.23
C SER A 9 -8.56 -7.32 -9.63
N GLY A 10 -7.86 -6.25 -9.25
CA GLY A 10 -6.43 -6.16 -9.58
C GLY A 10 -5.69 -5.22 -8.65
N PHE A 11 -4.37 -5.28 -8.70
CA PHE A 11 -3.53 -4.43 -7.86
C PHE A 11 -2.55 -3.62 -8.69
N PRO A 12 -2.07 -2.51 -8.13
CA PRO A 12 -1.11 -1.62 -8.81
C PRO A 12 0.27 -2.27 -8.94
N GLN A 13 1.14 -1.61 -9.70
CA GLN A 13 2.49 -2.13 -9.91
C GLN A 13 3.53 -1.08 -9.50
N ASN A 14 4.80 -1.42 -9.69
CA ASN A 14 5.89 -0.52 -9.34
C ASN A 14 5.79 -0.10 -7.87
N LEU A 15 5.30 -1.00 -7.03
CA LEU A 15 5.14 -0.71 -5.61
C LEU A 15 6.48 -0.81 -4.89
N HIS A 16 7.02 0.34 -4.50
CA HIS A 16 8.30 0.38 -3.80
C HIS A 16 8.50 1.73 -3.11
N VAL A 17 9.67 1.91 -2.50
CA VAL A 17 9.98 3.16 -1.81
C VAL A 17 10.98 3.99 -2.60
N THR A 18 10.75 5.30 -2.64
CA THR A 18 11.62 6.20 -3.36
C THR A 18 12.62 6.88 -2.42
N GLY A 19 12.36 6.77 -1.12
CA GLY A 19 13.24 7.37 -0.13
C GLY A 19 12.81 7.09 1.29
N LEU A 20 13.13 5.89 1.78
CA LEU A 20 12.76 5.50 3.13
C LEU A 20 13.50 6.34 4.17
N THR A 21 13.13 6.17 5.44
CA THR A 21 13.76 6.92 6.52
C THR A 21 13.85 6.08 7.79
N THR A 22 14.78 6.42 8.66
CA THR A 22 14.97 5.70 9.91
C THR A 22 13.64 5.47 10.61
N SER A 23 12.83 6.51 10.72
CA SER A 23 11.52 6.42 11.36
C SER A 23 10.40 6.36 10.32
N THR A 24 10.51 7.21 9.30
CA THR A 24 9.52 7.26 8.25
C THR A 24 9.95 6.46 7.04
N THR A 25 9.01 6.18 6.14
CA THR A 25 9.30 5.42 4.93
C THR A 25 8.45 5.90 3.76
N GLU A 26 9.13 6.47 2.76
CA GLU A 26 8.44 6.98 1.57
C GLU A 26 7.94 5.83 0.69
N LEU A 27 7.04 6.15 -0.23
CA LEU A 27 6.48 5.15 -1.13
C LEU A 27 6.18 5.75 -2.50
N ALA A 28 6.10 4.89 -3.51
CA ALA A 28 5.81 5.34 -4.87
C ALA A 28 5.42 4.17 -5.77
N TRP A 29 4.13 4.06 -6.06
CA TRP A 29 3.64 2.98 -6.91
C TRP A 29 2.87 3.54 -8.11
N ASP A 30 2.48 2.66 -9.02
CA ASP A 30 1.74 3.06 -10.20
C ASP A 30 0.35 2.40 -10.22
N PRO A 31 -0.60 3.04 -10.92
CA PRO A 31 -1.96 2.54 -11.04
C PRO A 31 -2.05 1.28 -11.90
N PRO A 32 -3.12 0.50 -11.71
CA PRO A 32 -3.34 -0.75 -12.45
C PRO A 32 -3.67 -0.49 -13.91
N VAL A 33 -3.07 -1.28 -14.80
CA VAL A 33 -3.30 -1.15 -16.23
C VAL A 33 -4.79 -1.07 -16.54
N LEU A 34 -5.16 -0.18 -17.45
CA LEU A 34 -6.55 -0.02 -17.85
C LEU A 34 -7.24 -1.37 -17.99
N ALA A 35 -6.45 -2.40 -18.31
CA ALA A 35 -6.98 -3.74 -18.49
C ALA A 35 -7.51 -4.30 -17.17
N GLU A 36 -6.62 -4.42 -16.18
CA GLU A 36 -6.99 -4.94 -14.88
C GLU A 36 -8.13 -4.13 -14.27
N ARG A 37 -7.81 -2.92 -13.81
CA ARG A 37 -8.80 -2.04 -13.22
C ARG A 37 -10.15 -2.16 -13.93
N ASN A 38 -11.08 -2.87 -13.32
CA ASN A 38 -12.41 -3.06 -13.90
C ASN A 38 -13.09 -1.71 -14.16
N GLY A 39 -12.64 -0.68 -13.45
CA GLY A 39 -13.21 0.63 -13.61
C GLY A 39 -12.21 1.74 -13.37
N ARG A 40 -12.64 2.78 -12.66
CA ARG A 40 -11.76 3.91 -12.36
C ARG A 40 -11.29 3.86 -10.90
N ILE A 41 -10.26 4.63 -10.60
CA ILE A 41 -9.69 4.68 -9.26
C ILE A 41 -9.97 6.02 -8.59
N ILE A 42 -10.18 5.99 -7.28
CA ILE A 42 -10.45 7.21 -6.53
C ILE A 42 -9.39 7.43 -5.46
N SER A 43 -8.89 6.34 -4.88
CA SER A 43 -7.88 6.41 -3.84
C SER A 43 -7.26 5.05 -3.58
N TYR A 44 -6.24 5.01 -2.72
CA TYR A 44 -5.57 3.76 -2.40
C TYR A 44 -5.32 3.66 -0.89
N THR A 45 -5.21 2.43 -0.40
CA THR A 45 -4.98 2.19 1.02
C THR A 45 -3.61 1.58 1.25
N VAL A 46 -2.75 2.31 1.95
CA VAL A 46 -1.39 1.84 2.25
C VAL A 46 -1.36 1.11 3.59
N VAL A 47 -1.30 -0.23 3.53
CA VAL A 47 -1.25 -1.04 4.73
C VAL A 47 0.19 -1.43 5.07
N PHE A 48 0.68 -0.91 6.19
CA PHE A 48 2.04 -1.20 6.64
C PHE A 48 2.04 -1.88 8.00
N ARG A 49 2.84 -2.93 8.14
CA ARG A 49 2.93 -3.66 9.40
C ARG A 49 4.30 -4.31 9.55
N ASP A 50 4.87 -4.20 10.75
CA ASP A 50 6.18 -4.78 11.02
C ASP A 50 6.10 -6.30 11.08
N ILE A 51 6.75 -6.96 10.13
CA ILE A 51 6.76 -8.42 10.07
C ILE A 51 7.37 -9.02 11.34
N ASN A 52 7.95 -8.15 12.16
CA ASN A 52 8.58 -8.60 13.41
C ASN A 52 7.69 -8.30 14.61
N SER A 53 6.58 -7.60 14.36
CA SER A 53 5.65 -7.24 15.41
C SER A 53 4.21 -7.46 14.95
N GLN A 54 3.28 -7.42 15.91
CA GLN A 54 1.87 -7.61 15.61
C GLN A 54 1.16 -6.26 15.44
N GLN A 55 1.94 -5.21 15.24
CA GLN A 55 1.39 -3.87 15.06
C GLN A 55 1.00 -3.64 13.60
N GLU A 56 -0.30 -3.54 13.36
CA GLU A 56 -0.80 -3.31 12.00
C GLU A 56 -1.39 -1.91 11.87
N LEU A 57 -1.08 -1.25 10.75
CA LEU A 57 -1.57 0.10 10.50
C LEU A 57 -1.83 0.32 9.01
N GLN A 58 -2.70 1.27 8.71
CA GLN A 58 -3.04 1.57 7.32
C GLN A 58 -3.19 3.08 7.12
N ASN A 59 -3.12 3.51 5.86
CA ASN A 59 -3.25 4.93 5.54
C ASN A 59 -4.04 5.11 4.24
N ILE A 60 -4.38 6.36 3.94
CA ILE A 60 -5.13 6.67 2.72
C ILE A 60 -4.61 7.94 2.07
N THR A 61 -4.51 7.93 0.74
CA THR A 61 -4.03 9.09 -0.01
C THR A 61 -4.53 9.06 -1.44
N THR A 62 -5.17 10.15 -1.85
CA THR A 62 -5.71 10.27 -3.21
C THR A 62 -4.60 10.13 -4.25
N ASP A 63 -3.35 10.23 -3.79
CA ASP A 63 -2.21 10.11 -4.69
C ASP A 63 -1.70 8.67 -4.75
N THR A 64 -0.94 8.35 -5.79
CA THR A 64 -0.39 7.01 -5.96
C THR A 64 0.88 6.83 -5.16
N ARG A 65 1.11 7.73 -4.20
CA ARG A 65 2.31 7.66 -3.37
C ARG A 65 1.97 7.97 -1.91
N PHE A 66 2.82 7.51 -1.00
CA PHE A 66 2.61 7.73 0.42
C PHE A 66 3.92 7.62 1.19
N THR A 67 3.89 8.02 2.46
CA THR A 67 5.09 7.97 3.31
C THR A 67 4.72 7.57 4.74
N LEU A 68 5.12 6.37 5.13
CA LEU A 68 4.85 5.86 6.46
C LEU A 68 5.56 6.71 7.52
N THR A 69 5.25 6.45 8.79
CA THR A 69 5.86 7.18 9.89
C THR A 69 5.74 6.41 11.19
N GLY A 70 6.49 6.85 12.20
CA GLY A 70 6.45 6.19 13.49
C GLY A 70 6.95 4.76 13.44
N LEU A 71 7.88 4.51 12.52
CA LEU A 71 8.45 3.17 12.36
C LEU A 71 9.81 3.07 13.04
N LYS A 72 10.24 1.85 13.32
CA LYS A 72 11.53 1.62 13.97
C LYS A 72 12.64 1.46 12.93
N PRO A 73 13.80 2.06 13.22
CA PRO A 73 14.97 1.99 12.32
C PRO A 73 15.58 0.59 12.26
N ASP A 74 16.02 0.21 11.07
CA ASP A 74 16.63 -1.10 10.88
C ASP A 74 15.64 -2.21 11.20
N THR A 75 14.43 -2.10 10.67
CA THR A 75 13.39 -3.09 10.91
C THR A 75 12.50 -3.27 9.67
N THR A 76 12.28 -4.52 9.29
CA THR A 76 11.46 -4.82 8.13
C THR A 76 9.99 -4.44 8.37
N TYR A 77 9.40 -3.74 7.42
CA TYR A 77 8.02 -3.31 7.53
C TYR A 77 7.21 -3.73 6.31
N ASP A 78 6.34 -4.72 6.49
CA ASP A 78 5.51 -5.21 5.40
C ASP A 78 4.50 -4.15 4.95
N ILE A 79 4.84 -3.43 3.89
CA ILE A 79 3.97 -2.39 3.36
C ILE A 79 3.36 -2.80 2.03
N LYS A 80 2.06 -2.63 1.91
CA LYS A 80 1.34 -2.98 0.68
C LYS A 80 0.41 -1.86 0.25
N VAL A 81 -0.35 -2.10 -0.81
CA VAL A 81 -1.29 -1.11 -1.33
C VAL A 81 -2.48 -1.78 -2.01
N ARG A 82 -3.50 -0.99 -2.31
CA ARG A 82 -4.70 -1.50 -2.96
C ARG A 82 -5.53 -0.36 -3.54
N ALA A 83 -5.92 -0.50 -4.81
CA ALA A 83 -6.73 0.51 -5.49
C ALA A 83 -8.18 0.43 -5.04
N TRP A 84 -8.84 1.59 -4.98
CA TRP A 84 -10.24 1.65 -4.57
C TRP A 84 -11.09 2.26 -5.67
N THR A 85 -12.32 1.76 -5.82
CA THR A 85 -13.23 2.25 -6.84
C THR A 85 -14.50 2.80 -6.21
N SER A 86 -15.19 3.67 -6.94
CA SER A 86 -16.42 4.27 -6.44
C SER A 86 -17.28 3.24 -5.73
N LYS A 87 -17.10 1.97 -6.09
CA LYS A 87 -17.85 0.88 -5.49
C LYS A 87 -17.30 0.53 -4.12
N GLY A 88 -16.05 0.07 -4.09
CA GLY A 88 -15.42 -0.29 -2.83
C GLY A 88 -13.92 -0.49 -2.97
N SER A 89 -13.44 -1.67 -2.59
CA SER A 89 -12.02 -1.99 -2.67
C SER A 89 -11.80 -3.33 -3.36
N GLY A 90 -10.54 -3.62 -3.68
CA GLY A 90 -10.22 -4.87 -4.34
C GLY A 90 -9.18 -5.68 -3.57
N PRO A 91 -8.27 -6.33 -4.32
CA PRO A 91 -7.21 -7.14 -3.73
C PRO A 91 -6.15 -6.29 -3.01
N LEU A 92 -5.15 -6.95 -2.45
CA LEU A 92 -4.08 -6.26 -1.74
C LEU A 92 -2.73 -6.55 -2.36
N SER A 93 -2.11 -5.52 -2.93
CA SER A 93 -0.80 -5.67 -3.57
C SER A 93 0.16 -6.44 -2.67
N PRO A 94 1.15 -7.09 -3.28
CA PRO A 94 2.16 -7.87 -2.56
C PRO A 94 3.10 -7.00 -1.75
N SER A 95 3.09 -7.18 -0.43
CA SER A 95 3.94 -6.40 0.47
C SER A 95 5.38 -6.41 -0.02
N ILE A 96 6.11 -5.33 0.28
CA ILE A 96 7.51 -5.22 -0.13
C ILE A 96 8.43 -5.42 1.06
N GLN A 97 7.93 -5.14 2.25
CA GLN A 97 8.72 -5.30 3.47
C GLN A 97 9.92 -4.35 3.46
N SER A 98 9.67 -3.08 3.17
CA SER A 98 10.73 -2.08 3.12
C SER A 98 11.30 -1.84 4.51
N ARG A 99 12.54 -2.29 4.72
CA ARG A 99 13.21 -2.12 6.00
C ARG A 99 13.79 -0.71 6.14
N THR A 100 13.23 0.07 7.05
CA THR A 100 13.69 1.43 7.27
C THR A 100 15.21 1.50 7.33
N MET A 101 15.77 2.65 7.01
CA MET A 101 17.21 2.86 7.02
C MET A 101 17.75 2.76 8.45
N PRO A 102 18.92 2.13 8.60
CA PRO A 102 19.57 1.97 9.91
C PRO A 102 20.11 3.28 10.46
N VAL A 103 19.34 3.90 11.34
CA VAL A 103 19.75 5.17 11.94
C VAL A 103 21.20 5.12 12.42
N GLY A 1 -27.08 -10.56 -11.22
CA GLY A 1 -27.89 -10.34 -10.03
C GLY A 1 -27.08 -9.78 -8.87
N SER A 2 -27.05 -10.50 -7.75
CA SER A 2 -26.31 -10.06 -6.57
C SER A 2 -24.95 -10.74 -6.51
N SER A 3 -24.94 -12.06 -6.65
CA SER A 3 -23.71 -12.82 -6.60
C SER A 3 -22.61 -12.14 -7.42
N GLY A 4 -21.59 -11.65 -6.74
CA GLY A 4 -20.50 -10.97 -7.41
C GLY A 4 -19.86 -9.89 -6.56
N SER A 5 -18.60 -10.08 -6.19
CA SER A 5 -17.89 -9.11 -5.37
C SER A 5 -17.80 -7.77 -6.08
N SER A 6 -17.72 -6.70 -5.30
CA SER A 6 -17.62 -5.35 -5.84
C SER A 6 -16.23 -4.78 -5.65
N GLY A 7 -15.83 -3.86 -6.53
CA GLY A 7 -14.52 -3.26 -6.43
C GLY A 7 -13.61 -3.65 -7.58
N PRO A 8 -12.37 -3.12 -7.57
CA PRO A 8 -11.38 -3.42 -8.61
C PRO A 8 -10.89 -4.86 -8.55
N SER A 9 -10.50 -5.39 -9.70
CA SER A 9 -10.00 -6.76 -9.79
C SER A 9 -8.56 -6.78 -10.27
N GLY A 10 -7.82 -5.69 -10.01
CA GLY A 10 -6.44 -5.61 -10.42
C GLY A 10 -5.63 -4.68 -9.56
N PHE A 11 -4.63 -5.22 -8.88
CA PHE A 11 -3.77 -4.42 -8.00
C PHE A 11 -2.73 -3.65 -8.81
N PRO A 12 -2.26 -2.54 -8.24
CA PRO A 12 -1.26 -1.69 -8.89
C PRO A 12 0.12 -2.35 -8.97
N GLN A 13 1.06 -1.68 -9.61
CA GLN A 13 2.41 -2.21 -9.76
C GLN A 13 3.45 -1.13 -9.46
N ASN A 14 4.72 -1.51 -9.55
CA ASN A 14 5.82 -0.57 -9.28
C ASN A 14 5.79 -0.10 -7.84
N LEU A 15 5.31 -0.96 -6.94
CA LEU A 15 5.22 -0.62 -5.53
C LEU A 15 6.59 -0.74 -4.87
N HIS A 16 7.08 0.38 -4.34
CA HIS A 16 8.38 0.41 -3.67
C HIS A 16 8.59 1.74 -2.95
N VAL A 17 9.75 1.88 -2.31
CA VAL A 17 10.08 3.10 -1.59
C VAL A 17 11.10 3.93 -2.35
N THR A 18 10.81 5.22 -2.51
CA THR A 18 11.71 6.13 -3.22
C THR A 18 12.68 6.79 -2.26
N GLY A 19 12.37 6.74 -0.97
CA GLY A 19 13.23 7.33 0.03
C GLY A 19 12.78 7.04 1.44
N LEU A 20 13.04 5.83 1.91
CA LEU A 20 12.66 5.42 3.25
C LEU A 20 13.39 6.24 4.31
N THR A 21 12.97 6.10 5.57
CA THR A 21 13.58 6.83 6.66
C THR A 21 13.67 5.98 7.92
N THR A 22 14.52 6.39 8.85
CA THR A 22 14.70 5.66 10.10
C THR A 22 13.36 5.42 10.80
N SER A 23 12.56 6.48 10.90
CA SER A 23 11.25 6.40 11.55
C SER A 23 10.14 6.33 10.51
N THR A 24 10.31 7.08 9.43
CA THR A 24 9.31 7.12 8.36
C THR A 24 9.78 6.31 7.15
N THR A 25 8.87 6.08 6.21
CA THR A 25 9.18 5.32 5.00
C THR A 25 8.36 5.81 3.82
N GLU A 26 9.03 6.39 2.84
CA GLU A 26 8.36 6.90 1.65
C GLU A 26 7.91 5.75 0.75
N LEU A 27 7.04 6.06 -0.21
CA LEU A 27 6.54 5.06 -1.15
C LEU A 27 6.28 5.67 -2.51
N ALA A 28 6.11 4.82 -3.52
CA ALA A 28 5.86 5.27 -4.88
C ALA A 28 5.45 4.11 -5.78
N TRP A 29 4.16 4.03 -6.10
CA TRP A 29 3.65 2.97 -6.96
C TRP A 29 2.91 3.54 -8.16
N ASP A 30 2.35 2.67 -8.98
CA ASP A 30 1.61 3.09 -10.17
C ASP A 30 0.20 2.50 -10.16
N PRO A 31 -0.69 3.09 -10.98
CA PRO A 31 -2.08 2.64 -11.08
C PRO A 31 -2.20 1.28 -11.76
N PRO A 32 -3.35 0.62 -11.56
CA PRO A 32 -3.62 -0.71 -12.15
C PRO A 32 -3.81 -0.63 -13.66
N VAL A 33 -3.45 -1.70 -14.35
CA VAL A 33 -3.59 -1.76 -15.80
C VAL A 33 -5.06 -1.64 -16.22
N LEU A 34 -5.31 -0.87 -17.27
CA LEU A 34 -6.67 -0.67 -17.76
C LEU A 34 -7.31 -2.01 -18.14
N ALA A 35 -6.47 -3.01 -18.40
CA ALA A 35 -6.94 -4.34 -18.76
C ALA A 35 -7.74 -4.97 -17.62
N GLU A 36 -7.28 -4.74 -16.39
CA GLU A 36 -7.94 -5.29 -15.22
C GLU A 36 -8.95 -4.30 -14.65
N ARG A 37 -8.57 -3.03 -14.61
CA ARG A 37 -9.43 -1.99 -14.09
C ARG A 37 -10.88 -2.21 -14.51
N ASN A 38 -11.74 -2.45 -13.53
CA ASN A 38 -13.16 -2.70 -13.80
C ASN A 38 -13.91 -1.38 -13.98
N GLY A 39 -13.57 -0.39 -13.14
CA GLY A 39 -14.22 0.90 -13.23
C GLY A 39 -13.24 2.05 -13.18
N ARG A 40 -13.26 2.80 -12.08
CA ARG A 40 -12.36 3.93 -11.92
C ARG A 40 -11.73 3.93 -10.52
N ILE A 41 -10.64 4.68 -10.36
CA ILE A 41 -9.96 4.77 -9.09
C ILE A 41 -10.28 6.08 -8.38
N ILE A 42 -10.29 6.04 -7.05
CA ILE A 42 -10.59 7.23 -6.25
C ILE A 42 -9.51 7.46 -5.20
N SER A 43 -8.90 6.38 -4.73
CA SER A 43 -7.84 6.47 -3.72
C SER A 43 -7.23 5.09 -3.45
N TYR A 44 -6.11 5.08 -2.75
CA TYR A 44 -5.42 3.84 -2.43
C TYR A 44 -5.14 3.75 -0.92
N THR A 45 -5.03 2.52 -0.43
CA THR A 45 -4.76 2.29 0.99
C THR A 45 -3.41 1.62 1.19
N VAL A 46 -2.51 2.33 1.87
CA VAL A 46 -1.17 1.81 2.14
C VAL A 46 -1.13 1.08 3.49
N VAL A 47 -1.18 -0.23 3.44
CA VAL A 47 -1.14 -1.05 4.66
C VAL A 47 0.29 -1.42 5.02
N PHE A 48 0.76 -0.92 6.16
CA PHE A 48 2.12 -1.21 6.61
C PHE A 48 2.10 -1.87 7.99
N ARG A 49 2.87 -2.94 8.14
CA ARG A 49 2.93 -3.67 9.40
C ARG A 49 4.30 -4.34 9.57
N ASP A 50 4.84 -4.28 10.78
CA ASP A 50 6.13 -4.88 11.07
C ASP A 50 6.03 -6.40 11.12
N ILE A 51 6.67 -7.06 10.17
CA ILE A 51 6.65 -8.52 10.11
C ILE A 51 7.24 -9.14 11.37
N ASN A 52 7.84 -8.30 12.20
CA ASN A 52 8.45 -8.75 13.44
C ASN A 52 7.55 -8.44 14.64
N SER A 53 6.49 -7.67 14.38
CA SER A 53 5.56 -7.29 15.44
C SER A 53 4.12 -7.47 14.98
N GLN A 54 3.19 -7.40 15.92
CA GLN A 54 1.77 -7.55 15.61
C GLN A 54 1.10 -6.19 15.41
N GLN A 55 1.92 -5.16 15.23
CA GLN A 55 1.41 -3.81 15.04
C GLN A 55 1.00 -3.59 13.58
N GLU A 56 -0.30 -3.48 13.34
CA GLU A 56 -0.81 -3.26 11.99
C GLU A 56 -1.37 -1.85 11.83
N LEU A 57 -1.06 -1.21 10.71
CA LEU A 57 -1.53 0.14 10.45
C LEU A 57 -1.78 0.34 8.95
N GLN A 58 -2.65 1.30 8.63
CA GLN A 58 -2.96 1.60 7.24
C GLN A 58 -3.15 3.09 7.03
N ASN A 59 -3.08 3.53 5.78
CA ASN A 59 -3.25 4.94 5.44
C ASN A 59 -4.04 5.10 4.15
N ILE A 60 -4.37 6.35 3.82
CA ILE A 60 -5.13 6.64 2.61
C ILE A 60 -4.68 7.96 1.99
N THR A 61 -4.54 7.96 0.67
CA THR A 61 -4.12 9.16 -0.05
C THR A 61 -4.65 9.16 -1.48
N THR A 62 -4.95 10.34 -2.00
CA THR A 62 -5.46 10.47 -3.37
C THR A 62 -4.32 10.42 -4.38
N ASP A 63 -3.14 10.05 -3.92
CA ASP A 63 -1.98 9.95 -4.79
C ASP A 63 -1.50 8.51 -4.90
N THR A 64 -0.71 8.23 -5.93
CA THR A 64 -0.19 6.88 -6.16
C THR A 64 1.05 6.63 -5.29
N ARG A 65 1.24 7.46 -4.27
CA ARG A 65 2.36 7.32 -3.37
C ARG A 65 1.96 7.64 -1.93
N PHE A 66 2.89 7.46 -1.01
CA PHE A 66 2.64 7.73 0.41
C PHE A 66 3.92 7.62 1.23
N THR A 67 3.85 8.06 2.48
CA THR A 67 5.01 8.02 3.36
C THR A 67 4.61 7.60 4.77
N LEU A 68 4.99 6.38 5.14
CA LEU A 68 4.67 5.85 6.46
C LEU A 68 5.31 6.69 7.56
N THR A 69 4.98 6.39 8.80
CA THR A 69 5.51 7.12 9.95
C THR A 69 5.40 6.30 11.23
N GLY A 70 6.11 6.73 12.27
CA GLY A 70 6.07 6.03 13.54
C GLY A 70 6.57 4.60 13.42
N LEU A 71 7.69 4.41 12.74
CA LEU A 71 8.26 3.09 12.55
C LEU A 71 9.63 3.00 13.23
N LYS A 72 10.10 1.76 13.44
CA LYS A 72 11.39 1.54 14.06
C LYS A 72 12.49 1.39 13.02
N PRO A 73 13.66 1.98 13.29
CA PRO A 73 14.81 1.92 12.39
C PRO A 73 15.42 0.52 12.31
N ASP A 74 15.93 0.16 11.14
CA ASP A 74 16.55 -1.14 10.94
C ASP A 74 15.55 -2.26 11.24
N THR A 75 14.33 -2.11 10.73
CA THR A 75 13.28 -3.12 10.95
C THR A 75 12.41 -3.28 9.71
N THR A 76 12.22 -4.53 9.29
CA THR A 76 11.41 -4.82 8.12
C THR A 76 9.95 -4.46 8.35
N TYR A 77 9.37 -3.71 7.42
CA TYR A 77 7.98 -3.29 7.52
C TYR A 77 7.20 -3.70 6.28
N ASP A 78 6.32 -4.70 6.45
CA ASP A 78 5.51 -5.19 5.34
C ASP A 78 4.52 -4.12 4.88
N ILE A 79 4.85 -3.42 3.81
CA ILE A 79 4.00 -2.37 3.28
C ILE A 79 3.38 -2.80 1.95
N LYS A 80 2.07 -2.59 1.82
CA LYS A 80 1.35 -2.95 0.60
C LYS A 80 0.41 -1.83 0.17
N VAL A 81 -0.36 -2.08 -0.88
CA VAL A 81 -1.31 -1.10 -1.38
C VAL A 81 -2.47 -1.78 -2.12
N ARG A 82 -3.54 -1.03 -2.33
CA ARG A 82 -4.71 -1.55 -3.02
C ARG A 82 -5.60 -0.42 -3.55
N ALA A 83 -6.00 -0.53 -4.81
CA ALA A 83 -6.84 0.47 -5.43
C ALA A 83 -8.28 0.37 -4.93
N TRP A 84 -8.97 1.51 -4.91
CA TRP A 84 -10.35 1.55 -4.46
C TRP A 84 -11.26 2.15 -5.52
N THR A 85 -12.52 1.71 -5.55
CA THR A 85 -13.48 2.21 -6.52
C THR A 85 -14.71 2.79 -5.82
N SER A 86 -15.61 3.37 -6.61
CA SER A 86 -16.83 3.96 -6.06
C SER A 86 -17.71 2.90 -5.40
N LYS A 87 -17.45 1.64 -5.74
CA LYS A 87 -18.20 0.52 -5.19
C LYS A 87 -17.62 0.08 -3.85
N GLY A 88 -16.31 -0.19 -3.84
CA GLY A 88 -15.65 -0.62 -2.63
C GLY A 88 -14.17 -0.82 -2.81
N SER A 89 -13.63 -1.90 -2.26
CA SER A 89 -12.21 -2.19 -2.35
C SER A 89 -11.97 -3.45 -3.19
N GLY A 90 -10.70 -3.74 -3.47
CA GLY A 90 -10.38 -4.92 -4.25
C GLY A 90 -9.26 -5.74 -3.61
N PRO A 91 -8.38 -6.29 -4.46
CA PRO A 91 -7.25 -7.11 -3.99
C PRO A 91 -6.19 -6.28 -3.26
N LEU A 92 -5.20 -6.96 -2.70
CA LEU A 92 -4.14 -6.30 -1.97
C LEU A 92 -2.78 -6.58 -2.62
N SER A 93 -2.12 -5.51 -3.07
CA SER A 93 -0.81 -5.66 -3.71
C SER A 93 0.15 -6.42 -2.82
N PRO A 94 1.16 -7.05 -3.44
CA PRO A 94 2.17 -7.84 -2.72
C PRO A 94 3.11 -6.95 -1.89
N SER A 95 3.02 -7.07 -0.57
CA SER A 95 3.86 -6.28 0.32
C SER A 95 5.30 -6.23 -0.19
N ILE A 96 6.08 -5.29 0.34
CA ILE A 96 7.47 -5.14 -0.06
C ILE A 96 8.41 -5.40 1.11
N GLN A 97 7.93 -5.11 2.33
CA GLN A 97 8.73 -5.32 3.53
C GLN A 97 9.97 -4.44 3.51
N SER A 98 9.78 -3.16 3.19
CA SER A 98 10.89 -2.21 3.14
C SER A 98 11.43 -1.92 4.54
N ARG A 99 12.61 -2.46 4.83
CA ARG A 99 13.24 -2.26 6.14
C ARG A 99 13.79 -0.84 6.27
N THR A 100 13.16 -0.05 7.13
CA THR A 100 13.59 1.34 7.34
C THR A 100 15.10 1.44 7.39
N MET A 101 15.63 2.61 7.05
CA MET A 101 17.06 2.84 7.07
C MET A 101 17.62 2.76 8.48
N PRO A 102 18.79 2.12 8.62
CA PRO A 102 19.45 1.97 9.92
C PRO A 102 20.00 3.29 10.47
N VAL A 103 19.23 3.92 11.36
CA VAL A 103 19.63 5.18 11.96
C VAL A 103 21.09 5.14 12.40
#